data_6MUU
#
_entry.id   6MUU
#
loop_
_entity.id
_entity.type
_entity.pdbx_description
1 polymer 'Uncharacterized protein Csm1'
2 polymer 'Uncharacterized protein Csm2'
3 polymer 'Uncharacterized protein Csm3'
4 polymer 'Uncharacterized protein Csm4'
5 polymer 'Uncharacterized protein Csm5'
6 polymer 'RNA (25-MER)'
7 non-polymer 'ZINC ION'
#
loop_
_entity_poly.entity_id
_entity_poly.type
_entity_poly.pdbx_seq_one_letter_code
_entity_poly.pdbx_strand_id
1 'polypeptide(L)'
;MGSSHHHHHHSQDPMEIDELTALGGLLHDIGKPVQRAGLYSGDHSTQGARFLRDLAENTGRAEYELLSLFSEFHHKGHMK
NDELMIRRIKELSPERFGLTMEDVLNALWIVYEADNLASGEREEGQPQASRPLYSVFNPGKAYPWAELDFEKELPVPGDV
FSIRSQDYRELVKRLWEELSKAKLRSDRLLPVLEKYLTFVSSVTSEGNIISLYDHMRMTSAIALAMLRAGCTAEDVRSGR
CRKEKRFLLIEGDFSGIQDFIYRVSGKGTLKYLRARSAYLELIGWDVVLEILSRLGLTRANVVFNAGGHFMIIAQNTPDA
VKELEEIRAKAVEWLYREFESDLYLAIEWEPVSGREFGREGGKNLFAEARKRLKHKLTVRKLKRFGEIKGLFEHGHTERL
AECPVCGRELPEGKLEPSASDPETKVCPTCNRLVSLGGNLPKLLGFGRTAKNDAGVLVEGPFSGFVPYLQGGRPVGEQIL
VKNTLNPGEIPESAQFVPYFVADYFKKDPKGGVATFEELSMASTGTRRLGVMKGDVDRLGEFFSSMDSPSKLATASRFMD
YFFKGYIGAIIEGKFGYIIGDVPSLRDWPEEPDIVVVYAGGDDFFIVGAWDQIFELAFRVRRAFNAYTGGKLTLSVGLGY
FDERTPIYRMADVVSERLDTAKDEGRNRVFVVGRSRPLDGKHKLSYEWNHYEELWRTYAPRIYAGNGRLKGKLESKKGLL
WKLLEIRELYVRDPNDVRWAYLTAYLLGRHGLSDLFPELVGIDTKAVERKEPQPVYWVDGVLKIVLMAVRR
;
A
2 'polypeptide(L)'
;SMAYHQKHGGYGRGGYGRQDRPQVDASRLFGESPDVVGIKKMLEGKGKQWEAIQPYFDNVVREAKNFLEWSPNKRLANAV
TVAAYLTSQGLKTNQVRKILDMARTTELKVKRGEGDIKDDLVKMRYLLAYTVGKATGQSKYSLDAFHRILDPMLEVLMGS
PKKENFEKFYDFLQAVVAYHKFFGGGD
;
B
3 'polypeptide(L)'
;SMDRRFYGKIVIKGKIKAVTGLHIGSQRDISEIGGIDNPVIKDPHTGLPYIPGSSLKGRLRSLFEILVNSRLGEWREKYP
SLANYSPGSCRPDNQENCGKFFNRKINRGWIHVCPDYETALACPVCRLFGASGKESNFPSRIIVRDAFLTKEWEEKWRAG
EAITEAKIEVGIDRVTSQANPRTNERVVAGAEFEFEIIYNVENTTHWRDDIKNLLTAMALLEDSYLGGSGSRGYGKVKFI
FDSFEFRPLDYYRTGKDEDIVSIDAREKSVSDILSGFDSLFSEVEGKLEAG
;
C,D
4 'polypeptide(L)'
;MPKFIAVKLIPKGPFRDIPRADTLFGAIGNAISAIHGQSAVEELVDAFVGGARISSAFPYSGDTYYLPKPLSVEPALEGI
LTGLDEEERYTTAKRLRKAKYLDLKNFELALRLRPFTIPEEIPYARVDVPRVVLDRVTQDSSIYFWEEIRFREKSGVYFL
YSGPREVFDGYIAPAMRFLGDTGIGGKSTWGAGLFEVEFHEMKIDAPGSEYSVTLSNALPTKTPVLWRLLRKGGWSFGRR
KPRMTFIAEGSIVKNDPGGMERLELGLSHEVYVYGLTFPLGVELPEGLE
;
E
5 'polypeptide(L)'
;MTERTLKVLSPLHIGTGNELTPVDIYPRENIIHVLDTERLVNDLMNLGVELNEILALLKNPPGDAYIWKGYIEEFHLDPS
DYSIYTLKIHGKIGRKSMQIKEFIKLNGRPYIPGSSLKGAIRTAVLYKALKECGDARAVMRVVSKVNGDVARDIGRSEDV
LDYYMSFLSRARIDRKRADDLLEAIVFGMEPDRRSKIRYEPKRDPMKALIVRDSKPVGRKHLAVYHVEVIGNPQPIPIWV
EAIEPGAATDVEIHVDTEALRLNADYFNGLLWECLKERGEPGEVFEDFLWEAVDEFYTAVMKYETIEVQKFGRYTSQVRS
FYASLEDHSGHVLRLGWGSGWLAMTIGLLLVEKGYKWENVRKKLGLGKKPGGSGFSREFPKTRRLADGMPMGWVVLEHHH
HHH
;
F
6 'polyribonucleotide' GUGGAAAGGCGGGCAGAGGCGGUUUGCGUAUUGGGCGC G
#
# COMPACT_ATOMS: atom_id res chain seq x y z
N GLN A 12 -33.59 -62.55 22.66
CA GLN A 12 -34.55 -62.12 21.66
C GLN A 12 -34.44 -60.62 21.41
N ASP A 13 -34.81 -60.20 20.20
CA ASP A 13 -34.74 -58.80 19.79
C ASP A 13 -35.60 -58.62 18.54
N PRO A 14 -36.54 -57.69 18.54
CA PRO A 14 -37.26 -57.37 17.29
C PRO A 14 -36.41 -56.55 16.35
N MET A 15 -36.03 -57.16 15.23
CA MET A 15 -35.21 -56.52 14.21
C MET A 15 -35.99 -56.47 12.91
N GLU A 16 -35.94 -55.34 12.23
CA GLU A 16 -36.67 -55.14 10.99
C GLU A 16 -35.74 -55.37 9.80
N ILE A 17 -36.31 -55.33 8.59
CA ILE A 17 -35.59 -55.84 7.43
C ILE A 17 -34.55 -54.85 6.90
N ASP A 18 -34.82 -53.55 6.97
CA ASP A 18 -33.86 -52.59 6.44
C ASP A 18 -32.68 -52.37 7.36
N GLU A 19 -32.81 -52.70 8.65
CA GLU A 19 -31.64 -52.76 9.52
C GLU A 19 -30.72 -53.90 9.13
N LEU A 20 -31.28 -54.99 8.59
CA LEU A 20 -30.47 -56.13 8.21
C LEU A 20 -29.76 -55.93 6.88
N THR A 21 -30.40 -55.24 5.94
CA THR A 21 -29.79 -55.03 4.62
C THR A 21 -28.75 -53.92 4.68
N ALA A 22 -29.02 -52.85 5.42
CA ALA A 22 -28.07 -51.76 5.53
C ALA A 22 -26.83 -52.17 6.31
N LEU A 23 -26.97 -53.06 7.29
CA LEU A 23 -25.81 -53.53 8.03
C LEU A 23 -25.11 -54.69 7.34
N GLY A 24 -25.86 -55.53 6.61
CA GLY A 24 -25.24 -56.65 5.94
C GLY A 24 -24.35 -56.23 4.79
N GLY A 25 -24.79 -55.23 4.02
CA GLY A 25 -23.92 -54.67 3.00
C GLY A 25 -22.76 -53.88 3.57
N LEU A 26 -22.91 -53.35 4.77
CA LEU A 26 -21.87 -52.54 5.39
C LEU A 26 -20.70 -53.37 5.89
N LEU A 27 -20.90 -54.67 6.12
CA LEU A 27 -19.80 -55.51 6.57
C LEU A 27 -19.78 -56.86 5.86
N HIS A 28 -20.17 -56.89 4.59
CA HIS A 28 -20.07 -58.10 3.79
C HIS A 28 -18.62 -58.43 3.44
N ASP A 29 -17.73 -57.44 3.45
CA ASP A 29 -16.31 -57.63 3.17
C ASP A 29 -15.46 -57.38 4.41
N ILE A 30 -15.93 -57.83 5.57
CA ILE A 30 -15.12 -57.74 6.78
C ILE A 30 -14.01 -58.80 6.76
N GLY A 31 -14.13 -59.83 5.93
CA GLY A 31 -13.12 -60.85 5.87
C GLY A 31 -11.86 -60.44 5.14
N LYS A 32 -11.91 -59.33 4.39
CA LYS A 32 -10.72 -58.89 3.67
C LYS A 32 -9.58 -58.46 4.59
N PRO A 33 -9.83 -57.53 5.52
CA PRO A 33 -8.78 -57.12 6.44
C PRO A 33 -8.41 -58.34 7.30
N VAL A 34 -9.41 -59.08 7.76
CA VAL A 34 -9.14 -60.30 8.56
C VAL A 34 -8.44 -61.31 7.65
N GLN A 35 -8.90 -61.46 6.40
CA GLN A 35 -8.28 -62.39 5.42
C GLN A 35 -6.87 -61.89 5.06
N ARG A 36 -6.65 -60.58 5.04
CA ARG A 36 -5.32 -59.98 4.73
C ARG A 36 -4.33 -60.44 5.80
N ALA A 37 -4.75 -60.48 7.06
CA ALA A 37 -3.92 -61.00 8.18
C ALA A 37 -3.91 -62.53 8.13
N GLY A 38 -3.01 -63.21 8.79
CA GLY A 38 -3.02 -64.67 8.64
C GLY A 38 -3.80 -65.38 9.73
N LEU A 39 -4.64 -64.69 10.47
CA LEU A 39 -5.34 -65.33 11.62
C LEU A 39 -6.23 -66.53 11.22
N TYR A 40 -7.03 -66.49 10.16
CA TYR A 40 -7.90 -67.66 9.90
C TYR A 40 -7.46 -68.52 8.71
N SER A 41 -6.59 -68.04 7.83
CA SER A 41 -6.11 -68.86 6.69
C SER A 41 -7.27 -69.46 5.86
N GLY A 42 -8.16 -68.65 5.34
CA GLY A 42 -9.28 -69.17 4.54
C GLY A 42 -9.76 -68.13 3.56
N ASP A 43 -10.83 -68.43 2.82
CA ASP A 43 -11.41 -67.43 1.88
C ASP A 43 -11.93 -66.26 2.71
N HIS A 44 -11.80 -65.04 2.20
CA HIS A 44 -12.17 -63.83 2.98
C HIS A 44 -13.60 -63.96 3.52
N SER A 45 -14.49 -64.61 2.79
CA SER A 45 -15.85 -64.83 3.36
C SER A 45 -15.76 -65.86 4.48
N THR A 46 -14.98 -66.93 4.30
CA THR A 46 -14.85 -67.98 5.33
C THR A 46 -14.24 -67.39 6.61
N GLN A 47 -13.24 -66.52 6.48
CA GLN A 47 -12.59 -65.88 7.64
C GLN A 47 -13.53 -64.85 8.28
N GLY A 48 -14.24 -64.06 7.48
CA GLY A 48 -15.12 -63.03 8.00
C GLY A 48 -16.41 -63.58 8.56
N ALA A 49 -16.85 -64.72 8.05
CA ALA A 49 -17.95 -65.44 8.68
C ALA A 49 -17.54 -65.94 10.06
N ARG A 50 -16.37 -66.57 10.15
CA ARG A 50 -15.88 -67.02 11.45
C ARG A 50 -15.42 -65.86 12.31
N PHE A 51 -15.06 -64.72 11.71
CA PHE A 51 -14.73 -63.53 12.49
C PHE A 51 -15.97 -62.94 13.15
N LEU A 52 -17.12 -63.03 12.48
CA LEU A 52 -18.34 -62.50 13.07
C LEU A 52 -19.02 -63.50 13.98
N ARG A 53 -18.89 -64.79 13.69
CA ARG A 53 -19.41 -65.82 14.60
C ARG A 53 -18.62 -65.88 15.89
N ASP A 54 -17.33 -65.55 15.84
CA ASP A 54 -16.56 -65.42 17.06
C ASP A 54 -16.87 -64.13 17.80
N LEU A 55 -17.42 -63.13 17.10
CA LEU A 55 -17.79 -61.87 17.72
C LEU A 55 -19.14 -61.97 18.41
N ALA A 56 -19.98 -62.87 17.92
CA ALA A 56 -21.27 -63.17 18.57
C ALA A 56 -20.97 -63.91 19.88
N GLU A 57 -20.02 -64.84 19.84
CA GLU A 57 -19.64 -65.69 21.00
C GLU A 57 -19.14 -64.79 22.13
N ASN A 58 -18.40 -63.74 21.81
CA ASN A 58 -17.89 -62.77 22.83
C ASN A 58 -18.99 -61.79 23.24
N THR A 59 -18.78 -61.02 24.30
CA THR A 59 -19.84 -60.08 24.78
C THR A 59 -20.21 -59.15 23.62
N GLY A 60 -21.50 -59.10 23.33
CA GLY A 60 -22.01 -58.30 22.20
C GLY A 60 -23.40 -58.78 21.81
N ARG A 61 -23.90 -58.33 20.67
CA ARG A 61 -25.26 -58.73 20.22
C ARG A 61 -25.26 -60.15 19.63
N ALA A 62 -26.44 -60.74 19.64
CA ALA A 62 -26.88 -62.01 19.10
C ALA A 62 -27.02 -62.00 17.59
N GLU A 63 -27.09 -60.83 16.96
CA GLU A 63 -27.32 -60.73 15.53
C GLU A 63 -26.09 -61.00 14.69
N TYR A 64 -24.90 -61.09 15.30
CA TYR A 64 -23.70 -61.35 14.50
C TYR A 64 -23.66 -62.76 13.93
N GLU A 65 -24.41 -63.70 14.50
CA GLU A 65 -24.59 -64.99 13.85
C GLU A 65 -25.43 -64.87 12.60
N LEU A 66 -26.36 -63.90 12.58
CA LEU A 66 -27.17 -63.65 11.39
C LEU A 66 -26.39 -62.83 10.36
N LEU A 67 -25.60 -61.87 10.80
CA LEU A 67 -24.81 -61.03 9.90
C LEU A 67 -23.56 -61.71 9.36
N SER A 68 -23.24 -62.92 9.81
CA SER A 68 -22.12 -63.64 9.21
C SER A 68 -22.48 -64.23 7.86
N LEU A 69 -23.77 -64.31 7.55
CA LEU A 69 -24.21 -64.92 6.30
C LEU A 69 -23.89 -64.04 5.10
N PHE A 70 -23.86 -62.73 5.30
CA PHE A 70 -23.54 -61.81 4.21
C PHE A 70 -22.06 -61.91 3.84
N SER A 71 -21.21 -62.18 4.81
CA SER A 71 -19.79 -62.36 4.52
C SER A 71 -19.46 -63.79 4.09
N GLU A 72 -20.33 -64.74 4.41
CA GLU A 72 -20.05 -66.13 4.03
C GLU A 72 -20.44 -66.42 2.58
N PHE A 73 -21.57 -65.89 2.11
CA PHE A 73 -22.02 -66.17 0.75
C PHE A 73 -22.25 -64.85 0.03
N HIS A 74 -21.22 -64.31 -0.63
CA HIS A 74 -21.37 -63.08 -1.39
C HIS A 74 -20.69 -63.13 -2.75
N HIS A 75 -20.37 -64.33 -3.24
CA HIS A 75 -19.90 -64.52 -4.61
C HIS A 75 -20.78 -65.53 -5.32
N LYS A 76 -20.65 -65.57 -6.66
CA LYS A 76 -21.39 -66.53 -7.46
C LYS A 76 -20.90 -67.95 -7.23
N GLY A 77 -19.60 -68.13 -6.98
CA GLY A 77 -19.07 -69.43 -6.63
C GLY A 77 -19.53 -69.95 -5.28
N HIS A 78 -19.99 -69.05 -4.41
CA HIS A 78 -20.50 -69.43 -3.10
C HIS A 78 -22.02 -69.52 -3.04
N MET A 79 -22.72 -68.94 -4.02
CA MET A 79 -24.17 -68.86 -3.99
C MET A 79 -24.83 -69.66 -5.11
N LYS A 80 -24.08 -70.46 -5.86
CA LYS A 80 -24.65 -71.30 -6.90
C LYS A 80 -24.93 -72.70 -6.32
N ASN A 81 -25.68 -72.69 -5.23
CA ASN A 81 -26.17 -73.92 -4.61
C ASN A 81 -27.67 -73.97 -4.51
N ASP A 82 -28.29 -72.94 -3.92
CA ASP A 82 -29.73 -72.76 -3.71
C ASP A 82 -30.36 -73.84 -2.81
N GLU A 83 -29.56 -74.72 -2.22
CA GLU A 83 -30.02 -75.73 -1.29
C GLU A 83 -29.19 -75.66 -0.02
N LEU A 84 -27.90 -75.35 -0.17
CA LEU A 84 -27.04 -75.12 0.97
C LEU A 84 -27.40 -73.84 1.70
N MET A 85 -27.95 -72.86 0.98
CA MET A 85 -28.34 -71.59 1.59
C MET A 85 -29.50 -71.80 2.56
N ILE A 86 -30.52 -72.54 2.13
CA ILE A 86 -31.76 -72.68 2.90
C ILE A 86 -31.52 -73.49 4.18
N ARG A 87 -30.77 -74.58 4.08
CA ARG A 87 -30.45 -75.39 5.25
C ARG A 87 -29.47 -74.68 6.18
N ARG A 88 -28.77 -73.65 5.71
CA ARG A 88 -27.97 -72.83 6.62
C ARG A 88 -28.87 -71.91 7.43
N ILE A 89 -29.93 -71.39 6.82
CA ILE A 89 -30.88 -70.54 7.54
C ILE A 89 -31.68 -71.38 8.53
N LYS A 90 -31.93 -72.66 8.21
CA LYS A 90 -32.65 -73.52 9.14
C LYS A 90 -31.82 -73.84 10.38
N GLU A 91 -30.50 -73.87 10.26
CA GLU A 91 -29.66 -74.03 11.44
C GLU A 91 -29.64 -72.76 12.27
N LEU A 92 -29.76 -71.61 11.62
CA LEU A 92 -30.03 -70.35 12.32
C LEU A 92 -31.54 -70.27 12.58
N SER A 93 -32.02 -69.11 13.01
CA SER A 93 -33.45 -68.91 13.07
C SER A 93 -33.78 -67.44 12.87
N PRO A 94 -34.42 -67.08 11.75
CA PRO A 94 -34.97 -65.73 11.62
C PRO A 94 -36.18 -65.49 12.51
N GLU A 95 -36.81 -66.54 13.02
CA GLU A 95 -37.89 -66.40 14.00
C GLU A 95 -37.40 -65.89 15.35
N ARG A 96 -36.11 -66.03 15.65
CA ARG A 96 -35.57 -65.44 16.88
C ARG A 96 -35.53 -63.93 16.80
N PHE A 97 -35.49 -63.37 15.60
CA PHE A 97 -35.36 -61.93 15.40
C PHE A 97 -36.59 -61.31 14.77
N GLY A 98 -37.66 -62.09 14.58
CA GLY A 98 -38.84 -61.60 13.93
C GLY A 98 -38.78 -61.59 12.42
N LEU A 99 -37.67 -62.01 11.83
CA LEU A 99 -37.53 -62.02 10.38
C LEU A 99 -38.22 -63.25 9.79
N THR A 100 -38.70 -63.09 8.56
CA THR A 100 -39.33 -64.19 7.85
C THR A 100 -38.22 -64.95 7.10
N MET A 101 -38.51 -66.22 6.76
CA MET A 101 -37.63 -66.99 5.89
C MET A 101 -37.45 -66.31 4.54
N GLU A 102 -38.53 -65.73 4.00
CA GLU A 102 -38.44 -65.03 2.73
C GLU A 102 -37.73 -63.68 2.87
N ASP A 103 -37.87 -63.04 4.04
CA ASP A 103 -37.23 -61.74 4.22
C ASP A 103 -35.72 -61.85 4.32
N VAL A 104 -35.22 -62.89 5.00
CA VAL A 104 -33.77 -63.00 5.18
C VAL A 104 -33.11 -63.49 3.89
N LEU A 105 -33.83 -64.24 3.05
CA LEU A 105 -33.24 -64.74 1.82
C LEU A 105 -33.17 -63.65 0.76
N ASN A 106 -34.07 -62.66 0.82
CA ASN A 106 -34.03 -61.54 -0.11
C ASN A 106 -32.77 -60.70 0.09
N ALA A 107 -32.41 -60.43 1.34
CA ALA A 107 -31.32 -59.52 1.63
C ALA A 107 -29.95 -60.10 1.28
N LEU A 108 -29.82 -61.42 1.22
CA LEU A 108 -28.57 -62.01 0.74
C LEU A 108 -28.38 -61.79 -0.75
N TRP A 109 -29.46 -61.62 -1.50
CA TRP A 109 -29.34 -61.32 -2.92
C TRP A 109 -29.29 -59.83 -3.20
N ILE A 110 -29.84 -59.00 -2.30
CA ILE A 110 -29.69 -57.56 -2.44
C ILE A 110 -28.24 -57.14 -2.20
N VAL A 111 -27.62 -57.70 -1.17
CA VAL A 111 -26.24 -57.35 -0.83
C VAL A 111 -25.27 -57.91 -1.88
N TYR A 112 -25.54 -59.12 -2.37
CA TYR A 112 -24.71 -59.72 -3.42
C TYR A 112 -24.74 -58.90 -4.71
N GLU A 113 -25.91 -58.40 -5.08
CA GLU A 113 -25.99 -57.66 -6.34
C GLU A 113 -25.47 -56.24 -6.18
N ALA A 114 -25.64 -55.64 -5.00
CA ALA A 114 -25.12 -54.29 -4.76
C ALA A 114 -23.61 -54.25 -4.67
N ASP A 115 -23.00 -55.39 -4.36
CA ASP A 115 -21.53 -55.48 -4.26
C ASP A 115 -20.94 -55.33 -5.66
N ASN A 116 -21.73 -55.57 -6.69
CA ASN A 116 -21.27 -55.43 -8.10
C ASN A 116 -21.48 -54.00 -8.56
N LEU A 117 -22.64 -53.42 -8.30
CA LEU A 117 -22.91 -52.02 -8.71
C LEU A 117 -21.96 -51.09 -7.94
N ALA A 118 -21.38 -51.56 -6.83
CA ALA A 118 -20.46 -50.75 -6.03
C ALA A 118 -19.13 -50.56 -6.77
N SER A 119 -18.71 -51.56 -7.54
CA SER A 119 -17.44 -51.48 -8.30
C SER A 119 -17.44 -52.52 -9.42
N GLY A 120 -16.72 -52.26 -10.50
CA GLY A 120 -16.73 -53.20 -11.64
C GLY A 120 -16.40 -54.59 -11.17
N GLU A 121 -17.13 -55.59 -11.66
CA GLU A 121 -16.95 -56.98 -11.20
C GLU A 121 -15.77 -57.63 -11.93
N ARG A 122 -14.55 -57.23 -11.57
CA ARG A 122 -13.34 -57.80 -12.22
C ARG A 122 -12.66 -58.76 -11.25
N GLU A 123 -12.47 -60.01 -11.65
CA GLU A 123 -11.83 -61.01 -10.76
C GLU A 123 -10.30 -60.85 -10.82
N GLU A 124 -9.65 -60.72 -9.67
CA GLU A 124 -8.19 -60.53 -9.60
C GLU A 124 -7.50 -61.88 -9.31
N GLY A 125 -8.26 -62.96 -9.26
CA GLY A 125 -7.73 -64.32 -8.98
C GLY A 125 -7.00 -64.29 -7.62
N GLN A 126 -5.77 -64.79 -7.55
CA GLN A 126 -5.05 -64.75 -6.26
C GLN A 126 -4.82 -63.29 -5.87
N PRO A 127 -5.12 -62.93 -4.64
CA PRO A 127 -4.93 -61.53 -4.14
C PRO A 127 -3.44 -61.27 -3.93
N GLN A 128 -2.98 -60.04 -4.16
CA GLN A 128 -1.54 -59.72 -3.93
C GLN A 128 -1.25 -59.98 -2.45
N ALA A 129 -0.14 -60.64 -2.13
CA ALA A 129 0.12 -61.00 -0.73
C ALA A 129 -0.21 -59.82 0.20
N SER A 130 0.26 -58.61 -0.10
CA SER A 130 -0.04 -57.45 0.77
C SER A 130 0.09 -56.11 0.02
N ARG A 131 -0.50 -55.94 -1.15
CA ARG A 131 -0.39 -54.64 -1.85
C ARG A 131 -1.25 -53.60 -1.11
N PRO A 132 -0.74 -52.36 -0.93
CA PRO A 132 -1.45 -51.28 -0.23
C PRO A 132 -2.50 -50.57 -1.06
N LEU A 133 -3.04 -49.49 -0.50
CA LEU A 133 -3.97 -48.63 -1.21
C LEU A 133 -3.20 -47.63 -2.06
N TYR A 134 -3.39 -47.68 -3.36
CA TYR A 134 -2.73 -46.71 -4.22
C TYR A 134 -3.52 -45.40 -4.21
N SER A 135 -2.82 -44.31 -4.50
CA SER A 135 -3.40 -42.98 -4.31
C SER A 135 -4.41 -42.66 -5.39
N VAL A 136 -5.53 -42.07 -4.98
CA VAL A 136 -6.60 -41.70 -5.92
C VAL A 136 -6.17 -40.56 -6.83
N PHE A 137 -5.20 -39.76 -6.40
CA PHE A 137 -4.74 -38.62 -7.17
C PHE A 137 -3.65 -39.04 -8.17
N ASN A 138 -2.57 -39.63 -7.66
CA ASN A 138 -1.48 -40.17 -8.47
C ASN A 138 -1.49 -41.68 -8.30
N PRO A 139 -2.06 -42.43 -9.24
CA PRO A 139 -2.22 -43.89 -9.04
C PRO A 139 -0.92 -44.68 -9.10
N GLY A 140 0.21 -44.07 -9.43
CA GLY A 140 1.47 -44.79 -9.39
C GLY A 140 2.02 -44.96 -8.00
N LYS A 141 1.61 -44.10 -7.07
CA LYS A 141 2.11 -44.11 -5.71
C LYS A 141 1.09 -44.79 -4.79
N ALA A 142 1.45 -44.94 -3.51
CA ALA A 142 0.63 -45.69 -2.58
C ALA A 142 0.78 -45.13 -1.18
N TYR A 143 -0.23 -45.35 -0.35
CA TYR A 143 -0.35 -44.93 1.04
C TYR A 143 0.15 -46.02 1.97
N PRO A 144 0.84 -45.66 3.05
CA PRO A 144 1.05 -46.61 4.14
C PRO A 144 -0.22 -46.72 4.98
N TRP A 145 -0.34 -47.85 5.68
CA TRP A 145 -1.48 -47.98 6.57
C TRP A 145 -1.27 -47.14 7.81
N ALA A 146 -2.26 -46.32 8.14
CA ALA A 146 -2.17 -45.48 9.33
C ALA A 146 -3.57 -45.20 9.85
N GLU A 147 -3.64 -44.87 11.12
CA GLU A 147 -4.89 -44.51 11.75
C GLU A 147 -5.39 -43.18 11.22
N LEU A 148 -6.70 -43.09 11.00
CA LEU A 148 -7.30 -41.82 10.59
C LEU A 148 -7.59 -41.01 11.84
N ASP A 149 -6.67 -40.12 12.20
CA ASP A 149 -6.75 -39.39 13.46
C ASP A 149 -6.59 -37.89 13.32
N PHE A 150 -6.02 -37.40 12.21
CA PHE A 150 -5.64 -36.00 11.94
C PHE A 150 -4.55 -35.49 12.88
N GLU A 151 -3.81 -36.39 13.52
CA GLU A 151 -2.56 -36.08 14.17
C GLU A 151 -1.53 -37.13 13.82
N LYS A 152 -0.27 -36.77 14.08
CA LYS A 152 0.93 -37.61 14.09
C LYS A 152 1.42 -38.04 12.71
N GLU A 153 0.64 -37.79 11.65
CA GLU A 153 1.05 -38.12 10.29
C GLU A 153 0.14 -37.41 9.31
N LEU A 154 0.74 -36.95 8.20
CA LEU A 154 0.04 -36.52 6.99
C LEU A 154 0.10 -37.66 6.00
N PRO A 155 -1.02 -38.10 5.44
CA PRO A 155 -0.97 -39.18 4.45
C PRO A 155 -0.38 -38.70 3.13
N VAL A 156 0.87 -39.08 2.89
CA VAL A 156 1.58 -38.74 1.67
C VAL A 156 1.76 -40.02 0.87
N PRO A 157 1.36 -40.06 -0.40
CA PRO A 157 1.58 -41.26 -1.21
C PRO A 157 3.06 -41.45 -1.54
N GLY A 158 3.61 -42.56 -1.07
CA GLY A 158 5.04 -42.79 -1.17
C GLY A 158 5.44 -43.89 -2.13
N ASP A 159 6.61 -44.49 -1.90
CA ASP A 159 7.16 -45.47 -2.82
C ASP A 159 7.12 -46.90 -2.31
N VAL A 160 6.91 -47.10 -1.00
CA VAL A 160 6.81 -48.45 -0.46
C VAL A 160 5.51 -49.10 -0.91
N PHE A 161 5.63 -50.26 -1.55
CA PHE A 161 4.51 -50.87 -2.28
C PHE A 161 4.12 -52.22 -1.72
N SER A 162 4.37 -52.48 -0.44
CA SER A 162 3.96 -53.72 0.18
C SER A 162 3.74 -53.48 1.66
N ILE A 163 2.70 -54.08 2.21
CA ILE A 163 2.36 -53.96 3.63
C ILE A 163 2.75 -55.24 4.33
N ARG A 164 3.58 -55.13 5.35
CA ARG A 164 3.94 -56.28 6.16
C ARG A 164 2.74 -56.69 7.01
N SER A 165 2.58 -57.99 7.21
CA SER A 165 1.40 -58.48 7.93
C SER A 165 1.60 -58.45 9.44
N GLN A 166 2.00 -57.32 9.99
CA GLN A 166 1.99 -57.09 11.42
C GLN A 166 0.97 -56.05 11.84
N ASP A 167 0.92 -54.92 11.15
CA ASP A 167 -0.10 -53.92 11.46
C ASP A 167 -1.48 -54.33 10.97
N TYR A 168 -1.56 -55.23 9.99
CA TYR A 168 -2.84 -55.86 9.66
C TYR A 168 -3.36 -56.68 10.82
N ARG A 169 -2.48 -57.35 11.55
CA ARG A 169 -2.90 -58.06 12.74
C ARG A 169 -3.20 -57.11 13.89
N GLU A 170 -2.47 -56.00 13.96
CA GLU A 170 -2.80 -54.93 14.88
C GLU A 170 -4.05 -54.15 14.47
N LEU A 171 -4.41 -54.20 13.18
CA LEU A 171 -5.67 -53.63 12.72
C LEU A 171 -6.86 -54.42 13.24
N VAL A 172 -6.79 -55.75 13.13
CA VAL A 172 -7.89 -56.61 13.55
C VAL A 172 -8.06 -56.54 15.07
N LYS A 173 -6.97 -56.38 15.81
CA LYS A 173 -7.05 -56.25 17.26
C LYS A 173 -7.73 -54.94 17.64
N ARG A 174 -7.31 -53.83 17.02
CA ARG A 174 -7.93 -52.54 17.33
C ARG A 174 -9.37 -52.46 16.83
N LEU A 175 -9.71 -53.21 15.79
CA LEU A 175 -11.08 -53.25 15.31
C LEU A 175 -11.94 -54.20 16.12
N TRP A 176 -11.32 -55.09 16.90
CA TRP A 176 -12.07 -56.08 17.66
C TRP A 176 -12.82 -55.44 18.83
N GLU A 177 -12.19 -54.53 19.57
CA GLU A 177 -12.87 -53.93 20.70
C GLU A 177 -13.66 -52.67 20.35
N GLU A 178 -13.41 -52.07 19.19
CA GLU A 178 -14.24 -50.95 18.78
C GLU A 178 -15.61 -51.42 18.29
N LEU A 179 -15.65 -52.57 17.61
CA LEU A 179 -16.92 -53.18 17.25
C LEU A 179 -17.63 -53.79 18.44
N SER A 180 -16.91 -54.08 19.52
CA SER A 180 -17.53 -54.67 20.70
C SER A 180 -18.23 -53.63 21.55
N LYS A 181 -17.66 -52.42 21.63
CA LYS A 181 -18.25 -51.37 22.44
C LYS A 181 -19.41 -50.68 21.74
N ALA A 182 -19.38 -50.58 20.42
CA ALA A 182 -20.40 -49.88 19.68
C ALA A 182 -21.64 -50.76 19.50
N LYS A 183 -22.81 -50.15 19.61
CA LYS A 183 -24.05 -50.88 19.42
C LYS A 183 -24.31 -51.10 17.94
N LEU A 184 -24.90 -52.25 17.60
CA LEU A 184 -25.08 -52.68 16.22
C LEU A 184 -26.20 -51.87 15.57
N ARG A 185 -25.83 -50.68 15.09
CA ARG A 185 -26.67 -49.89 14.19
C ARG A 185 -25.79 -49.34 13.08
N SER A 186 -26.43 -48.69 12.10
CA SER A 186 -25.70 -48.20 10.93
C SER A 186 -24.83 -47.01 11.28
N ASP A 187 -25.39 -46.04 12.01
CA ASP A 187 -24.69 -44.82 12.39
C ASP A 187 -23.57 -45.04 13.39
N ARG A 188 -23.51 -46.21 14.02
CA ARG A 188 -22.51 -46.50 15.02
C ARG A 188 -21.37 -47.36 14.49
N LEU A 189 -21.56 -48.01 13.34
CA LEU A 189 -20.50 -48.79 12.73
C LEU A 189 -19.74 -48.02 11.66
N LEU A 190 -20.39 -47.03 11.02
CA LEU A 190 -19.69 -46.18 10.08
C LEU A 190 -18.49 -45.41 10.65
N PRO A 191 -18.53 -44.81 11.85
CA PRO A 191 -17.30 -44.18 12.35
C PRO A 191 -16.26 -45.16 12.82
N VAL A 192 -16.65 -46.37 13.20
CA VAL A 192 -15.68 -47.38 13.58
C VAL A 192 -14.91 -47.84 12.35
N LEU A 193 -15.62 -48.14 11.26
CA LEU A 193 -14.97 -48.62 10.06
C LEU A 193 -14.24 -47.52 9.30
N GLU A 194 -14.53 -46.26 9.59
CA GLU A 194 -13.84 -45.17 8.91
C GLU A 194 -12.50 -44.86 9.53
N LYS A 195 -12.36 -45.02 10.85
CA LYS A 195 -11.09 -44.75 11.50
C LYS A 195 -10.04 -45.79 11.16
N TYR A 196 -10.46 -47.02 10.91
CA TYR A 196 -9.52 -48.12 10.78
C TYR A 196 -9.40 -48.69 9.38
N LEU A 197 -10.40 -48.51 8.52
CA LEU A 197 -10.38 -49.09 7.19
C LEU A 197 -10.41 -48.02 6.11
N THR A 198 -9.80 -46.87 6.37
CA THR A 198 -9.71 -45.83 5.34
C THR A 198 -8.50 -46.05 4.44
N PHE A 199 -7.34 -46.34 5.02
CA PHE A 199 -6.15 -46.58 4.24
C PHE A 199 -5.91 -48.06 3.96
N VAL A 200 -6.99 -48.82 3.84
CA VAL A 200 -6.96 -50.22 3.45
C VAL A 200 -7.59 -50.34 2.08
N SER A 201 -6.88 -50.96 1.14
CA SER A 201 -7.43 -51.18 -0.19
C SER A 201 -8.44 -52.30 -0.14
N SER A 202 -9.47 -52.20 -0.99
CA SER A 202 -10.49 -53.23 -1.00
C SER A 202 -9.99 -54.49 -1.69
N VAL A 203 -9.69 -54.39 -2.98
CA VAL A 203 -9.18 -55.51 -3.76
C VAL A 203 -7.67 -55.38 -3.88
N THR A 204 -6.95 -56.42 -3.48
CA THR A 204 -5.48 -56.41 -3.53
C THR A 204 -5.06 -56.57 -4.99
N SER A 205 -4.67 -55.45 -5.60
CA SER A 205 -4.20 -55.44 -6.97
C SER A 205 -3.31 -54.23 -7.17
N GLU A 206 -2.77 -54.10 -8.39
CA GLU A 206 -1.93 -52.96 -8.75
C GLU A 206 -2.80 -51.85 -9.30
N GLY A 207 -2.69 -50.67 -8.71
CA GLY A 207 -3.45 -49.53 -9.17
C GLY A 207 -4.87 -49.45 -8.65
N ASN A 208 -5.17 -50.14 -7.55
CA ASN A 208 -6.48 -50.03 -6.93
C ASN A 208 -6.51 -48.78 -6.06
N ILE A 209 -7.40 -47.85 -6.40
CA ILE A 209 -7.48 -46.57 -5.71
C ILE A 209 -8.79 -46.45 -4.93
N ILE A 210 -9.47 -47.57 -4.66
CA ILE A 210 -10.71 -47.57 -3.90
C ILE A 210 -10.39 -48.00 -2.48
N SER A 211 -10.72 -47.15 -1.52
CA SER A 211 -10.59 -47.50 -0.12
C SER A 211 -11.65 -48.52 0.27
N LEU A 212 -11.34 -49.31 1.30
CA LEU A 212 -12.27 -50.37 1.69
C LEU A 212 -13.49 -49.82 2.40
N TYR A 213 -13.33 -48.72 3.16
CA TYR A 213 -14.47 -48.11 3.83
C TYR A 213 -15.49 -47.57 2.83
N ASP A 214 -15.01 -46.86 1.81
CA ASP A 214 -15.90 -46.32 0.80
C ASP A 214 -16.50 -47.40 -0.08
N HIS A 215 -15.85 -48.56 -0.19
CA HIS A 215 -16.48 -49.66 -0.91
C HIS A 215 -17.59 -50.29 -0.10
N MET A 216 -17.42 -50.39 1.22
CA MET A 216 -18.50 -50.90 2.05
C MET A 216 -19.57 -49.84 2.30
N ARG A 217 -19.20 -48.56 2.26
CA ARG A 217 -20.18 -47.50 2.46
C ARG A 217 -21.11 -47.40 1.26
N MET A 218 -20.64 -47.78 0.08
CA MET A 218 -21.46 -47.69 -1.13
C MET A 218 -22.16 -48.98 -1.48
N THR A 219 -21.72 -50.12 -0.96
CA THR A 219 -22.53 -51.33 -1.05
C THR A 219 -23.75 -51.21 -0.17
N SER A 220 -23.58 -50.69 1.04
CA SER A 220 -24.69 -50.53 1.96
C SER A 220 -25.63 -49.41 1.53
N ALA A 221 -25.12 -48.44 0.77
CA ALA A 221 -25.98 -47.40 0.24
C ALA A 221 -26.90 -47.96 -0.83
N ILE A 222 -26.34 -48.74 -1.75
CA ILE A 222 -27.09 -49.27 -2.87
C ILE A 222 -28.04 -50.37 -2.41
N ALA A 223 -27.61 -51.19 -1.44
CA ALA A 223 -28.46 -52.28 -0.97
C ALA A 223 -29.65 -51.76 -0.18
N LEU A 224 -29.47 -50.67 0.57
CA LEU A 224 -30.60 -50.05 1.23
C LEU A 224 -31.53 -49.38 0.22
N ALA A 225 -30.97 -48.76 -0.81
CA ALA A 225 -31.78 -48.13 -1.84
C ALA A 225 -32.48 -49.13 -2.74
N MET A 226 -31.99 -50.37 -2.81
CA MET A 226 -32.69 -51.42 -3.53
C MET A 226 -33.86 -51.98 -2.74
N LEU A 227 -33.72 -52.08 -1.42
CA LEU A 227 -34.80 -52.61 -0.61
C LEU A 227 -35.93 -51.59 -0.44
N ARG A 228 -35.60 -50.30 -0.37
CA ARG A 228 -36.63 -49.27 -0.32
C ARG A 228 -37.41 -49.20 -1.63
N ALA A 229 -36.76 -49.48 -2.76
CA ALA A 229 -37.47 -49.50 -4.03
C ALA A 229 -38.39 -50.71 -4.11
N GLY A 230 -37.94 -51.86 -3.64
CA GLY A 230 -38.76 -53.03 -3.55
C GLY A 230 -38.39 -54.19 -4.45
N CYS A 231 -37.16 -54.25 -4.93
CA CYS A 231 -36.74 -55.40 -5.73
C CYS A 231 -36.40 -56.57 -4.82
N THR A 232 -36.90 -57.74 -5.19
CA THR A 232 -36.78 -58.96 -4.42
C THR A 232 -35.72 -59.87 -5.01
N ALA A 233 -35.66 -61.12 -4.53
CA ALA A 233 -34.56 -62.02 -4.86
C ALA A 233 -34.61 -62.49 -6.31
N GLU A 234 -35.79 -62.76 -6.85
CA GLU A 234 -35.85 -63.19 -8.24
C GLU A 234 -35.67 -62.04 -9.21
N ASP A 235 -35.79 -60.80 -8.75
CA ASP A 235 -35.38 -59.66 -9.55
C ASP A 235 -33.86 -59.47 -9.57
N VAL A 236 -33.15 -60.24 -8.76
CA VAL A 236 -31.69 -60.22 -8.77
C VAL A 236 -31.14 -61.32 -9.67
N ARG A 237 -31.74 -62.51 -9.60
CA ARG A 237 -31.34 -63.62 -10.46
C ARG A 237 -31.61 -63.31 -11.92
N SER A 238 -32.80 -62.81 -12.22
CA SER A 238 -33.15 -62.31 -13.54
C SER A 238 -32.67 -60.87 -13.70
N GLY A 239 -33.16 -60.18 -14.73
CA GLY A 239 -32.82 -58.78 -14.88
C GLY A 239 -33.77 -57.87 -14.12
N ARG A 240 -34.15 -56.76 -14.76
CA ARG A 240 -35.12 -55.76 -14.26
C ARG A 240 -34.63 -55.11 -12.96
N CYS A 241 -33.32 -55.05 -12.81
CA CYS A 241 -32.72 -54.26 -11.73
C CYS A 241 -31.58 -53.47 -12.35
N ARG A 242 -31.06 -53.99 -13.45
CA ARG A 242 -30.03 -53.34 -14.23
C ARG A 242 -30.56 -52.89 -15.58
N LYS A 243 -31.80 -53.23 -15.91
CA LYS A 243 -32.46 -52.77 -17.12
C LYS A 243 -33.62 -51.83 -16.84
N GLU A 244 -33.90 -51.51 -15.58
CA GLU A 244 -34.99 -50.62 -15.20
C GLU A 244 -34.44 -49.56 -14.27
N LYS A 245 -34.87 -48.31 -14.46
CA LYS A 245 -34.44 -47.19 -13.62
C LYS A 245 -34.96 -47.36 -12.20
N ARG A 246 -34.10 -47.78 -11.29
CA ARG A 246 -34.49 -48.02 -9.90
C ARG A 246 -33.86 -47.06 -8.92
N PHE A 247 -32.68 -46.53 -9.24
CA PHE A 247 -31.97 -45.62 -8.36
C PHE A 247 -32.26 -44.20 -8.78
N LEU A 248 -31.77 -43.24 -8.01
CA LEU A 248 -32.08 -41.84 -8.25
C LEU A 248 -31.04 -40.99 -7.56
N LEU A 249 -30.17 -40.35 -8.35
CA LEU A 249 -29.10 -39.50 -7.83
C LEU A 249 -29.67 -38.14 -7.48
N ILE A 250 -29.73 -37.84 -6.19
CA ILE A 250 -30.09 -36.51 -5.72
C ILE A 250 -28.82 -35.69 -5.64
N GLU A 251 -28.86 -34.45 -6.10
CA GLU A 251 -27.73 -33.55 -5.97
C GLU A 251 -28.25 -32.16 -5.64
N GLY A 252 -27.69 -31.55 -4.62
CA GLY A 252 -28.11 -30.24 -4.18
C GLY A 252 -26.93 -29.30 -4.16
N ASP A 253 -27.23 -28.02 -4.29
CA ASP A 253 -26.16 -27.04 -4.36
C ASP A 253 -26.67 -25.71 -3.80
N PHE A 254 -25.88 -25.12 -2.92
CA PHE A 254 -26.17 -23.78 -2.40
C PHE A 254 -25.56 -22.74 -3.32
N SER A 255 -26.39 -21.80 -3.77
CA SER A 255 -25.96 -20.75 -4.67
C SER A 255 -26.00 -19.42 -3.92
N GLY A 256 -24.86 -18.75 -3.87
CA GLY A 256 -24.78 -17.45 -3.22
C GLY A 256 -24.12 -17.49 -1.87
N ILE A 257 -23.05 -18.26 -1.73
CA ILE A 257 -22.40 -18.44 -0.44
C ILE A 257 -21.49 -17.26 -0.10
N GLN A 258 -20.70 -16.79 -1.07
CA GLN A 258 -19.80 -15.67 -0.83
C GLN A 258 -20.54 -14.36 -0.63
N ASP A 259 -21.78 -14.27 -1.10
CA ASP A 259 -22.64 -13.13 -0.84
C ASP A 259 -23.44 -13.28 0.45
N PHE A 260 -23.44 -14.47 1.04
CA PHE A 260 -24.18 -14.73 2.27
C PHE A 260 -23.30 -14.55 3.50
N ILE A 261 -22.10 -15.11 3.47
CA ILE A 261 -21.20 -14.95 4.62
C ILE A 261 -20.61 -13.56 4.66
N TYR A 262 -20.14 -13.07 3.52
CA TYR A 262 -19.25 -11.93 3.46
C TYR A 262 -19.98 -10.69 2.95
N ARG A 263 -21.19 -10.44 3.42
CA ARG A 263 -21.90 -9.23 3.05
C ARG A 263 -21.87 -8.19 4.15
N VAL A 264 -21.47 -8.56 5.36
CA VAL A 264 -21.76 -7.75 6.53
C VAL A 264 -20.82 -6.54 6.60
N SER A 265 -21.23 -5.54 7.38
CA SER A 265 -20.72 -4.18 7.32
C SER A 265 -19.47 -4.02 8.18
N GLY A 266 -19.10 -2.76 8.44
CA GLY A 266 -18.06 -2.49 9.42
C GLY A 266 -18.45 -2.88 10.82
N LYS A 267 -19.74 -2.77 11.14
CA LYS A 267 -20.27 -3.45 12.31
C LYS A 267 -20.24 -4.94 12.09
N GLY A 268 -20.18 -5.70 13.18
CA GLY A 268 -20.10 -7.13 13.01
C GLY A 268 -18.68 -7.63 13.11
N THR A 269 -18.38 -8.31 14.18
CA THR A 269 -16.98 -8.72 14.46
C THR A 269 -16.58 -9.95 13.64
N LEU A 270 -15.33 -10.35 13.76
CA LEU A 270 -14.84 -11.62 13.15
C LEU A 270 -15.59 -12.75 13.86
N LYS A 271 -15.71 -12.63 15.19
CA LYS A 271 -16.47 -13.60 16.01
C LYS A 271 -17.85 -13.77 15.38
N TYR A 272 -18.50 -12.71 14.90
CA TYR A 272 -19.80 -12.88 14.25
C TYR A 272 -19.67 -13.46 12.84
N LEU A 273 -18.62 -13.07 12.12
CA LEU A 273 -18.44 -13.51 10.74
C LEU A 273 -18.12 -15.00 10.67
N ARG A 274 -17.49 -15.53 11.71
CA ARG A 274 -17.17 -16.93 11.83
C ARG A 274 -18.38 -17.79 12.15
N ALA A 275 -19.41 -17.21 12.75
CA ALA A 275 -20.62 -17.95 13.08
C ALA A 275 -21.67 -17.92 11.98
N ARG A 276 -21.53 -17.05 10.98
CA ARG A 276 -22.32 -17.21 9.77
C ARG A 276 -21.84 -18.39 8.93
N SER A 277 -20.61 -18.83 9.13
CA SER A 277 -20.15 -20.03 8.44
C SER A 277 -20.59 -21.29 9.15
N ALA A 278 -20.65 -21.24 10.48
CA ALA A 278 -21.20 -22.36 11.24
C ALA A 278 -22.68 -22.52 10.99
N TYR A 279 -23.37 -21.42 10.67
CA TYR A 279 -24.80 -21.47 10.44
C TYR A 279 -25.13 -21.91 9.02
N LEU A 280 -24.23 -21.67 8.07
CA LEU A 280 -24.42 -22.22 6.73
C LEU A 280 -24.18 -23.73 6.71
N GLU A 281 -23.27 -24.21 7.56
CA GLU A 281 -23.05 -25.65 7.65
C GLU A 281 -24.27 -26.37 8.23
N LEU A 282 -24.99 -25.71 9.15
CA LEU A 282 -26.13 -26.36 9.79
C LEU A 282 -27.39 -26.27 8.95
N ILE A 283 -27.49 -25.29 8.06
CA ILE A 283 -28.60 -25.27 7.10
C ILE A 283 -28.44 -26.42 6.12
N GLY A 284 -27.20 -26.73 5.72
CA GLY A 284 -26.97 -27.82 4.80
C GLY A 284 -27.21 -29.18 5.40
N TRP A 285 -26.76 -29.40 6.64
CA TRP A 285 -27.05 -30.65 7.32
C TRP A 285 -28.52 -30.82 7.67
N ASP A 286 -29.26 -29.72 7.78
CA ASP A 286 -30.69 -29.83 8.09
C ASP A 286 -31.46 -30.34 6.88
N VAL A 287 -30.97 -30.06 5.67
CA VAL A 287 -31.61 -30.55 4.46
C VAL A 287 -31.13 -31.95 4.11
N VAL A 288 -29.87 -32.28 4.39
CA VAL A 288 -29.35 -33.62 4.14
C VAL A 288 -30.03 -34.63 5.06
N LEU A 289 -30.10 -34.33 6.34
CA LEU A 289 -30.69 -35.27 7.29
C LEU A 289 -32.21 -35.36 7.17
N GLU A 290 -32.85 -34.40 6.51
CA GLU A 290 -34.29 -34.47 6.33
C GLU A 290 -34.66 -35.39 5.16
N ILE A 291 -33.85 -35.38 4.10
CA ILE A 291 -34.04 -36.31 3.00
C ILE A 291 -33.81 -37.74 3.47
N LEU A 292 -32.80 -37.95 4.32
CA LEU A 292 -32.48 -39.29 4.80
C LEU A 292 -33.57 -39.84 5.71
N SER A 293 -34.20 -38.98 6.51
CA SER A 293 -35.22 -39.46 7.43
C SER A 293 -36.52 -39.79 6.70
N ARG A 294 -36.93 -38.96 5.74
CA ARG A 294 -38.21 -39.17 5.10
C ARG A 294 -38.15 -40.27 4.05
N LEU A 295 -37.05 -40.39 3.33
CA LEU A 295 -36.90 -41.47 2.37
C LEU A 295 -36.51 -42.79 3.02
N GLY A 296 -36.21 -42.78 4.32
CA GLY A 296 -35.91 -43.99 5.04
C GLY A 296 -34.49 -44.49 4.87
N LEU A 297 -33.54 -43.61 4.61
CA LEU A 297 -32.19 -44.00 4.28
C LEU A 297 -31.24 -43.71 5.44
N THR A 298 -30.02 -44.21 5.31
CA THR A 298 -28.97 -43.98 6.29
C THR A 298 -27.91 -43.05 5.71
N ARG A 299 -26.96 -42.68 6.55
CA ARG A 299 -25.95 -41.69 6.19
C ARG A 299 -24.87 -42.27 5.28
N ALA A 300 -24.89 -43.57 5.04
CA ALA A 300 -24.01 -44.15 4.03
C ALA A 300 -24.44 -43.80 2.62
N ASN A 301 -25.70 -43.40 2.44
CA ASN A 301 -26.20 -43.00 1.13
C ASN A 301 -25.62 -41.67 0.67
N VAL A 302 -25.31 -40.78 1.61
CA VAL A 302 -24.77 -39.46 1.30
C VAL A 302 -23.37 -39.64 0.75
N VAL A 303 -23.20 -39.41 -0.56
CA VAL A 303 -21.93 -39.68 -1.21
C VAL A 303 -20.87 -38.69 -0.75
N PHE A 304 -21.20 -37.40 -0.73
CA PHE A 304 -20.32 -36.40 -0.15
C PHE A 304 -21.18 -35.23 0.32
N ASN A 305 -20.60 -34.42 1.20
CA ASN A 305 -21.26 -33.22 1.72
C ASN A 305 -20.14 -32.24 2.08
N ALA A 306 -19.80 -31.38 1.14
CA ALA A 306 -18.59 -30.55 1.28
C ALA A 306 -18.85 -29.20 0.65
N GLY A 307 -19.07 -28.18 1.48
CA GLY A 307 -19.16 -26.83 0.98
C GLY A 307 -20.47 -26.48 0.31
N GLY A 308 -21.57 -27.01 0.81
CA GLY A 308 -22.86 -26.70 0.25
C GLY A 308 -23.26 -27.52 -0.95
N HIS A 309 -22.60 -28.64 -1.19
CA HIS A 309 -22.82 -29.46 -2.36
C HIS A 309 -22.90 -30.90 -1.91
N PHE A 310 -24.08 -31.50 -1.98
CA PHE A 310 -24.25 -32.87 -1.53
C PHE A 310 -24.77 -33.74 -2.67
N MET A 311 -24.52 -35.05 -2.55
CA MET A 311 -25.06 -36.05 -3.45
C MET A 311 -25.57 -37.23 -2.64
N ILE A 312 -26.78 -37.70 -2.95
CA ILE A 312 -27.41 -38.80 -2.24
C ILE A 312 -27.87 -39.84 -3.26
N ILE A 313 -27.45 -41.09 -3.07
CA ILE A 313 -27.99 -42.21 -3.84
C ILE A 313 -29.24 -42.70 -3.13
N ALA A 314 -30.36 -42.72 -3.83
CA ALA A 314 -31.64 -43.03 -3.23
C ALA A 314 -32.44 -43.90 -4.19
N GLN A 315 -33.66 -44.24 -3.79
CA GLN A 315 -34.49 -45.09 -4.62
C GLN A 315 -35.40 -44.23 -5.50
N ASN A 316 -36.00 -44.87 -6.50
CA ASN A 316 -36.88 -44.20 -7.44
C ASN A 316 -38.26 -44.84 -7.30
N THR A 317 -39.04 -44.35 -6.36
CA THR A 317 -40.43 -44.74 -6.19
C THR A 317 -41.30 -43.49 -6.35
N PRO A 318 -42.59 -43.65 -6.68
CA PRO A 318 -43.48 -42.48 -6.65
C PRO A 318 -43.67 -41.88 -5.27
N ASP A 319 -43.45 -42.66 -4.20
CA ASP A 319 -43.55 -42.11 -2.86
C ASP A 319 -42.30 -41.32 -2.48
N ALA A 320 -41.15 -41.65 -3.08
CA ALA A 320 -39.93 -40.88 -2.80
C ALA A 320 -39.91 -39.57 -3.56
N VAL A 321 -40.39 -39.56 -4.80
CA VAL A 321 -40.44 -38.34 -5.61
C VAL A 321 -41.43 -37.34 -5.02
N LYS A 322 -42.53 -37.84 -4.44
CA LYS A 322 -43.46 -36.98 -3.72
C LYS A 322 -42.83 -36.36 -2.48
N GLU A 323 -41.92 -37.08 -1.82
CA GLU A 323 -41.27 -36.51 -0.64
C GLU A 323 -40.19 -35.51 -1.02
N LEU A 324 -39.40 -35.79 -2.05
CA LEU A 324 -38.33 -34.88 -2.45
C LEU A 324 -38.88 -33.59 -3.04
N GLU A 325 -40.05 -33.65 -3.66
CA GLU A 325 -40.65 -32.45 -4.22
C GLU A 325 -41.17 -31.54 -3.13
N GLU A 326 -41.49 -32.09 -1.96
CA GLU A 326 -41.93 -31.29 -0.82
C GLU A 326 -40.79 -30.79 0.04
N ILE A 327 -39.71 -31.58 0.17
CA ILE A 327 -38.54 -31.11 0.90
C ILE A 327 -37.90 -29.93 0.17
N ARG A 328 -37.84 -30.00 -1.16
CA ARG A 328 -37.32 -28.89 -1.95
C ARG A 328 -38.24 -27.68 -1.87
N ALA A 329 -39.55 -27.92 -1.83
CA ALA A 329 -40.51 -26.82 -1.72
C ALA A 329 -40.36 -26.08 -0.39
N LYS A 330 -40.50 -26.81 0.73
CA LYS A 330 -40.46 -26.22 2.06
C LYS A 330 -39.10 -25.63 2.43
N ALA A 331 -38.03 -26.08 1.78
CA ALA A 331 -36.74 -25.46 2.03
C ALA A 331 -36.56 -24.16 1.28
N VAL A 332 -37.26 -23.98 0.15
CA VAL A 332 -37.11 -22.75 -0.60
C VAL A 332 -38.03 -21.65 -0.05
N GLU A 333 -39.24 -21.99 0.41
CA GLU A 333 -40.05 -20.95 1.06
C GLU A 333 -39.53 -20.57 2.43
N TRP A 334 -38.66 -21.37 3.04
CA TRP A 334 -38.03 -20.91 4.28
C TRP A 334 -36.87 -19.98 3.97
N LEU A 335 -36.04 -20.33 3.00
CA LEU A 335 -34.88 -19.52 2.65
C LEU A 335 -35.28 -18.17 2.09
N TYR A 336 -36.40 -18.09 1.37
CA TYR A 336 -36.81 -16.80 0.82
C TYR A 336 -37.35 -15.90 1.92
N ARG A 337 -38.05 -16.47 2.89
CA ARG A 337 -38.61 -15.66 3.97
C ARG A 337 -37.54 -15.18 4.93
N GLU A 338 -36.51 -15.99 5.15
CA GLU A 338 -35.48 -15.63 6.13
C GLU A 338 -34.38 -14.78 5.52
N PHE A 339 -33.83 -15.21 4.39
CA PHE A 339 -32.75 -14.48 3.72
C PHE A 339 -33.24 -14.09 2.34
N GLU A 340 -33.63 -12.83 2.16
CA GLU A 340 -34.37 -12.42 0.98
C GLU A 340 -33.51 -12.46 -0.28
N SER A 341 -33.55 -13.62 -0.96
CA SER A 341 -32.88 -13.89 -2.23
C SER A 341 -31.35 -13.72 -2.17
N ASP A 342 -30.75 -13.99 -1.02
CA ASP A 342 -29.30 -14.01 -0.95
C ASP A 342 -28.72 -15.42 -0.89
N LEU A 343 -29.50 -16.40 -0.48
CA LEU A 343 -29.06 -17.79 -0.42
C LEU A 343 -30.17 -18.66 -0.97
N TYR A 344 -29.80 -19.59 -1.85
CA TYR A 344 -30.77 -20.45 -2.51
C TYR A 344 -30.19 -21.84 -2.71
N LEU A 345 -31.03 -22.84 -2.51
CA LEU A 345 -30.67 -24.25 -2.64
C LEU A 345 -31.36 -24.82 -3.86
N ALA A 346 -30.59 -25.37 -4.79
CA ALA A 346 -31.09 -26.01 -6.00
C ALA A 346 -30.96 -27.51 -5.84
N ILE A 347 -32.09 -28.23 -5.88
CA ILE A 347 -32.11 -29.67 -5.68
C ILE A 347 -32.69 -30.30 -6.93
N GLU A 348 -31.95 -31.22 -7.54
CA GLU A 348 -32.42 -31.98 -8.68
C GLU A 348 -32.26 -33.46 -8.42
N TRP A 349 -32.95 -34.28 -9.20
CA TRP A 349 -32.76 -35.72 -9.15
C TRP A 349 -32.93 -36.32 -10.52
N GLU A 350 -31.92 -37.09 -10.94
CA GLU A 350 -31.91 -37.79 -12.21
C GLU A 350 -32.04 -39.28 -11.95
N PRO A 351 -33.06 -39.94 -12.50
CA PRO A 351 -33.18 -41.39 -12.30
C PRO A 351 -32.14 -42.14 -13.11
N VAL A 352 -31.48 -43.11 -12.47
CA VAL A 352 -30.44 -43.92 -13.08
C VAL A 352 -30.76 -45.38 -12.84
N SER A 353 -29.90 -46.25 -13.34
CA SER A 353 -30.02 -47.70 -13.21
C SER A 353 -28.69 -48.28 -12.78
N GLY A 354 -28.63 -49.61 -12.71
CA GLY A 354 -27.40 -50.27 -12.32
C GLY A 354 -26.32 -50.22 -13.39
N ARG A 355 -26.73 -50.27 -14.66
CA ARG A 355 -25.79 -50.07 -15.76
C ARG A 355 -25.24 -48.66 -15.78
N GLU A 356 -25.98 -47.70 -15.22
CA GLU A 356 -25.50 -46.32 -15.13
C GLU A 356 -24.36 -46.18 -14.13
N PHE A 357 -24.16 -47.14 -13.23
CA PHE A 357 -22.95 -47.17 -12.43
C PHE A 357 -21.86 -47.90 -13.19
N GLY A 358 -20.64 -47.43 -13.05
CA GLY A 358 -19.51 -48.12 -13.65
C GLY A 358 -19.40 -47.87 -15.15
N ARG A 359 -18.63 -48.74 -15.80
CA ARG A 359 -18.36 -48.62 -17.23
C ARG A 359 -19.05 -49.75 -17.97
N GLU A 360 -19.64 -49.40 -19.12
CA GLU A 360 -20.22 -50.39 -20.02
C GLU A 360 -19.94 -49.96 -21.45
N GLY A 361 -19.43 -50.87 -22.26
CA GLY A 361 -19.14 -50.55 -23.65
C GLY A 361 -17.99 -49.61 -23.84
N GLY A 362 -17.05 -49.54 -22.89
CA GLY A 362 -15.92 -48.65 -23.02
C GLY A 362 -16.23 -47.20 -22.78
N LYS A 363 -17.40 -46.90 -22.20
CA LYS A 363 -17.82 -45.55 -21.91
C LYS A 363 -18.06 -45.41 -20.41
N ASN A 364 -17.61 -44.29 -19.85
CA ASN A 364 -17.88 -43.97 -18.45
C ASN A 364 -19.32 -43.51 -18.35
N LEU A 365 -20.24 -44.45 -18.13
CA LEU A 365 -21.66 -44.11 -18.06
C LEU A 365 -22.04 -43.40 -16.77
N PHE A 366 -21.19 -43.46 -15.74
CA PHE A 366 -21.51 -42.75 -14.52
C PHE A 366 -21.30 -41.26 -14.68
N ALA A 367 -20.19 -40.87 -15.33
CA ALA A 367 -19.96 -39.46 -15.59
C ALA A 367 -20.91 -38.91 -16.63
N GLU A 368 -21.42 -39.76 -17.52
CA GLU A 368 -22.48 -39.34 -18.44
C GLU A 368 -23.77 -39.07 -17.68
N ALA A 369 -24.07 -39.87 -16.67
CA ALA A 369 -25.27 -39.65 -15.86
C ALA A 369 -25.11 -38.47 -14.90
N ARG A 370 -23.89 -38.04 -14.62
CA ARG A 370 -23.69 -36.87 -13.78
C ARG A 370 -23.68 -35.57 -14.57
N LYS A 371 -23.21 -35.59 -15.83
CA LYS A 371 -23.33 -34.40 -16.67
C LYS A 371 -24.79 -34.12 -17.02
N ARG A 372 -25.63 -35.15 -17.07
CA ARG A 372 -27.06 -34.92 -17.19
C ARG A 372 -27.63 -34.29 -15.93
N LEU A 373 -27.07 -34.63 -14.78
CA LEU A 373 -27.55 -34.11 -13.51
C LEU A 373 -26.99 -32.71 -13.24
N LYS A 374 -25.73 -32.49 -13.59
CA LYS A 374 -25.12 -31.17 -13.47
C LYS A 374 -25.78 -30.15 -14.37
N HIS A 375 -26.32 -30.60 -15.51
CA HIS A 375 -27.01 -29.69 -16.41
C HIS A 375 -28.36 -29.25 -15.84
N LYS A 376 -29.02 -30.11 -15.08
CA LYS A 376 -30.27 -29.73 -14.44
C LYS A 376 -30.05 -28.80 -13.25
N LEU A 377 -28.85 -28.83 -12.65
CA LEU A 377 -28.54 -27.86 -11.61
C LEU A 377 -28.29 -26.47 -12.20
N THR A 378 -27.69 -26.43 -13.40
CA THR A 378 -27.35 -25.15 -14.02
C THR A 378 -28.61 -24.41 -14.49
N VAL A 379 -29.58 -25.13 -15.03
CA VAL A 379 -30.86 -24.54 -15.42
C VAL A 379 -31.63 -24.08 -14.18
N ARG A 380 -31.52 -24.83 -13.09
CA ARG A 380 -32.24 -24.44 -11.88
C ARG A 380 -31.62 -23.23 -11.21
N LYS A 381 -30.30 -23.04 -11.33
CA LYS A 381 -29.67 -21.84 -10.80
C LYS A 381 -30.00 -20.59 -11.61
N LEU A 382 -30.47 -20.74 -12.84
CA LEU A 382 -30.91 -19.60 -13.64
C LEU A 382 -32.39 -19.30 -13.43
N LYS A 383 -33.05 -20.00 -12.52
CA LYS A 383 -34.42 -19.74 -12.13
C LYS A 383 -34.40 -19.73 -10.60
N ARG A 384 -34.05 -18.59 -9.99
CA ARG A 384 -33.56 -18.68 -8.63
C ARG A 384 -34.67 -18.82 -7.59
N PHE A 385 -35.84 -18.25 -7.77
CA PHE A 385 -36.90 -18.52 -6.83
C PHE A 385 -38.22 -18.71 -7.56
N GLY A 386 -38.21 -19.56 -8.58
CA GLY A 386 -39.40 -19.77 -9.38
C GLY A 386 -40.52 -20.45 -8.65
N GLU A 387 -40.21 -21.20 -7.60
CA GLU A 387 -41.22 -21.90 -6.80
C GLU A 387 -41.65 -21.10 -5.58
N ILE A 388 -42.05 -19.84 -5.80
CA ILE A 388 -42.51 -18.97 -4.73
C ILE A 388 -43.94 -18.48 -4.96
N LYS A 389 -44.27 -18.12 -6.20
CA LYS A 389 -45.56 -17.64 -6.71
C LYS A 389 -45.91 -16.23 -6.26
N GLY A 390 -45.09 -15.64 -5.41
CA GLY A 390 -45.26 -14.26 -5.03
C GLY A 390 -43.92 -13.56 -5.14
N LEU A 391 -43.10 -14.08 -6.04
CA LEU A 391 -41.70 -13.65 -6.13
C LEU A 391 -41.59 -12.28 -6.77
N PHE A 392 -42.45 -11.99 -7.74
CA PHE A 392 -42.44 -10.71 -8.41
C PHE A 392 -43.67 -9.87 -8.07
N GLU A 393 -44.62 -10.40 -7.33
CA GLU A 393 -45.69 -9.61 -6.76
C GLU A 393 -45.15 -8.79 -5.59
N HIS A 394 -45.63 -7.56 -5.47
CA HIS A 394 -45.10 -6.59 -4.53
C HIS A 394 -46.12 -6.25 -3.45
N GLY A 395 -45.64 -6.18 -2.21
CA GLY A 395 -46.46 -5.76 -1.09
C GLY A 395 -45.77 -4.65 -0.32
N HIS A 396 -46.46 -3.52 -0.12
CA HIS A 396 -45.77 -2.34 0.39
C HIS A 396 -46.37 -1.84 1.70
N THR A 397 -46.51 -2.75 2.65
CA THR A 397 -46.82 -2.40 4.03
C THR A 397 -45.74 -1.48 4.59
N GLU A 398 -46.17 -0.44 5.29
CA GLU A 398 -45.27 0.65 5.67
C GLU A 398 -44.36 0.25 6.82
N ARG A 399 -43.43 1.16 7.13
CA ARG A 399 -42.44 1.04 8.19
C ARG A 399 -41.59 -0.22 8.03
N LEU A 400 -40.85 -0.24 6.93
CA LEU A 400 -39.82 -1.25 6.71
C LEU A 400 -38.47 -0.63 7.03
N ALA A 401 -37.80 -1.16 8.04
CA ALA A 401 -36.49 -0.71 8.46
C ALA A 401 -35.44 -1.73 8.03
N GLU A 402 -34.18 -1.42 8.32
CA GLU A 402 -33.07 -2.19 7.79
C GLU A 402 -32.02 -2.40 8.88
N CYS A 403 -31.44 -3.60 8.91
CA CYS A 403 -30.38 -3.89 9.87
C CYS A 403 -29.11 -3.16 9.46
N PRO A 404 -28.31 -2.70 10.42
CA PRO A 404 -27.02 -2.10 10.06
C PRO A 404 -25.88 -3.09 9.95
N VAL A 405 -26.04 -4.31 10.48
CA VAL A 405 -24.96 -5.28 10.45
C VAL A 405 -24.93 -6.01 9.11
N CYS A 406 -26.01 -6.70 8.77
CA CYS A 406 -26.22 -7.23 7.44
C CYS A 406 -27.25 -6.37 6.74
N GLY A 407 -27.65 -6.78 5.55
CA GLY A 407 -28.55 -5.93 4.80
C GLY A 407 -30.00 -6.36 4.79
N ARG A 408 -30.48 -6.97 5.87
CA ARG A 408 -31.86 -7.42 5.90
C ARG A 408 -32.81 -6.23 5.98
N GLU A 409 -33.94 -6.35 5.30
CA GLU A 409 -35.00 -5.37 5.38
C GLU A 409 -36.15 -6.01 6.14
N LEU A 410 -36.34 -5.60 7.38
CA LEU A 410 -37.38 -6.11 8.26
C LEU A 410 -38.57 -5.18 8.28
N PRO A 411 -39.69 -5.63 8.85
CA PRO A 411 -40.66 -4.65 9.36
C PRO A 411 -40.11 -4.01 10.61
N GLU A 412 -40.33 -2.70 10.73
CA GLU A 412 -39.89 -1.97 11.91
C GLU A 412 -40.67 -2.44 13.13
N GLY A 413 -39.98 -2.52 14.27
CA GLY A 413 -40.54 -3.07 15.47
C GLY A 413 -40.03 -4.45 15.81
N LYS A 414 -39.66 -5.23 14.81
CA LYS A 414 -39.05 -6.54 15.02
C LYS A 414 -37.53 -6.45 15.20
N LEU A 415 -36.98 -5.25 15.27
CA LEU A 415 -35.56 -5.04 15.51
C LEU A 415 -35.32 -4.98 17.02
N GLU A 416 -34.67 -5.99 17.57
CA GLU A 416 -34.31 -5.94 18.98
C GLU A 416 -33.14 -4.99 19.19
N PRO A 417 -32.94 -4.52 20.42
CA PRO A 417 -31.65 -3.93 20.77
C PRO A 417 -30.57 -5.01 20.79
N SER A 418 -29.36 -4.62 20.42
CA SER A 418 -28.30 -5.61 20.33
C SER A 418 -27.75 -5.95 21.72
N ALA A 419 -26.77 -6.84 21.74
CA ALA A 419 -26.14 -7.20 23.01
C ALA A 419 -24.99 -6.26 23.35
N SER A 420 -24.16 -5.93 22.37
CA SER A 420 -23.01 -5.08 22.62
C SER A 420 -23.41 -3.62 22.77
N ASP A 421 -23.97 -3.03 21.72
CA ASP A 421 -24.36 -1.62 21.74
C ASP A 421 -25.88 -1.53 21.73
N PRO A 422 -26.52 -1.17 22.84
CA PRO A 422 -27.99 -1.08 22.86
C PRO A 422 -28.56 0.08 22.07
N GLU A 423 -27.73 1.01 21.61
CA GLU A 423 -28.23 2.08 20.76
C GLU A 423 -28.54 1.56 19.36
N THR A 424 -27.78 0.59 18.88
CA THR A 424 -28.04 -0.02 17.58
C THR A 424 -29.17 -1.05 17.69
N LYS A 425 -29.99 -1.12 16.65
CA LYS A 425 -31.12 -2.03 16.60
C LYS A 425 -30.90 -2.98 15.43
N VAL A 426 -30.76 -4.26 15.73
CA VAL A 426 -30.43 -5.25 14.71
C VAL A 426 -31.55 -6.28 14.64
N CYS A 427 -31.46 -7.14 13.63
CA CYS A 427 -32.45 -8.17 13.37
C CYS A 427 -32.36 -9.27 14.44
N PRO A 428 -33.35 -10.16 14.53
CA PRO A 428 -33.21 -11.28 15.49
C PRO A 428 -32.07 -12.23 15.18
N THR A 429 -31.82 -12.54 13.91
CA THR A 429 -30.83 -13.55 13.60
C THR A 429 -29.40 -13.01 13.58
N CYS A 430 -29.20 -11.74 13.92
CA CYS A 430 -27.86 -11.29 14.29
C CYS A 430 -27.69 -11.19 15.80
N ASN A 431 -28.77 -11.28 16.57
CA ASN A 431 -28.61 -11.48 18.00
C ASN A 431 -28.39 -12.94 18.34
N ARG A 432 -28.94 -13.85 17.54
CA ARG A 432 -28.71 -15.26 17.77
C ARG A 432 -27.30 -15.66 17.35
N LEU A 433 -26.71 -14.97 16.37
CA LEU A 433 -25.42 -15.37 15.86
C LEU A 433 -24.25 -14.65 16.53
N VAL A 434 -24.51 -13.70 17.41
CA VAL A 434 -23.44 -13.17 18.25
C VAL A 434 -23.34 -13.97 19.55
N SER A 435 -24.48 -14.46 20.07
CA SER A 435 -24.42 -15.40 21.19
C SER A 435 -23.85 -16.74 20.77
N LEU A 436 -24.01 -17.13 19.51
CA LEU A 436 -23.32 -18.32 19.02
C LEU A 436 -21.83 -18.08 18.90
N GLY A 437 -21.44 -16.87 18.52
CA GLY A 437 -20.01 -16.57 18.34
C GLY A 437 -19.23 -16.58 19.64
N GLY A 438 -19.89 -16.24 20.76
CA GLY A 438 -19.25 -16.42 22.05
C GLY A 438 -19.28 -17.84 22.56
N ASN A 439 -20.22 -18.65 22.06
CA ASN A 439 -20.35 -20.04 22.48
C ASN A 439 -19.60 -21.01 21.60
N LEU A 440 -19.01 -20.55 20.50
CA LEU A 440 -18.21 -21.42 19.63
C LEU A 440 -16.90 -21.96 20.22
N PRO A 441 -16.07 -21.21 20.97
CA PRO A 441 -14.84 -21.83 21.51
C PRO A 441 -15.10 -22.93 22.53
N LYS A 442 -16.27 -22.98 23.16
CA LYS A 442 -16.68 -24.12 23.96
C LYS A 442 -17.94 -24.69 23.32
N LEU A 443 -17.75 -25.50 22.29
CA LEU A 443 -18.87 -26.05 21.53
C LEU A 443 -18.42 -27.37 20.93
N LEU A 444 -19.09 -28.44 21.30
CA LEU A 444 -18.77 -29.76 20.77
C LEU A 444 -19.69 -30.16 19.63
N GLY A 445 -20.74 -29.41 19.38
CA GLY A 445 -21.67 -29.75 18.33
C GLY A 445 -23.04 -29.18 18.62
N PHE A 446 -23.99 -29.61 17.80
CA PHE A 446 -25.34 -29.08 17.81
C PHE A 446 -26.32 -30.23 17.85
N GLY A 447 -27.41 -30.08 18.60
CA GLY A 447 -28.42 -31.10 18.71
C GLY A 447 -29.65 -30.75 17.89
N ARG A 448 -29.99 -31.62 16.95
CA ARG A 448 -31.06 -31.36 16.01
C ARG A 448 -32.38 -31.84 16.60
N THR A 449 -33.32 -30.92 16.79
CA THR A 449 -34.57 -31.23 17.47
C THR A 449 -35.66 -30.36 16.87
N ALA A 450 -36.85 -30.39 17.48
CA ALA A 450 -37.97 -29.60 16.98
C ALA A 450 -37.71 -28.11 17.17
N LYS A 451 -38.32 -27.31 16.30
CA LYS A 451 -38.01 -25.88 16.26
C LYS A 451 -38.62 -25.12 17.43
N ASN A 452 -39.76 -25.57 17.93
CA ASN A 452 -40.39 -24.96 19.10
C ASN A 452 -40.02 -25.74 20.35
N ASP A 453 -38.75 -25.60 20.72
CA ASP A 453 -38.18 -26.35 21.84
C ASP A 453 -37.32 -25.39 22.65
N ALA A 454 -37.07 -25.79 23.90
CA ALA A 454 -36.33 -24.94 24.83
C ALA A 454 -34.85 -24.93 24.49
N GLY A 455 -34.30 -23.73 24.35
CA GLY A 455 -32.88 -23.57 24.08
C GLY A 455 -32.49 -23.62 22.63
N VAL A 456 -33.45 -23.56 21.70
CA VAL A 456 -33.15 -23.55 20.28
C VAL A 456 -32.53 -22.20 19.93
N LEU A 457 -31.26 -22.22 19.56
CA LEU A 457 -30.51 -20.99 19.34
C LEU A 457 -30.41 -20.61 17.88
N VAL A 458 -30.36 -21.56 16.95
CA VAL A 458 -30.46 -21.29 15.52
C VAL A 458 -31.42 -22.30 14.91
N GLU A 459 -32.12 -21.87 13.86
CA GLU A 459 -33.12 -22.70 13.21
C GLU A 459 -32.79 -22.86 11.73
N GLY A 460 -33.03 -24.05 11.20
CA GLY A 460 -32.94 -24.29 9.80
C GLY A 460 -34.32 -24.37 9.18
N PRO A 461 -34.41 -24.85 7.94
CA PRO A 461 -35.72 -24.89 7.28
C PRO A 461 -36.64 -25.95 7.83
N PHE A 462 -36.10 -27.00 8.44
CA PHE A 462 -36.92 -28.10 8.93
C PHE A 462 -36.82 -28.30 10.43
N SER A 463 -35.64 -28.13 11.00
CA SER A 463 -35.41 -28.46 12.40
C SER A 463 -34.63 -27.35 13.07
N GLY A 464 -34.67 -27.34 14.40
CA GLY A 464 -33.98 -26.36 15.20
C GLY A 464 -32.80 -27.00 15.89
N PHE A 465 -31.77 -26.19 16.17
CA PHE A 465 -30.50 -26.68 16.65
C PHE A 465 -30.21 -26.05 18.00
N VAL A 466 -29.85 -26.88 18.97
CA VAL A 466 -29.46 -26.43 20.30
C VAL A 466 -27.96 -26.64 20.45
N PRO A 467 -27.21 -25.68 20.99
CA PRO A 467 -25.76 -25.85 21.13
C PRO A 467 -25.44 -26.84 22.24
N TYR A 468 -24.71 -27.89 21.89
CA TYR A 468 -24.20 -28.85 22.86
C TYR A 468 -22.86 -28.31 23.37
N LEU A 469 -22.87 -27.76 24.58
CA LEU A 469 -21.74 -27.04 25.14
C LEU A 469 -20.65 -28.02 25.59
N GLN A 470 -19.57 -27.47 26.14
CA GLN A 470 -18.44 -28.29 26.59
C GLN A 470 -18.82 -29.15 27.79
N GLY A 471 -19.57 -28.59 28.73
CA GLY A 471 -19.96 -29.34 29.91
C GLY A 471 -21.46 -29.45 30.10
N GLY A 472 -22.19 -29.63 29.00
CA GLY A 472 -23.64 -29.73 29.05
C GLY A 472 -24.12 -31.09 28.56
N ARG A 473 -25.43 -31.29 28.69
CA ARG A 473 -25.94 -32.57 28.20
C ARG A 473 -26.61 -32.39 26.85
N PRO A 474 -26.49 -33.35 25.94
CA PRO A 474 -27.07 -33.16 24.61
C PRO A 474 -28.54 -33.54 24.57
N VAL A 475 -29.32 -32.74 23.86
CA VAL A 475 -30.74 -33.00 23.67
C VAL A 475 -31.05 -32.87 22.18
N GLY A 476 -31.93 -33.73 21.71
CA GLY A 476 -32.28 -33.80 20.30
C GLY A 476 -32.38 -35.24 19.84
N GLU A 477 -33.13 -35.45 18.78
CA GLU A 477 -33.27 -36.78 18.22
C GLU A 477 -32.01 -37.21 17.46
N GLN A 478 -31.17 -36.26 17.07
CA GLN A 478 -29.89 -36.59 16.45
C GLN A 478 -28.89 -35.48 16.68
N ILE A 479 -27.70 -35.86 17.13
CA ILE A 479 -26.65 -34.94 17.52
C ILE A 479 -25.61 -34.86 16.41
N LEU A 480 -25.18 -33.64 16.10
CA LEU A 480 -24.16 -33.39 15.08
C LEU A 480 -22.86 -33.09 15.82
N VAL A 481 -21.99 -34.06 15.92
CA VAL A 481 -20.78 -33.92 16.72
C VAL A 481 -19.64 -33.47 15.83
N LYS A 482 -18.85 -32.52 16.32
CA LYS A 482 -17.90 -31.77 15.53
C LYS A 482 -16.50 -32.34 15.65
N ASN A 483 -15.86 -32.59 14.50
CA ASN A 483 -14.43 -32.88 14.35
C ASN A 483 -13.97 -34.14 15.04
N THR A 484 -14.84 -35.10 15.32
CA THR A 484 -14.38 -36.36 15.86
C THR A 484 -15.26 -37.49 15.37
N LEU A 485 -14.67 -38.68 15.29
CA LEU A 485 -15.39 -39.90 14.96
C LEU A 485 -15.63 -40.76 16.20
N ASN A 486 -15.60 -40.15 17.38
CA ASN A 486 -15.84 -40.84 18.64
C ASN A 486 -17.09 -40.28 19.30
N PRO A 487 -18.15 -41.08 19.49
CA PRO A 487 -19.30 -40.61 20.25
C PRO A 487 -19.05 -40.73 21.74
N GLY A 488 -19.21 -39.62 22.45
CA GLY A 488 -18.98 -39.62 23.88
C GLY A 488 -19.95 -38.72 24.63
N GLU A 489 -20.47 -39.24 25.76
CA GLU A 489 -21.43 -38.54 26.63
C GLU A 489 -22.69 -38.13 25.89
N ILE A 490 -23.11 -38.95 24.93
CA ILE A 490 -24.38 -38.76 24.24
C ILE A 490 -25.26 -39.96 24.59
N PRO A 491 -26.57 -39.83 24.48
CA PRO A 491 -27.44 -41.00 24.67
C PRO A 491 -27.25 -42.03 23.57
N GLU A 492 -27.75 -43.24 23.83
CA GLU A 492 -27.61 -44.33 22.88
C GLU A 492 -28.44 -44.08 21.62
N SER A 493 -29.69 -43.65 21.78
CA SER A 493 -30.57 -43.47 20.64
C SER A 493 -30.46 -42.09 20.01
N ALA A 494 -29.28 -41.46 20.12
CA ALA A 494 -29.11 -40.07 19.75
C ALA A 494 -28.51 -39.88 18.37
N GLN A 495 -28.37 -40.95 17.57
CA GLN A 495 -28.21 -40.91 16.11
C GLN A 495 -26.97 -40.09 15.70
N PHE A 496 -25.81 -40.68 16.00
CA PHE A 496 -24.53 -39.98 15.89
C PHE A 496 -24.18 -39.61 14.45
N VAL A 497 -24.14 -38.31 14.18
CA VAL A 497 -23.73 -37.78 12.88
C VAL A 497 -22.44 -36.99 13.06
N PRO A 498 -21.31 -37.49 12.60
CA PRO A 498 -20.06 -36.71 12.73
C PRO A 498 -19.81 -35.78 11.55
N TYR A 499 -19.45 -34.54 11.83
CA TYR A 499 -19.10 -33.60 10.79
C TYR A 499 -17.79 -32.93 11.15
N PHE A 500 -17.05 -32.52 10.12
CA PHE A 500 -15.74 -31.93 10.29
C PHE A 500 -15.76 -30.50 9.80
N VAL A 501 -14.93 -29.66 10.42
CA VAL A 501 -14.82 -28.27 10.02
C VAL A 501 -13.41 -27.80 10.37
N ALA A 502 -12.84 -26.96 9.51
CA ALA A 502 -11.56 -26.33 9.80
C ALA A 502 -11.83 -25.22 10.80
N ASP A 503 -11.44 -25.44 12.06
CA ASP A 503 -11.91 -24.59 13.15
C ASP A 503 -10.77 -23.93 13.92
N TYR A 504 -9.65 -23.68 13.27
CA TYR A 504 -8.56 -23.01 13.96
C TYR A 504 -8.87 -21.53 14.13
N PHE A 505 -8.61 -21.00 15.32
CA PHE A 505 -8.81 -19.59 15.57
C PHE A 505 -7.82 -19.15 16.64
N LYS A 506 -7.31 -17.94 16.50
CA LYS A 506 -6.44 -17.37 17.52
C LYS A 506 -7.26 -16.92 18.71
N LYS A 507 -6.88 -17.39 19.90
CA LYS A 507 -7.59 -17.02 21.11
C LYS A 507 -6.99 -15.78 21.74
N ASP A 508 -7.86 -14.92 22.26
CA ASP A 508 -7.57 -13.65 22.90
C ASP A 508 -7.12 -13.87 24.35
N PRO A 509 -6.87 -12.83 25.16
CA PRO A 509 -6.79 -13.08 26.62
C PRO A 509 -8.03 -13.70 27.24
N LYS A 510 -9.21 -13.58 26.63
CA LYS A 510 -10.37 -14.37 27.02
C LYS A 510 -10.29 -15.73 26.34
N GLY A 511 -11.40 -16.47 26.32
CA GLY A 511 -11.39 -17.70 25.57
C GLY A 511 -11.87 -17.59 24.14
N GLY A 512 -12.39 -16.42 23.76
CA GLY A 512 -13.06 -16.26 22.48
C GLY A 512 -12.12 -16.11 21.30
N VAL A 513 -12.67 -15.60 20.21
CA VAL A 513 -11.95 -15.44 18.95
C VAL A 513 -11.33 -14.05 18.94
N ALA A 514 -10.09 -13.96 18.45
CA ALA A 514 -9.42 -12.67 18.38
C ALA A 514 -10.09 -11.75 17.38
N THR A 515 -9.97 -10.46 17.62
CA THR A 515 -10.70 -9.47 16.85
C THR A 515 -9.84 -9.10 15.64
N PHE A 516 -10.30 -8.15 14.82
CA PHE A 516 -9.45 -7.63 13.77
C PHE A 516 -8.35 -6.74 14.31
N GLU A 517 -8.51 -6.18 15.53
CA GLU A 517 -7.41 -5.46 16.16
C GLU A 517 -6.26 -6.40 16.51
N GLU A 518 -6.57 -7.52 17.15
CA GLU A 518 -5.53 -8.38 17.67
C GLU A 518 -4.84 -9.19 16.59
N LEU A 519 -5.44 -9.30 15.42
CA LEU A 519 -4.77 -9.89 14.28
C LEU A 519 -3.97 -8.87 13.50
N SER A 520 -4.43 -7.62 13.48
CA SER A 520 -3.65 -6.54 12.87
C SER A 520 -2.45 -6.18 13.73
N MET A 521 -2.53 -6.41 15.04
CA MET A 521 -1.35 -6.44 15.86
C MET A 521 -0.62 -7.76 15.68
N ALA A 522 0.54 -7.87 16.32
CA ALA A 522 1.42 -9.05 16.30
C ALA A 522 1.88 -9.44 14.91
N SER A 523 1.83 -8.52 13.95
CA SER A 523 2.38 -8.71 12.62
C SER A 523 3.66 -7.90 12.52
N THR A 524 4.72 -8.51 11.98
CA THR A 524 6.02 -7.87 11.92
C THR A 524 6.00 -6.72 10.92
N GLY A 525 6.43 -5.55 11.37
CA GLY A 525 6.51 -4.40 10.49
C GLY A 525 5.29 -3.51 10.58
N THR A 526 4.62 -3.34 9.45
CA THR A 526 3.39 -2.57 9.43
C THR A 526 2.27 -3.37 10.08
N ARG A 527 1.23 -2.66 10.51
CA ARG A 527 0.03 -3.30 11.04
C ARG A 527 -1.03 -3.30 9.94
N ARG A 528 -1.20 -4.45 9.32
CA ARG A 528 -2.18 -4.66 8.26
C ARG A 528 -2.79 -6.04 8.45
N LEU A 529 -4.00 -6.21 7.95
CA LEU A 529 -4.70 -7.48 8.03
C LEU A 529 -4.44 -8.24 6.74
N GLY A 530 -4.03 -9.50 6.87
CA GLY A 530 -3.81 -10.37 5.73
C GLY A 530 -5.01 -11.27 5.53
N VAL A 531 -5.47 -11.33 4.28
CA VAL A 531 -6.65 -12.08 3.89
C VAL A 531 -6.26 -12.94 2.70
N MET A 532 -6.33 -14.26 2.87
CA MET A 532 -6.04 -15.17 1.78
C MET A 532 -7.29 -15.92 1.37
N LYS A 533 -7.39 -16.18 0.08
CA LYS A 533 -8.52 -16.91 -0.48
C LYS A 533 -8.00 -17.73 -1.62
N GLY A 534 -8.35 -19.01 -1.66
CA GLY A 534 -7.88 -19.87 -2.70
C GLY A 534 -8.85 -21.00 -2.97
N ASP A 535 -8.53 -21.78 -3.99
CA ASP A 535 -9.30 -22.96 -4.32
C ASP A 535 -8.41 -23.95 -5.07
N VAL A 536 -8.96 -25.11 -5.32
CA VAL A 536 -8.28 -26.15 -6.08
C VAL A 536 -8.74 -26.05 -7.52
N ASP A 537 -7.79 -26.06 -8.44
CA ASP A 537 -8.05 -25.78 -9.84
C ASP A 537 -8.27 -27.06 -10.62
N ARG A 538 -9.18 -26.98 -11.61
CA ARG A 538 -9.57 -28.10 -12.47
C ARG A 538 -10.07 -29.29 -11.66
N LEU A 539 -10.82 -28.99 -10.60
CA LEU A 539 -11.29 -30.01 -9.69
C LEU A 539 -12.54 -30.69 -10.21
N GLY A 540 -13.36 -29.97 -10.99
CA GLY A 540 -14.51 -30.58 -11.62
C GLY A 540 -14.14 -31.57 -12.70
N GLU A 541 -13.01 -31.36 -13.36
CA GLU A 541 -12.49 -32.37 -14.27
C GLU A 541 -12.07 -33.63 -13.53
N PHE A 542 -11.42 -33.45 -12.37
CA PHE A 542 -10.89 -34.59 -11.63
C PHE A 542 -11.99 -35.49 -11.08
N PHE A 543 -13.12 -34.91 -10.67
CA PHE A 543 -14.24 -35.73 -10.21
C PHE A 543 -14.99 -36.39 -11.35
N SER A 544 -14.73 -36.00 -12.60
CA SER A 544 -15.36 -36.63 -13.75
C SER A 544 -14.55 -37.78 -14.31
N SER A 545 -13.43 -38.11 -13.69
CA SER A 545 -12.63 -39.27 -14.10
C SER A 545 -13.15 -40.56 -13.48
N MET A 546 -14.07 -40.48 -12.53
CA MET A 546 -14.43 -41.62 -11.70
C MET A 546 -15.37 -42.57 -12.43
N ASP A 547 -15.03 -43.85 -12.41
CA ASP A 547 -15.83 -44.87 -13.07
C ASP A 547 -17.01 -45.29 -12.22
N SER A 548 -16.75 -45.76 -11.03
CA SER A 548 -17.74 -46.26 -10.10
C SER A 548 -18.11 -45.19 -9.10
N PRO A 549 -19.25 -45.31 -8.40
CA PRO A 549 -19.52 -44.37 -7.30
C PRO A 549 -18.69 -44.62 -6.06
N SER A 550 -17.99 -45.75 -5.98
CA SER A 550 -17.03 -45.96 -4.91
C SER A 550 -15.72 -45.23 -5.16
N LYS A 551 -15.42 -44.90 -6.42
CA LYS A 551 -14.27 -44.06 -6.69
C LYS A 551 -14.58 -42.60 -6.43
N LEU A 552 -15.82 -42.17 -6.66
CA LEU A 552 -16.23 -40.83 -6.29
C LEU A 552 -16.29 -40.68 -4.79
N ALA A 553 -16.60 -41.75 -4.08
CA ALA A 553 -16.63 -41.74 -2.62
C ALA A 553 -15.23 -41.53 -2.06
N THR A 554 -14.22 -42.12 -2.71
CA THR A 554 -12.85 -41.99 -2.23
C THR A 554 -12.24 -40.66 -2.64
N ALA A 555 -12.51 -40.22 -3.87
CA ALA A 555 -11.89 -39.01 -4.37
C ALA A 555 -12.42 -37.76 -3.69
N SER A 556 -13.69 -37.76 -3.30
CA SER A 556 -14.29 -36.59 -2.68
C SER A 556 -14.10 -36.54 -1.17
N ARG A 557 -13.60 -37.61 -0.57
CA ARG A 557 -13.41 -37.69 0.87
C ARG A 557 -11.97 -37.48 1.27
N PHE A 558 -11.01 -37.95 0.47
CA PHE A 558 -9.63 -37.56 0.69
C PHE A 558 -9.42 -36.11 0.36
N MET A 559 -10.15 -35.61 -0.64
CA MET A 559 -10.05 -34.21 -1.01
C MET A 559 -10.60 -33.31 0.08
N ASP A 560 -11.63 -33.76 0.78
CA ASP A 560 -12.24 -32.94 1.80
C ASP A 560 -11.43 -32.94 3.09
N TYR A 561 -10.69 -34.01 3.35
CA TYR A 561 -9.94 -34.13 4.60
C TYR A 561 -8.68 -33.28 4.62
N PHE A 562 -8.17 -32.84 3.48
CA PHE A 562 -7.05 -31.92 3.51
C PHE A 562 -7.47 -30.56 4.04
N PHE A 563 -8.65 -30.11 3.67
CA PHE A 563 -9.13 -28.80 4.05
C PHE A 563 -9.93 -28.80 5.34
N LYS A 564 -10.60 -29.91 5.64
CA LYS A 564 -11.31 -30.02 6.93
C LYS A 564 -10.37 -30.43 8.04
N GLY A 565 -9.51 -31.40 7.80
CA GLY A 565 -8.73 -31.98 8.86
C GLY A 565 -7.27 -31.61 8.90
N TYR A 566 -6.62 -31.57 7.75
CA TYR A 566 -5.17 -31.41 7.71
C TYR A 566 -4.72 -29.99 7.41
N ILE A 567 -5.64 -29.02 7.33
CA ILE A 567 -5.19 -27.64 7.18
C ILE A 567 -4.95 -27.02 8.53
N GLY A 568 -5.47 -27.61 9.61
CA GLY A 568 -5.22 -27.07 10.93
C GLY A 568 -3.88 -27.49 11.48
N ALA A 569 -3.36 -28.63 11.04
CA ALA A 569 -2.02 -29.04 11.43
C ALA A 569 -0.94 -28.27 10.69
N ILE A 570 -1.24 -27.76 9.50
CA ILE A 570 -0.30 -26.93 8.78
C ILE A 570 -0.10 -25.60 9.50
N ILE A 571 -1.14 -25.09 10.15
CA ILE A 571 -1.01 -23.84 10.88
C ILE A 571 -0.23 -24.05 12.17
N GLU A 572 -0.37 -25.23 12.78
CA GLU A 572 0.29 -25.53 14.04
C GLU A 572 1.73 -25.97 13.88
N GLY A 573 2.37 -25.66 12.76
CA GLY A 573 3.77 -25.94 12.57
C GLY A 573 4.12 -27.39 12.31
N LYS A 574 3.13 -28.26 12.18
CA LYS A 574 3.39 -29.66 11.95
C LYS A 574 3.77 -29.85 10.48
N PHE A 575 4.30 -31.04 10.17
CA PHE A 575 4.59 -31.51 8.82
C PHE A 575 5.68 -30.68 8.14
N GLY A 576 6.57 -30.09 8.94
CA GLY A 576 7.59 -29.21 8.41
C GLY A 576 8.75 -29.92 7.74
N TYR A 577 8.93 -31.21 7.99
CA TYR A 577 9.97 -31.95 7.28
C TYR A 577 9.61 -32.12 5.81
N ILE A 578 8.33 -32.32 5.52
CA ILE A 578 7.90 -32.48 4.14
C ILE A 578 7.89 -31.13 3.43
N ILE A 579 7.65 -30.06 4.18
CA ILE A 579 7.47 -28.74 3.58
C ILE A 579 8.83 -28.07 3.32
N GLY A 580 9.78 -28.25 4.21
CA GLY A 580 11.13 -27.77 3.97
C GLY A 580 11.30 -26.34 4.44
N ASP A 581 11.67 -25.46 3.52
CA ASP A 581 11.90 -24.05 3.82
C ASP A 581 11.07 -23.20 2.87
N VAL A 582 10.20 -22.37 3.43
CA VAL A 582 9.27 -21.55 2.66
C VAL A 582 9.63 -20.10 2.91
N PRO A 583 9.18 -19.17 2.03
CA PRO A 583 9.40 -17.74 2.31
C PRO A 583 8.74 -17.21 3.57
N SER A 584 9.56 -16.92 4.57
CA SER A 584 9.13 -16.50 5.89
C SER A 584 9.70 -15.13 6.21
N LEU A 585 9.03 -14.42 7.11
CA LEU A 585 9.53 -13.16 7.64
C LEU A 585 9.93 -13.27 9.09
N ARG A 586 9.57 -14.36 9.77
CA ARG A 586 9.85 -14.56 11.18
C ARG A 586 9.74 -16.05 11.47
N ASP A 587 10.29 -16.46 12.62
CA ASP A 587 10.17 -17.85 13.03
C ASP A 587 8.72 -18.15 13.40
N TRP A 588 8.26 -19.33 13.02
CA TRP A 588 6.86 -19.67 13.10
C TRP A 588 6.44 -19.88 14.55
N PRO A 589 5.46 -19.14 15.06
CA PRO A 589 5.12 -19.23 16.48
C PRO A 589 4.37 -20.52 16.79
N GLU A 590 4.25 -20.78 18.10
CA GLU A 590 3.51 -21.95 18.54
C GLU A 590 2.01 -21.74 18.39
N GLU A 591 1.55 -20.51 18.59
CA GLU A 591 0.14 -20.15 18.45
C GLU A 591 0.02 -19.00 17.45
N PRO A 592 -0.08 -19.29 16.16
CA PRO A 592 -0.17 -18.22 15.15
C PRO A 592 -1.49 -17.45 15.24
N ASP A 593 -1.42 -16.15 14.96
CA ASP A 593 -2.63 -15.32 14.94
C ASP A 593 -3.26 -15.44 13.56
N ILE A 594 -3.89 -16.59 13.35
CA ILE A 594 -4.52 -16.98 12.10
C ILE A 594 -5.94 -17.40 12.45
N VAL A 595 -6.92 -16.85 11.75
CA VAL A 595 -8.31 -17.26 11.94
C VAL A 595 -8.82 -17.87 10.66
N VAL A 596 -9.18 -19.15 10.72
CA VAL A 596 -9.77 -19.85 9.59
C VAL A 596 -11.27 -19.54 9.59
N VAL A 597 -11.73 -18.84 8.56
CA VAL A 597 -13.14 -18.53 8.44
C VAL A 597 -13.90 -19.70 7.81
N TYR A 598 -13.42 -20.16 6.66
CA TYR A 598 -14.12 -21.13 5.84
C TYR A 598 -13.08 -21.95 5.09
N ALA A 599 -13.31 -23.24 4.98
CA ALA A 599 -12.37 -24.15 4.28
C ALA A 599 -13.15 -25.34 3.76
N GLY A 600 -13.73 -25.24 2.58
CA GLY A 600 -14.56 -26.33 2.01
C GLY A 600 -13.74 -27.31 1.21
N GLY A 601 -14.41 -28.18 0.44
CA GLY A 601 -13.75 -29.20 -0.38
C GLY A 601 -12.58 -28.66 -1.20
N ASP A 602 -12.74 -27.52 -1.87
CA ASP A 602 -11.65 -26.97 -2.69
C ASP A 602 -11.52 -25.47 -2.44
N ASP A 603 -12.09 -24.95 -1.36
CA ASP A 603 -12.03 -23.49 -1.10
C ASP A 603 -11.51 -23.25 0.31
N PHE A 604 -10.96 -22.06 0.57
CA PHE A 604 -10.44 -21.71 1.92
C PHE A 604 -10.28 -20.20 2.03
N PHE A 605 -10.94 -19.59 3.00
CA PHE A 605 -10.84 -18.17 3.29
C PHE A 605 -10.27 -18.02 4.70
N ILE A 606 -9.13 -17.37 4.81
CA ILE A 606 -8.38 -17.29 6.07
C ILE A 606 -7.90 -15.87 6.27
N VAL A 607 -8.17 -15.30 7.44
CA VAL A 607 -7.71 -13.95 7.79
C VAL A 607 -6.72 -14.05 8.94
N GLY A 608 -5.90 -13.02 9.09
CA GLY A 608 -4.95 -12.99 10.19
C GLY A 608 -3.89 -11.92 9.98
N ALA A 609 -2.75 -12.10 10.64
CA ALA A 609 -1.63 -11.18 10.48
C ALA A 609 -0.98 -11.38 9.13
N TRP A 610 -0.55 -10.28 8.51
CA TRP A 610 -0.17 -10.32 7.11
C TRP A 610 1.13 -11.07 6.89
N ASP A 611 2.03 -11.08 7.86
CA ASP A 611 3.29 -11.78 7.69
C ASP A 611 3.13 -13.27 7.89
N GLN A 612 2.04 -13.70 8.52
CA GLN A 612 1.76 -15.12 8.68
C GLN A 612 0.68 -15.62 7.74
N ILE A 613 -0.12 -14.72 7.18
CA ILE A 613 -0.94 -15.09 6.03
C ILE A 613 -0.06 -15.35 4.82
N PHE A 614 1.01 -14.56 4.67
CA PHE A 614 1.97 -14.77 3.59
C PHE A 614 2.70 -16.10 3.70
N GLU A 615 3.17 -16.45 4.90
CA GLU A 615 3.90 -17.71 5.04
C GLU A 615 2.97 -18.91 4.96
N LEU A 616 1.73 -18.77 5.42
CA LEU A 616 0.77 -19.86 5.34
C LEU A 616 0.38 -20.16 3.89
N ALA A 617 0.48 -19.17 3.01
CA ALA A 617 0.14 -19.38 1.61
C ALA A 617 1.08 -20.36 0.93
N PHE A 618 2.34 -20.36 1.33
CA PHE A 618 3.33 -21.26 0.75
C PHE A 618 3.43 -22.55 1.51
N ARG A 619 3.13 -22.52 2.81
CA ARG A 619 3.17 -23.73 3.62
C ARG A 619 2.01 -24.66 3.27
N VAL A 620 0.86 -24.11 2.87
CA VAL A 620 -0.29 -24.91 2.48
C VAL A 620 -0.08 -25.52 1.10
N ARG A 621 0.41 -24.72 0.14
CA ARG A 621 0.60 -25.22 -1.22
C ARG A 621 1.68 -26.28 -1.30
N ARG A 622 2.76 -26.10 -0.54
CA ARG A 622 3.82 -27.09 -0.52
C ARG A 622 3.36 -28.38 0.13
N ALA A 623 2.43 -28.31 1.07
CA ALA A 623 1.87 -29.51 1.67
C ALA A 623 0.73 -30.09 0.86
N PHE A 624 0.01 -29.25 0.11
CA PHE A 624 -0.98 -29.76 -0.83
C PHE A 624 -0.33 -30.51 -1.98
N ASN A 625 0.88 -30.12 -2.36
CA ASN A 625 1.65 -30.83 -3.37
C ASN A 625 2.04 -32.22 -2.89
N ALA A 626 2.32 -32.37 -1.60
CA ALA A 626 2.69 -33.67 -1.07
C ALA A 626 1.49 -34.56 -0.83
N TYR A 627 0.34 -33.96 -0.52
CA TYR A 627 -0.86 -34.75 -0.22
C TYR A 627 -1.39 -35.40 -1.49
N THR A 628 -1.48 -34.64 -2.57
CA THR A 628 -1.67 -35.22 -3.90
C THR A 628 -0.32 -35.71 -4.41
N GLY A 629 -0.27 -36.14 -5.66
CA GLY A 629 1.01 -36.56 -6.20
C GLY A 629 1.59 -35.51 -7.12
N GLY A 630 1.21 -34.26 -6.93
CA GLY A 630 1.57 -33.21 -7.84
C GLY A 630 0.58 -33.00 -8.96
N LYS A 631 -0.53 -33.73 -8.95
CA LYS A 631 -1.46 -33.69 -10.07
C LYS A 631 -2.45 -32.54 -9.96
N LEU A 632 -2.75 -32.10 -8.75
CA LEU A 632 -3.65 -30.99 -8.50
C LEU A 632 -2.89 -29.88 -7.80
N THR A 633 -3.23 -28.63 -8.12
CA THR A 633 -2.50 -27.50 -7.60
C THR A 633 -3.40 -26.47 -6.92
N LEU A 634 -2.86 -25.32 -6.56
CA LEU A 634 -3.61 -24.28 -5.87
C LEU A 634 -3.39 -22.93 -6.51
N SER A 635 -4.48 -22.23 -6.79
CA SER A 635 -4.45 -20.80 -7.01
C SER A 635 -4.76 -20.13 -5.68
N VAL A 636 -3.95 -19.14 -5.30
CA VAL A 636 -4.14 -18.41 -4.05
C VAL A 636 -4.06 -16.92 -4.37
N GLY A 637 -5.06 -16.16 -3.91
CA GLY A 637 -4.99 -14.72 -3.90
C GLY A 637 -4.72 -14.23 -2.50
N LEU A 638 -3.79 -13.28 -2.38
CA LEU A 638 -3.42 -12.69 -1.12
C LEU A 638 -3.77 -11.20 -1.12
N GLY A 639 -4.08 -10.68 0.05
CA GLY A 639 -4.42 -9.28 0.18
C GLY A 639 -3.87 -8.72 1.47
N TYR A 640 -3.66 -7.41 1.47
CA TYR A 640 -3.15 -6.69 2.63
C TYR A 640 -3.96 -5.41 2.76
N PHE A 641 -4.64 -5.24 3.89
CA PHE A 641 -5.68 -4.24 4.01
C PHE A 641 -5.50 -3.44 5.29
N ASP A 642 -6.13 -2.27 5.31
CA ASP A 642 -6.37 -1.60 6.56
C ASP A 642 -7.35 -2.44 7.38
N GLU A 643 -7.19 -2.36 8.70
CA GLU A 643 -8.04 -3.15 9.59
C GLU A 643 -9.49 -2.70 9.53
N ARG A 644 -9.73 -1.41 9.72
CA ARG A 644 -11.08 -0.84 9.79
C ARG A 644 -11.69 -0.59 8.41
N THR A 645 -11.61 -1.59 7.55
CA THR A 645 -12.18 -1.84 6.25
C THR A 645 -13.31 -2.84 6.39
N PRO A 646 -14.45 -2.61 5.74
CA PRO A 646 -15.56 -3.56 5.83
C PRO A 646 -15.20 -4.90 5.21
N ILE A 647 -15.67 -5.97 5.84
CA ILE A 647 -15.26 -7.32 5.43
C ILE A 647 -15.89 -7.73 4.10
N TYR A 648 -16.98 -7.09 3.66
CA TYR A 648 -17.47 -7.36 2.33
C TYR A 648 -16.55 -6.79 1.27
N ARG A 649 -15.67 -5.86 1.64
CA ARG A 649 -14.74 -5.23 0.74
C ARG A 649 -13.39 -5.91 0.75
N MET A 650 -12.98 -6.48 1.89
CA MET A 650 -11.80 -7.35 1.91
C MET A 650 -12.06 -8.62 1.11
N ALA A 651 -13.25 -9.19 1.22
CA ALA A 651 -13.59 -10.38 0.46
C ALA A 651 -13.76 -10.08 -1.01
N ASP A 652 -14.18 -8.86 -1.35
CA ASP A 652 -14.41 -8.50 -2.74
C ASP A 652 -13.11 -8.32 -3.50
N VAL A 653 -12.07 -7.84 -2.83
CA VAL A 653 -10.80 -7.57 -3.50
C VAL A 653 -10.02 -8.86 -3.73
N VAL A 654 -9.97 -9.74 -2.72
CA VAL A 654 -9.22 -10.97 -2.88
C VAL A 654 -9.95 -11.97 -3.77
N SER A 655 -11.28 -11.88 -3.86
CA SER A 655 -11.99 -12.64 -4.88
C SER A 655 -11.67 -12.15 -6.28
N GLU A 656 -11.44 -10.85 -6.43
CA GLU A 656 -10.97 -10.29 -7.68
C GLU A 656 -9.49 -10.55 -7.93
N ARG A 657 -8.75 -10.98 -6.92
CA ARG A 657 -7.35 -11.37 -7.11
C ARG A 657 -7.17 -12.86 -7.29
N LEU A 658 -8.10 -13.67 -6.79
CA LEU A 658 -8.00 -15.11 -6.94
C LEU A 658 -8.36 -15.56 -8.34
N ASP A 659 -9.27 -14.87 -9.02
CA ASP A 659 -9.56 -15.20 -10.40
C ASP A 659 -8.64 -14.49 -11.38
N THR A 660 -8.01 -13.39 -10.97
CA THR A 660 -6.91 -12.83 -11.74
C THR A 660 -5.73 -13.79 -11.78
N ALA A 661 -5.47 -14.48 -10.67
CA ALA A 661 -4.45 -15.52 -10.63
C ALA A 661 -4.95 -16.84 -11.20
N LYS A 662 -6.16 -16.91 -11.72
CA LYS A 662 -6.71 -18.18 -12.17
C LYS A 662 -6.87 -18.26 -13.68
N ASP A 663 -7.29 -17.18 -14.32
CA ASP A 663 -7.45 -17.20 -15.77
C ASP A 663 -6.11 -17.18 -16.50
N GLU A 664 -5.02 -16.83 -15.82
CA GLU A 664 -3.74 -16.68 -16.51
C GLU A 664 -3.07 -18.03 -16.74
N GLY A 665 -2.64 -18.68 -15.68
CA GLY A 665 -1.96 -19.96 -15.82
C GLY A 665 -2.47 -20.97 -14.82
N ARG A 666 -3.24 -20.48 -13.85
CA ARG A 666 -4.10 -21.23 -12.93
C ARG A 666 -3.32 -22.00 -11.86
N ASN A 667 -1.99 -22.07 -11.98
CA ASN A 667 -1.13 -22.64 -10.95
C ASN A 667 -0.27 -21.52 -10.40
N ARG A 668 -0.88 -20.40 -10.06
CA ARG A 668 -0.07 -19.24 -9.75
C ARG A 668 -0.70 -18.41 -8.63
N VAL A 669 0.18 -17.89 -7.77
CA VAL A 669 -0.15 -17.11 -6.57
C VAL A 669 -0.17 -15.63 -6.93
N PHE A 670 -0.99 -14.86 -6.23
CA PHE A 670 -1.08 -13.41 -6.39
C PHE A 670 -0.60 -12.83 -5.07
N VAL A 671 0.67 -12.45 -4.98
CA VAL A 671 1.24 -12.07 -3.69
C VAL A 671 0.81 -10.66 -3.29
N VAL A 672 1.20 -9.66 -4.07
CA VAL A 672 1.10 -8.27 -3.66
C VAL A 672 0.54 -7.50 -4.85
N GLY A 673 0.08 -6.27 -4.59
CA GLY A 673 -0.35 -5.40 -5.66
C GLY A 673 0.81 -4.97 -6.54
N ARG A 674 0.49 -4.66 -7.80
CA ARG A 674 1.51 -4.45 -8.81
C ARG A 674 1.03 -3.49 -9.88
N SER A 675 1.87 -2.52 -10.23
CA SER A 675 1.71 -1.71 -11.43
C SER A 675 2.52 -2.35 -12.55
N ARG A 676 1.91 -2.45 -13.73
CA ARG A 676 2.50 -3.18 -14.85
C ARG A 676 2.31 -2.35 -16.12
N PRO A 677 3.04 -2.67 -17.18
CA PRO A 677 2.70 -2.15 -18.51
C PRO A 677 1.53 -2.90 -19.12
N LEU A 678 0.96 -2.30 -20.17
CA LEU A 678 -0.25 -2.79 -20.80
C LEU A 678 0.02 -3.64 -22.03
N ASP A 679 1.26 -4.10 -22.23
CA ASP A 679 1.62 -4.73 -23.49
C ASP A 679 1.18 -6.19 -23.59
N GLY A 680 0.54 -6.75 -22.56
CA GLY A 680 0.00 -8.09 -22.63
C GLY A 680 0.99 -9.20 -22.37
N LYS A 681 2.28 -8.90 -22.32
CA LYS A 681 3.28 -9.90 -21.97
C LYS A 681 3.52 -9.98 -20.47
N HIS A 682 2.97 -9.05 -19.71
CA HIS A 682 3.23 -8.90 -18.28
C HIS A 682 2.01 -9.33 -17.50
N LYS A 683 2.18 -10.34 -16.64
CA LYS A 683 1.11 -10.87 -15.82
C LYS A 683 1.41 -10.57 -14.36
N LEU A 684 0.37 -10.21 -13.61
CA LEU A 684 0.54 -9.68 -12.25
C LEU A 684 0.94 -10.74 -11.24
N SER A 685 0.72 -12.02 -11.54
CA SER A 685 0.73 -13.07 -10.54
C SER A 685 1.83 -14.09 -10.79
N TYR A 686 2.59 -14.39 -9.73
CA TYR A 686 3.72 -15.29 -9.80
C TYR A 686 3.28 -16.74 -9.85
N GLU A 687 3.97 -17.54 -10.65
CA GLU A 687 3.90 -18.98 -10.52
C GLU A 687 4.48 -19.40 -9.18
N TRP A 688 4.05 -20.57 -8.67
CA TRP A 688 4.47 -21.01 -7.35
C TRP A 688 5.95 -21.35 -7.28
N ASN A 689 6.47 -22.05 -8.29
CA ASN A 689 7.88 -22.37 -8.32
C ASN A 689 8.73 -21.17 -8.65
N HIS A 690 8.15 -20.17 -9.31
CA HIS A 690 8.89 -18.96 -9.66
C HIS A 690 9.17 -18.13 -8.42
N TYR A 691 8.17 -17.92 -7.57
CA TYR A 691 8.33 -17.00 -6.45
C TYR A 691 9.18 -17.60 -5.34
N GLU A 692 9.18 -18.92 -5.20
CA GLU A 692 10.09 -19.54 -4.25
C GLU A 692 11.52 -19.57 -4.77
N GLU A 693 11.71 -19.46 -6.08
CA GLU A 693 13.05 -19.36 -6.62
C GLU A 693 13.60 -17.95 -6.45
N LEU A 694 12.75 -16.93 -6.62
CA LEU A 694 13.15 -15.56 -6.35
C LEU A 694 13.37 -15.30 -4.87
N TRP A 695 12.79 -16.13 -4.00
CA TRP A 695 13.03 -15.96 -2.58
C TRP A 695 14.34 -16.60 -2.15
N ARG A 696 14.71 -17.72 -2.77
CA ARG A 696 16.01 -18.31 -2.48
C ARG A 696 17.15 -17.49 -3.06
N THR A 697 16.90 -16.72 -4.13
CA THR A 697 17.91 -15.88 -4.77
C THR A 697 18.06 -14.54 -4.08
N TYR A 698 16.98 -13.75 -4.05
CA TYR A 698 17.07 -12.33 -3.74
C TYR A 698 16.97 -12.01 -2.26
N ALA A 699 16.20 -12.78 -1.50
CA ALA A 699 15.92 -12.46 -0.11
C ALA A 699 17.05 -12.70 0.90
N PRO A 700 17.86 -13.78 0.86
CA PRO A 700 18.90 -13.91 1.89
C PRO A 700 20.08 -12.97 1.71
N ARG A 701 20.11 -12.16 0.64
CA ARG A 701 21.15 -11.14 0.50
C ARG A 701 20.81 -9.89 1.29
N ILE A 702 19.54 -9.49 1.32
CA ILE A 702 19.14 -8.18 1.85
C ILE A 702 18.37 -8.28 3.15
N TYR A 703 18.12 -9.49 3.67
CA TYR A 703 17.16 -9.65 4.75
C TYR A 703 17.62 -10.75 5.69
N ALA A 704 17.50 -10.50 7.00
CA ALA A 704 17.97 -11.43 8.02
C ALA A 704 16.86 -12.05 8.84
N GLY A 705 15.64 -11.54 8.76
CA GLY A 705 14.53 -12.09 9.51
C GLY A 705 14.12 -11.16 10.64
N ASN A 706 12.85 -11.34 11.06
CA ASN A 706 12.25 -10.70 12.24
C ASN A 706 12.25 -9.18 12.12
N GLY A 707 12.03 -8.68 10.91
CA GLY A 707 11.98 -7.24 10.69
C GLY A 707 13.33 -6.56 10.74
N ARG A 708 14.41 -7.28 10.44
CA ARG A 708 15.75 -6.74 10.48
C ARG A 708 16.45 -7.01 9.15
N LEU A 709 17.06 -5.98 8.57
CA LEU A 709 17.81 -6.13 7.34
C LEU A 709 19.12 -6.86 7.60
N LYS A 710 19.78 -7.25 6.51
CA LYS A 710 21.03 -7.97 6.59
C LYS A 710 22.13 -7.05 7.09
N GLY A 711 23.13 -7.62 7.76
CA GLY A 711 24.30 -6.90 8.24
C GLY A 711 25.04 -6.15 7.15
N LYS A 712 25.45 -4.92 7.47
CA LYS A 712 26.02 -3.87 6.61
C LYS A 712 24.99 -3.30 5.63
N LEU A 713 23.72 -3.69 5.73
CA LEU A 713 22.66 -3.10 4.93
C LEU A 713 21.66 -2.38 5.83
N GLU A 714 21.98 -2.23 7.10
CA GLU A 714 21.25 -1.33 7.98
C GLU A 714 21.48 0.11 7.54
N SER A 715 20.52 0.98 7.87
CA SER A 715 20.41 2.36 7.39
C SER A 715 20.42 2.45 5.86
N LYS A 716 19.89 1.43 5.19
CA LYS A 716 19.66 1.45 3.75
C LYS A 716 18.18 1.33 3.44
N LYS A 717 17.32 1.83 4.34
CA LYS A 717 15.88 1.79 4.13
C LYS A 717 15.48 2.63 2.93
N GLY A 718 16.19 3.74 2.71
CA GLY A 718 15.95 4.54 1.54
C GLY A 718 16.53 3.95 0.27
N LEU A 719 17.47 3.02 0.38
CA LEU A 719 18.08 2.42 -0.80
C LEU A 719 17.10 1.54 -1.54
N LEU A 720 16.29 0.77 -0.81
CA LEU A 720 15.44 -0.23 -1.44
C LEU A 720 14.16 0.37 -2.01
N TRP A 721 13.80 1.58 -1.60
CA TRP A 721 12.74 2.31 -2.29
C TRP A 721 13.23 2.94 -3.58
N LYS A 722 14.54 3.15 -3.73
CA LYS A 722 15.07 3.67 -4.98
C LYS A 722 14.97 2.63 -6.10
N LEU A 723 15.22 1.36 -5.76
CA LEU A 723 15.15 0.28 -6.73
C LEU A 723 13.73 0.05 -7.23
N LEU A 724 12.72 0.41 -6.45
CA LEU A 724 11.35 0.38 -6.94
C LEU A 724 10.95 1.67 -7.64
N GLU A 725 11.71 2.75 -7.48
CA GLU A 725 11.52 3.92 -8.31
C GLU A 725 12.18 3.74 -9.68
N ILE A 726 13.30 3.03 -9.72
CA ILE A 726 13.90 2.61 -10.98
C ILE A 726 12.97 1.64 -11.70
N ARG A 727 12.33 0.75 -10.94
CA ARG A 727 11.43 -0.25 -11.50
C ARG A 727 10.18 0.37 -12.12
N GLU A 728 9.79 1.57 -11.68
CA GLU A 728 8.64 2.23 -12.29
C GLU A 728 9.00 2.97 -13.57
N LEU A 729 10.29 3.11 -13.88
CA LEU A 729 10.65 3.59 -15.21
C LEU A 729 10.38 2.53 -16.26
N TYR A 730 10.50 1.25 -15.88
CA TYR A 730 10.15 0.15 -16.76
C TYR A 730 8.65 0.11 -17.03
N VAL A 731 7.84 0.58 -16.08
CA VAL A 731 6.40 0.51 -16.21
C VAL A 731 5.89 1.61 -17.14
N ARG A 732 6.51 2.79 -17.12
CA ARG A 732 6.10 3.87 -18.02
C ARG A 732 6.46 3.54 -19.47
N ASP A 733 7.65 2.99 -19.70
CA ASP A 733 8.11 2.63 -21.02
C ASP A 733 9.12 1.49 -20.91
N PRO A 734 8.80 0.30 -21.45
CA PRO A 734 9.81 -0.76 -21.53
C PRO A 734 10.86 -0.53 -22.61
N ASN A 735 11.67 -1.57 -22.87
CA ASN A 735 12.76 -1.59 -23.86
C ASN A 735 13.91 -0.66 -23.48
N ASP A 736 14.19 -0.55 -22.17
CA ASP A 736 15.40 0.05 -21.60
C ASP A 736 15.57 1.52 -22.01
N VAL A 737 14.67 2.36 -21.51
CA VAL A 737 14.87 3.79 -21.68
C VAL A 737 16.01 4.29 -20.78
N ARG A 738 15.93 4.05 -19.47
CA ARG A 738 16.92 4.58 -18.53
C ARG A 738 17.35 3.64 -17.40
N TRP A 739 16.64 2.54 -17.15
CA TRP A 739 16.77 1.83 -15.89
C TRP A 739 18.03 0.99 -15.77
N ALA A 740 18.75 0.75 -16.86
CA ALA A 740 19.84 -0.23 -16.81
C ALA A 740 21.08 0.31 -16.13
N TYR A 741 21.40 1.60 -16.35
CA TYR A 741 22.60 2.18 -15.76
C TYR A 741 22.33 2.86 -14.43
N LEU A 742 21.10 3.32 -14.20
CA LEU A 742 20.75 3.91 -12.91
C LEU A 742 20.82 2.88 -11.79
N THR A 743 20.52 1.62 -12.10
CA THR A 743 20.72 0.54 -11.14
C THR A 743 22.20 0.34 -10.84
N ALA A 744 23.04 0.43 -11.87
CA ALA A 744 24.49 0.33 -11.68
C ALA A 744 25.05 1.56 -10.99
N TYR A 745 24.35 2.69 -11.06
CA TYR A 745 24.81 3.89 -10.38
C TYR A 745 24.52 3.86 -8.88
N LEU A 746 23.31 3.42 -8.50
CA LEU A 746 22.97 3.40 -7.09
C LEU A 746 23.61 2.23 -6.36
N LEU A 747 23.78 1.10 -7.03
CA LEU A 747 24.65 0.05 -6.48
C LEU A 747 26.11 0.47 -6.48
N GLY A 748 26.49 1.40 -7.36
CA GLY A 748 27.86 1.84 -7.45
C GLY A 748 28.29 2.80 -6.36
N ARG A 749 27.42 3.77 -6.04
CA ARG A 749 27.79 4.79 -5.06
C ARG A 749 27.73 4.29 -3.63
N HIS A 750 27.10 3.14 -3.39
CA HIS A 750 27.00 2.57 -2.05
C HIS A 750 28.03 1.48 -1.79
N GLY A 751 28.79 1.09 -2.80
CA GLY A 751 29.82 0.09 -2.62
C GLY A 751 29.35 -1.34 -2.64
N LEU A 752 28.04 -1.58 -2.75
CA LEU A 752 27.49 -2.92 -2.77
C LEU A 752 27.01 -3.24 -4.18
N SER A 753 27.68 -4.19 -4.83
CA SER A 753 27.31 -4.64 -6.16
C SER A 753 26.93 -6.11 -6.21
N ASP A 754 27.25 -6.89 -5.18
CA ASP A 754 26.74 -8.25 -5.08
C ASP A 754 25.23 -8.28 -4.91
N LEU A 755 24.65 -7.20 -4.36
CA LEU A 755 23.22 -7.01 -4.39
C LEU A 755 22.71 -6.91 -5.81
N PHE A 756 22.04 -7.96 -6.25
CA PHE A 756 21.18 -8.03 -7.43
C PHE A 756 21.96 -7.78 -8.72
N PRO A 757 22.83 -8.70 -9.15
CA PRO A 757 23.58 -8.48 -10.39
C PRO A 757 22.74 -8.62 -11.64
N GLU A 758 21.56 -9.23 -11.56
CA GLU A 758 20.72 -9.42 -12.74
C GLU A 758 19.98 -8.15 -13.15
N LEU A 759 20.08 -7.08 -12.38
CA LEU A 759 19.32 -5.87 -12.66
C LEU A 759 20.12 -4.82 -13.43
N VAL A 760 21.45 -4.92 -13.44
CA VAL A 760 22.26 -3.87 -14.05
C VAL A 760 22.45 -4.09 -15.54
N GLY A 761 22.59 -5.32 -15.99
CA GLY A 761 22.82 -5.62 -17.40
C GLY A 761 21.59 -6.26 -18.00
N ILE A 762 21.29 -5.89 -19.25
CA ILE A 762 20.10 -6.37 -19.92
C ILE A 762 20.24 -7.86 -20.23
N ASP A 763 19.14 -8.59 -20.07
CA ASP A 763 19.12 -10.04 -20.22
C ASP A 763 18.76 -10.36 -21.66
N THR A 764 19.72 -10.92 -22.40
CA THR A 764 19.45 -11.37 -23.76
C THR A 764 18.54 -12.58 -23.79
N LYS A 765 18.54 -13.37 -22.71
CA LYS A 765 17.63 -14.50 -22.59
C LYS A 765 16.20 -14.03 -22.40
N ALA A 766 16.01 -12.84 -21.81
CA ALA A 766 14.68 -12.28 -21.67
C ALA A 766 14.15 -11.69 -22.96
N VAL A 767 15.03 -11.15 -23.80
CA VAL A 767 14.58 -10.52 -25.04
C VAL A 767 14.21 -11.57 -26.09
N GLU A 768 14.91 -12.70 -26.11
CA GLU A 768 14.70 -13.71 -27.14
C GLU A 768 13.40 -14.48 -26.99
N ARG A 769 12.83 -14.53 -25.78
CA ARG A 769 11.56 -15.20 -25.57
C ARG A 769 10.40 -14.25 -25.33
N LYS A 770 10.66 -12.94 -25.38
CA LYS A 770 9.67 -11.87 -25.14
C LYS A 770 9.04 -11.97 -23.77
N GLU A 771 9.82 -12.46 -22.80
CA GLU A 771 9.43 -12.46 -21.40
C GLU A 771 9.99 -11.21 -20.72
N PRO A 772 9.39 -10.77 -19.60
CA PRO A 772 9.85 -9.55 -18.96
C PRO A 772 11.25 -9.68 -18.35
N GLN A 773 11.85 -8.52 -18.11
CA GLN A 773 13.20 -8.44 -17.58
C GLN A 773 13.22 -8.88 -16.12
N PRO A 774 14.39 -9.28 -15.60
CA PRO A 774 14.47 -9.61 -14.16
C PRO A 774 14.33 -8.42 -13.24
N VAL A 775 14.26 -7.18 -13.75
CA VAL A 775 13.93 -6.05 -12.89
C VAL A 775 12.43 -5.97 -12.66
N TYR A 776 11.62 -6.65 -13.48
CA TYR A 776 10.17 -6.58 -13.34
C TYR A 776 9.66 -7.51 -12.25
N TRP A 777 10.29 -8.66 -12.06
CA TRP A 777 9.79 -9.64 -11.11
C TRP A 777 10.28 -9.40 -9.69
N VAL A 778 11.16 -8.41 -9.47
CA VAL A 778 11.71 -8.18 -8.13
C VAL A 778 10.79 -7.28 -7.30
N ASP A 779 9.68 -6.83 -7.88
CA ASP A 779 8.69 -6.07 -7.12
C ASP A 779 8.06 -6.89 -6.00
N GLY A 780 7.79 -8.17 -6.27
CA GLY A 780 7.13 -9.00 -5.28
C GLY A 780 8.01 -9.46 -4.14
N VAL A 781 9.33 -9.30 -4.27
CA VAL A 781 10.24 -9.74 -3.22
C VAL A 781 10.70 -8.54 -2.42
N LEU A 782 10.80 -7.38 -3.06
CA LEU A 782 11.19 -6.17 -2.33
C LEU A 782 10.05 -5.63 -1.49
N LYS A 783 8.84 -5.54 -2.07
CA LYS A 783 7.74 -4.85 -1.42
C LYS A 783 7.21 -5.61 -0.22
N ILE A 784 7.43 -6.93 -0.18
CA ILE A 784 7.11 -7.70 1.02
C ILE A 784 8.13 -7.47 2.11
N VAL A 785 9.40 -7.29 1.74
CA VAL A 785 10.43 -7.02 2.73
C VAL A 785 10.36 -5.57 3.22
N LEU A 786 9.93 -4.64 2.38
CA LEU A 786 9.79 -3.25 2.83
C LEU A 786 8.65 -3.08 3.82
N MET A 787 7.59 -3.87 3.71
CA MET A 787 6.54 -3.80 4.72
C MET A 787 6.94 -4.49 6.00
N ALA A 788 7.78 -5.53 5.92
CA ALA A 788 8.20 -6.24 7.12
C ALA A 788 9.30 -5.50 7.87
N VAL A 789 10.05 -4.63 7.20
CA VAL A 789 11.08 -3.86 7.87
C VAL A 789 10.65 -2.41 7.76
N ARG A 790 9.34 -2.17 7.85
CA ARG A 790 8.86 -0.81 8.00
C ARG A 790 9.31 -0.25 9.35
N ARG A 791 8.89 -0.90 10.44
CA ARG A 791 9.41 -0.60 11.76
C ARG A 791 9.71 -1.89 12.50
N VAL B 36 28.72 -9.65 -21.05
CA VAL B 36 28.01 -9.36 -19.81
C VAL B 36 28.56 -8.12 -19.14
N VAL B 37 27.66 -7.31 -18.57
CA VAL B 37 28.10 -6.13 -17.83
C VAL B 37 28.71 -6.53 -16.50
N GLY B 38 28.19 -7.58 -15.88
CA GLY B 38 28.74 -8.06 -14.61
C GLY B 38 30.00 -8.90 -14.79
N ILE B 39 30.22 -9.42 -16.00
CA ILE B 39 31.40 -10.26 -16.23
C ILE B 39 32.69 -9.49 -16.32
N LYS B 40 32.63 -8.23 -16.74
CA LYS B 40 33.83 -7.40 -16.82
C LYS B 40 34.38 -7.04 -15.45
N LYS B 41 33.50 -6.96 -14.44
CA LYS B 41 33.94 -6.66 -13.08
C LYS B 41 34.72 -7.81 -12.46
N MET B 42 34.50 -9.04 -12.90
CA MET B 42 35.32 -10.15 -12.43
C MET B 42 36.72 -10.09 -13.03
N LEU B 43 36.84 -9.56 -14.24
CA LEU B 43 38.13 -9.47 -14.93
C LEU B 43 38.86 -8.17 -14.65
N GLU B 44 38.14 -7.09 -14.35
CA GLU B 44 38.79 -5.81 -14.05
C GLU B 44 39.49 -5.85 -12.70
N GLY B 45 38.86 -6.46 -11.72
CA GLY B 45 39.46 -6.58 -10.39
C GLY B 45 40.59 -7.60 -10.39
N GLN B 49 48.64 -3.74 -19.02
CA GLN B 49 48.58 -4.57 -20.21
C GLN B 49 47.15 -4.95 -20.55
N TRP B 50 46.29 -4.95 -19.53
CA TRP B 50 44.87 -5.25 -19.75
C TRP B 50 44.13 -4.09 -20.39
N GLU B 51 44.71 -2.89 -20.36
CA GLU B 51 44.12 -1.76 -21.07
C GLU B 51 44.26 -1.89 -22.59
N ALA B 52 45.23 -2.67 -23.06
CA ALA B 52 45.44 -2.81 -24.50
C ALA B 52 44.36 -3.69 -25.14
N ILE B 53 43.83 -4.66 -24.41
CA ILE B 53 42.82 -5.55 -24.97
C ILE B 53 41.49 -4.82 -25.18
N GLN B 54 41.23 -3.78 -24.41
CA GLN B 54 40.06 -2.94 -24.59
C GLN B 54 40.33 -1.72 -25.45
N PRO B 55 41.57 -1.52 -25.90
CA PRO B 55 41.90 -0.37 -26.73
C PRO B 55 41.33 -0.50 -28.13
N TYR B 56 41.14 -1.73 -28.61
CA TYR B 56 40.48 -1.93 -29.90
C TYR B 56 39.00 -1.61 -29.81
N PHE B 57 38.39 -1.79 -28.63
CA PHE B 57 36.99 -1.43 -28.46
C PHE B 57 36.80 0.07 -28.36
N ASP B 58 37.78 0.79 -27.81
CA ASP B 58 37.68 2.24 -27.72
C ASP B 58 38.01 2.91 -29.06
N ASN B 59 38.99 2.36 -29.79
CA ASN B 59 39.35 2.91 -31.08
C ASN B 59 38.27 2.65 -32.12
N VAL B 60 37.52 1.55 -31.97
CA VAL B 60 36.39 1.31 -32.86
C VAL B 60 35.24 2.26 -32.56
N VAL B 61 35.01 2.57 -31.29
CA VAL B 61 33.95 3.51 -30.93
C VAL B 61 34.34 4.94 -31.29
N ARG B 62 35.64 5.25 -31.27
CA ARG B 62 36.10 6.55 -31.72
C ARG B 62 36.18 6.65 -33.23
N GLU B 63 36.08 5.52 -33.94
CA GLU B 63 36.01 5.57 -35.40
C GLU B 63 34.64 6.05 -35.87
N ALA B 64 33.58 5.73 -35.12
CA ALA B 64 32.24 6.18 -35.43
C ALA B 64 31.95 7.45 -34.63
N LYS B 65 31.75 8.56 -35.32
CA LYS B 65 31.61 9.85 -34.67
C LYS B 65 30.32 10.59 -35.02
N ASN B 66 29.45 10.00 -35.83
CA ASN B 66 28.20 10.64 -36.19
C ASN B 66 27.22 10.62 -35.02
N PHE B 67 26.48 11.70 -34.86
CA PHE B 67 25.49 11.77 -33.78
C PHE B 67 24.30 10.88 -34.10
N LEU B 68 23.87 10.12 -33.08
CA LEU B 68 22.78 9.14 -33.17
C LEU B 68 23.05 8.09 -34.24
N GLU B 69 24.33 7.70 -34.39
CA GLU B 69 24.69 6.67 -35.35
C GLU B 69 24.41 5.28 -34.83
N TRP B 70 24.21 5.12 -33.52
CA TRP B 70 23.83 3.86 -32.92
C TRP B 70 22.40 3.94 -32.41
N SER B 71 21.81 2.76 -32.19
CA SER B 71 20.44 2.66 -31.71
C SER B 71 20.41 2.80 -30.19
N PRO B 72 19.25 2.55 -29.58
CA PRO B 72 19.09 2.76 -28.15
C PRO B 72 19.82 1.69 -27.34
N ASN B 73 19.72 0.44 -27.76
CA ASN B 73 20.44 -0.63 -27.07
C ASN B 73 21.93 -0.59 -27.40
N LYS B 74 22.28 -0.17 -28.62
CA LYS B 74 23.67 -0.06 -29.03
C LYS B 74 24.39 1.10 -28.37
N ARG B 75 23.66 2.16 -27.99
CA ARG B 75 24.25 3.28 -27.28
C ARG B 75 24.76 2.87 -25.91
N LEU B 76 23.97 2.08 -25.18
CA LEU B 76 24.40 1.65 -23.86
C LEU B 76 25.47 0.57 -23.94
N ALA B 77 25.47 -0.21 -25.03
CA ALA B 77 26.51 -1.22 -25.21
C ALA B 77 27.86 -0.59 -25.51
N ASN B 78 27.86 0.58 -26.15
CA ASN B 78 29.10 1.33 -26.30
C ASN B 78 29.58 1.89 -24.96
N ALA B 79 28.65 2.29 -24.09
CA ALA B 79 29.01 2.90 -22.82
C ALA B 79 29.61 1.90 -21.84
N VAL B 80 29.32 0.62 -21.97
CA VAL B 80 29.98 -0.38 -21.14
C VAL B 80 31.43 -0.53 -21.56
N THR B 81 31.69 -0.49 -22.88
CA THR B 81 33.07 -0.60 -23.37
C THR B 81 33.89 0.64 -23.06
N VAL B 82 33.24 1.80 -22.95
CA VAL B 82 33.97 3.03 -22.64
C VAL B 82 34.42 3.03 -21.19
N ALA B 83 33.50 2.77 -20.26
CA ALA B 83 33.81 2.86 -18.84
C ALA B 83 34.72 1.73 -18.38
N ALA B 84 34.67 0.57 -19.04
CA ALA B 84 35.64 -0.48 -18.76
C ALA B 84 37.02 -0.10 -19.28
N TYR B 85 37.08 0.63 -20.39
CA TYR B 85 38.35 1.14 -20.89
C TYR B 85 38.87 2.27 -20.01
N LEU B 86 37.99 3.08 -19.46
CA LEU B 86 38.38 4.18 -18.59
C LEU B 86 38.71 3.76 -17.17
N THR B 87 38.70 2.45 -16.88
CA THR B 87 38.97 1.95 -15.54
C THR B 87 40.30 1.22 -15.44
N SER B 88 40.76 0.61 -16.54
CA SER B 88 42.07 -0.02 -16.55
C SER B 88 43.19 1.00 -16.41
N GLN B 89 43.11 2.10 -17.15
CA GLN B 89 43.91 3.29 -16.92
C GLN B 89 42.94 4.28 -16.28
N GLY B 90 42.77 4.18 -14.96
CA GLY B 90 41.61 4.75 -14.30
C GLY B 90 41.69 6.26 -14.12
N LEU B 91 40.57 6.90 -14.42
CA LEU B 91 40.38 8.37 -14.31
C LEU B 91 39.29 8.64 -13.26
N LYS B 92 39.55 9.52 -12.30
CA LYS B 92 38.55 9.82 -11.23
C LYS B 92 37.43 10.70 -11.78
N THR B 93 36.27 10.70 -11.13
CA THR B 93 35.10 11.49 -11.59
C THR B 93 35.31 12.97 -11.24
N ASN B 94 36.03 13.27 -10.17
CA ASN B 94 36.27 14.68 -9.77
C ASN B 94 36.95 15.40 -10.94
N GLN B 95 38.15 14.97 -11.34
CA GLN B 95 38.86 15.60 -12.44
C GLN B 95 37.92 15.90 -13.60
N VAL B 96 36.85 15.11 -13.73
CA VAL B 96 35.84 15.29 -14.79
C VAL B 96 34.71 16.21 -14.30
N ARG B 97 34.64 16.46 -12.99
CA ARG B 97 33.46 17.00 -12.34
C ARG B 97 33.10 18.41 -12.82
N LYS B 98 34.07 19.19 -13.30
CA LYS B 98 33.75 20.49 -13.87
C LYS B 98 33.04 20.36 -15.20
N ILE B 99 33.43 19.36 -16.00
CA ILE B 99 32.78 19.12 -17.29
C ILE B 99 31.37 18.57 -17.08
N LEU B 100 31.21 17.75 -16.04
CA LEU B 100 29.89 17.19 -15.73
C LEU B 100 28.94 18.25 -15.20
N ASP B 101 29.49 19.33 -14.63
CA ASP B 101 28.67 20.45 -14.18
C ASP B 101 28.07 21.20 -15.37
N MET B 102 28.87 21.44 -16.41
CA MET B 102 28.44 22.24 -17.53
C MET B 102 27.43 21.51 -18.41
N ALA B 103 27.45 20.18 -18.40
CA ALA B 103 26.41 19.43 -19.10
C ALA B 103 25.08 19.49 -18.36
N ARG B 104 25.12 19.60 -17.04
CA ARG B 104 23.93 19.50 -16.21
C ARG B 104 23.22 20.85 -16.03
N THR B 105 24.00 21.94 -15.91
CA THR B 105 23.40 23.26 -15.85
C THR B 105 22.76 23.64 -17.17
N THR B 106 23.32 23.15 -18.29
CA THR B 106 22.66 23.32 -19.58
C THR B 106 21.44 22.41 -19.71
N GLU B 107 21.45 21.27 -19.01
CA GLU B 107 20.34 20.32 -19.10
C GLU B 107 19.05 20.91 -18.53
N LEU B 108 19.15 21.77 -17.53
CA LEU B 108 17.98 22.52 -17.08
C LEU B 108 17.65 23.65 -18.05
N LYS B 109 18.68 24.22 -18.70
CA LYS B 109 18.44 25.30 -19.65
C LYS B 109 17.97 24.79 -21.00
N VAL B 110 18.35 23.56 -21.38
CA VAL B 110 17.80 22.96 -22.58
C VAL B 110 16.35 22.54 -22.35
N LYS B 111 16.07 21.91 -21.21
CA LYS B 111 14.72 21.44 -20.89
C LYS B 111 13.83 22.63 -20.54
N ARG B 112 13.38 23.33 -21.59
CA ARG B 112 12.47 24.47 -21.56
C ARG B 112 13.03 25.60 -20.69
N GLY B 113 14.16 26.13 -21.15
CA GLY B 113 14.78 27.27 -20.51
C GLY B 113 15.06 28.39 -21.49
N LYS B 118 27.01 28.46 -26.27
CA LYS B 118 26.47 27.66 -25.19
C LYS B 118 27.19 26.32 -25.09
N ASP B 119 27.11 25.53 -26.16
CA ASP B 119 27.80 24.24 -26.18
C ASP B 119 29.31 24.42 -26.32
N ASP B 120 29.75 25.53 -26.93
CA ASP B 120 31.17 25.82 -27.02
C ASP B 120 31.79 26.16 -25.68
N LEU B 121 30.98 26.61 -24.72
CA LEU B 121 31.47 26.83 -23.36
C LEU B 121 31.84 25.50 -22.70
N VAL B 122 31.08 24.44 -23.02
CA VAL B 122 31.44 23.12 -22.51
C VAL B 122 32.63 22.55 -23.26
N LYS B 123 32.71 22.82 -24.56
CA LYS B 123 33.83 22.32 -25.36
C LYS B 123 35.13 23.03 -25.01
N MET B 124 35.06 24.30 -24.61
CA MET B 124 36.25 25.01 -24.16
C MET B 124 36.74 24.47 -22.82
N ARG B 125 35.81 24.02 -21.96
CA ARG B 125 36.21 23.43 -20.69
C ARG B 125 36.67 21.98 -20.86
N TYR B 126 36.08 21.26 -21.81
CA TYR B 126 36.47 19.86 -22.03
C TYR B 126 37.87 19.76 -22.61
N LEU B 127 38.33 20.81 -23.29
CA LEU B 127 39.71 20.84 -23.76
C LEU B 127 40.67 21.23 -22.65
N LEU B 128 40.35 22.30 -21.92
CA LEU B 128 41.27 22.85 -20.93
C LEU B 128 41.42 21.94 -19.72
N ALA B 129 40.38 21.17 -19.38
CA ALA B 129 40.51 20.20 -18.31
C ALA B 129 41.39 19.03 -18.73
N TYR B 130 41.41 18.71 -20.03
CA TYR B 130 42.28 17.67 -20.55
C TYR B 130 43.73 18.12 -20.69
N THR B 131 44.01 19.40 -20.48
CA THR B 131 45.38 19.89 -20.58
C THR B 131 46.23 19.40 -19.41
N VAL B 132 45.78 19.68 -18.19
CA VAL B 132 46.53 19.33 -16.99
C VAL B 132 46.32 17.86 -16.61
N GLY B 133 46.85 16.98 -17.46
CA GLY B 133 46.69 15.55 -17.23
C GLY B 133 47.62 15.05 -16.15
N LYS B 134 48.93 15.17 -16.37
CA LYS B 134 49.91 14.65 -15.43
C LYS B 134 51.03 15.66 -15.21
N TYR B 141 46.63 11.42 -17.36
CA TYR B 141 47.22 10.82 -18.56
C TYR B 141 46.16 10.14 -19.41
N SER B 142 45.11 9.62 -18.75
CA SER B 142 43.98 9.01 -19.41
C SER B 142 42.89 10.01 -19.76
N LEU B 143 43.18 11.30 -19.66
CA LEU B 143 42.23 12.33 -20.06
C LEU B 143 42.11 12.46 -21.56
N ASP B 144 43.13 12.03 -22.31
CA ASP B 144 43.05 12.04 -23.77
C ASP B 144 42.11 10.95 -24.27
N ALA B 145 42.02 9.85 -23.54
CA ALA B 145 41.07 8.80 -23.90
C ALA B 145 39.64 9.24 -23.68
N PHE B 146 39.42 10.14 -22.73
CA PHE B 146 38.10 10.72 -22.53
C PHE B 146 37.87 11.92 -23.46
N HIS B 147 38.93 12.52 -23.96
CA HIS B 147 38.81 13.60 -24.93
C HIS B 147 38.54 13.08 -26.34
N ARG B 148 39.00 11.86 -26.66
CA ARG B 148 38.74 11.26 -27.96
C ARG B 148 37.30 10.79 -28.14
N ILE B 149 36.49 10.84 -27.08
CA ILE B 149 35.09 10.49 -27.18
C ILE B 149 34.18 11.73 -27.07
N LEU B 150 34.57 12.72 -26.27
CA LEU B 150 33.79 13.95 -26.16
C LEU B 150 33.88 14.79 -27.43
N ASP B 151 35.10 15.10 -27.84
CA ASP B 151 35.31 16.06 -28.93
C ASP B 151 34.77 15.60 -30.30
N PRO B 152 34.77 14.31 -30.68
CA PRO B 152 33.94 13.94 -31.85
C PRO B 152 32.45 14.14 -31.63
N MET B 153 31.94 13.87 -30.43
CA MET B 153 30.53 14.12 -30.15
C MET B 153 30.22 15.61 -30.09
N LEU B 154 31.14 16.41 -29.55
CA LEU B 154 30.88 17.83 -29.41
C LEU B 154 31.15 18.62 -30.68
N GLU B 155 31.96 18.10 -31.60
CA GLU B 155 32.16 18.78 -32.88
C GLU B 155 30.90 18.68 -33.73
N VAL B 156 30.24 17.52 -33.70
CA VAL B 156 28.95 17.37 -34.39
C VAL B 156 27.89 18.20 -33.69
N LEU B 157 27.90 18.16 -32.36
CA LEU B 157 26.93 18.94 -31.55
C LEU B 157 27.18 20.44 -31.76
N MET B 158 28.42 20.84 -32.04
CA MET B 158 28.75 22.27 -32.14
C MET B 158 27.79 22.99 -33.08
N GLY B 159 27.46 22.36 -34.20
CA GLY B 159 26.37 22.85 -35.03
C GLY B 159 25.32 21.77 -35.19
N SER B 160 24.17 21.97 -34.51
CA SER B 160 23.13 20.96 -34.37
C SER B 160 21.88 21.62 -33.81
N PRO B 161 20.69 21.10 -34.10
CA PRO B 161 19.49 21.58 -33.39
C PRO B 161 19.54 21.20 -31.91
N LYS B 162 19.26 22.18 -31.05
CA LYS B 162 19.64 22.10 -29.65
C LYS B 162 18.77 21.14 -28.86
N LYS B 163 17.47 21.08 -29.19
CA LYS B 163 16.50 20.44 -28.31
C LYS B 163 16.58 18.92 -28.36
N GLU B 164 17.05 18.35 -29.46
CA GLU B 164 16.99 16.89 -29.61
C GLU B 164 18.35 16.22 -29.38
N ASN B 165 19.39 16.71 -30.06
CA ASN B 165 20.65 16.00 -30.08
C ASN B 165 21.42 16.11 -28.76
N PHE B 166 21.23 17.21 -28.03
CA PHE B 166 21.87 17.31 -26.71
C PHE B 166 21.18 16.42 -25.69
N GLU B 167 19.84 16.29 -25.78
CA GLU B 167 19.12 15.40 -24.88
C GLU B 167 19.43 13.93 -25.18
N LYS B 168 19.80 13.62 -26.42
CA LYS B 168 20.28 12.29 -26.75
C LYS B 168 21.75 12.13 -26.40
N PHE B 169 22.52 13.22 -26.47
CA PHE B 169 23.91 13.18 -26.01
C PHE B 169 23.99 13.03 -24.50
N TYR B 170 23.02 13.59 -23.78
CA TYR B 170 23.06 13.58 -22.32
C TYR B 170 22.76 12.20 -21.76
N ASP B 171 22.03 11.36 -22.51
CA ASP B 171 21.77 10.01 -22.05
C ASP B 171 23.01 9.14 -22.17
N PHE B 172 23.85 9.36 -23.17
CA PHE B 172 25.07 8.56 -23.31
C PHE B 172 26.11 8.95 -22.27
N LEU B 173 26.19 10.24 -21.94
CA LEU B 173 27.24 10.69 -21.03
C LEU B 173 26.92 10.34 -19.59
N GLN B 174 25.64 10.17 -19.26
CA GLN B 174 25.26 9.62 -17.95
C GLN B 174 25.77 8.20 -17.78
N ALA B 175 25.51 7.34 -18.76
CA ALA B 175 25.84 5.93 -18.68
C ALA B 175 27.33 5.67 -18.66
N VAL B 176 28.13 6.59 -19.21
CA VAL B 176 29.57 6.50 -19.07
C VAL B 176 29.98 6.69 -17.62
N VAL B 177 29.47 7.75 -17.00
CA VAL B 177 29.79 8.03 -15.57
C VAL B 177 29.10 6.98 -14.70
N ALA B 178 27.81 6.76 -14.93
CA ALA B 178 27.02 5.78 -14.16
C ALA B 178 27.72 4.42 -14.14
N TYR B 179 28.07 3.88 -15.29
CA TYR B 179 28.73 2.54 -15.37
C TYR B 179 30.18 2.60 -14.88
N HIS B 180 30.81 3.77 -14.90
CA HIS B 180 32.22 3.88 -14.43
C HIS B 180 32.29 3.57 -12.92
N LYS B 181 31.29 4.00 -12.15
CA LYS B 181 31.25 3.76 -10.69
C LYS B 181 30.87 2.31 -10.40
N PHE B 182 30.10 1.68 -11.27
CA PHE B 182 29.67 0.26 -11.06
C PHE B 182 30.89 -0.66 -11.06
N PHE B 183 31.96 -0.27 -11.74
CA PHE B 183 33.19 -1.09 -11.82
C PHE B 183 34.24 -0.50 -10.88
N GLY B 184 34.06 0.76 -10.50
CA GLY B 184 35.01 1.44 -9.59
C GLY B 184 35.21 2.90 -9.98
N ARG C 5 -36.92 23.74 -6.93
CA ARG C 5 -36.87 25.06 -7.54
C ARG C 5 -35.48 25.35 -8.09
N PHE C 6 -35.40 25.82 -9.33
CA PHE C 6 -34.14 25.90 -10.05
C PHE C 6 -34.12 27.11 -10.97
N TYR C 7 -32.96 27.76 -11.05
CA TYR C 7 -32.77 28.96 -11.86
C TYR C 7 -31.54 28.95 -12.74
N GLY C 8 -30.54 28.14 -12.46
CA GLY C 8 -29.31 28.15 -13.22
C GLY C 8 -28.16 27.66 -12.35
N LYS C 9 -26.95 27.72 -12.92
CA LYS C 9 -25.77 27.20 -12.23
C LYS C 9 -24.57 28.10 -12.56
N ILE C 10 -24.20 28.97 -11.61
CA ILE C 10 -22.98 29.76 -11.73
C ILE C 10 -21.79 28.82 -11.67
N VAL C 11 -21.00 28.80 -12.73
CA VAL C 11 -19.83 27.87 -12.81
C VAL C 11 -18.53 28.66 -12.71
N ILE C 12 -17.66 28.31 -11.77
CA ILE C 12 -16.35 29.00 -11.61
C ILE C 12 -15.27 28.04 -12.13
N LYS C 13 -14.50 28.46 -13.11
CA LYS C 13 -13.41 27.61 -13.67
C LYS C 13 -12.09 28.33 -13.46
N GLY C 14 -11.07 27.65 -12.96
CA GLY C 14 -9.79 28.32 -12.68
C GLY C 14 -8.63 27.33 -12.65
N LYS C 15 -7.43 27.82 -12.41
CA LYS C 15 -6.24 26.95 -12.32
C LYS C 15 -5.73 26.96 -10.88
N ILE C 16 -5.48 25.80 -10.27
CA ILE C 16 -4.95 25.77 -8.89
C ILE C 16 -3.44 25.61 -9.00
N LYS C 17 -2.64 26.53 -8.49
CA LYS C 17 -1.17 26.39 -8.65
C LYS C 17 -0.53 26.04 -7.32
N ALA C 18 0.30 25.01 -7.29
CA ALA C 18 1.02 24.60 -6.09
C ALA C 18 2.30 25.41 -6.04
N VAL C 19 2.28 26.51 -5.28
CA VAL C 19 3.46 27.37 -5.18
C VAL C 19 4.54 26.68 -4.36
N THR C 20 4.13 25.97 -3.31
CA THR C 20 4.98 25.11 -2.52
C THR C 20 4.48 23.68 -2.73
N GLY C 21 5.35 22.70 -2.52
CA GLY C 21 5.02 21.32 -2.87
C GLY C 21 3.94 20.73 -1.99
N LEU C 22 2.96 20.10 -2.62
CA LEU C 22 1.72 19.71 -1.98
C LEU C 22 1.71 18.22 -1.63
N HIS C 23 1.06 17.88 -0.52
CA HIS C 23 0.91 16.51 -0.04
C HIS C 23 -0.54 16.30 0.38
N ILE C 24 -1.15 15.20 -0.05
CA ILE C 24 -2.46 14.78 0.43
C ILE C 24 -2.44 13.38 1.02
N GLY C 25 -1.84 12.44 0.33
CA GLY C 25 -1.60 11.20 1.04
C GLY C 25 -2.73 10.20 1.00
N SER C 26 -2.38 8.92 0.90
CA SER C 26 -3.38 7.87 0.80
C SER C 26 -3.16 6.69 1.73
N GLN C 27 -1.92 6.40 2.13
CA GLN C 27 -1.52 5.29 3.00
C GLN C 27 -1.96 3.93 2.46
N ILE C 36 9.94 6.07 -0.75
CA ILE C 36 8.62 6.64 -0.51
C ILE C 36 7.86 5.81 0.51
N ASP C 37 7.52 6.43 1.64
CA ASP C 37 6.76 5.78 2.69
C ASP C 37 5.38 6.40 2.88
N ASN C 38 5.23 7.66 2.49
CA ASN C 38 3.92 8.36 2.61
C ASN C 38 3.51 8.81 1.22
N PRO C 39 2.84 7.94 0.46
CA PRO C 39 2.51 8.29 -0.92
C PRO C 39 1.28 9.17 -1.00
N VAL C 40 1.32 10.13 -1.93
CA VAL C 40 0.20 11.02 -2.20
C VAL C 40 -0.87 10.25 -2.96
N ILE C 41 -2.10 10.79 -2.99
CA ILE C 41 -3.18 10.16 -3.73
C ILE C 41 -2.90 10.25 -5.22
N LYS C 42 -3.27 9.20 -5.96
CA LYS C 42 -2.99 9.13 -7.38
C LYS C 42 -4.21 8.58 -8.11
N ASP C 43 -4.15 8.66 -9.44
CA ASP C 43 -5.09 7.93 -10.25
C ASP C 43 -4.73 6.44 -10.24
N PRO C 44 -5.72 5.55 -10.31
CA PRO C 44 -5.40 4.12 -10.30
C PRO C 44 -4.84 3.63 -11.61
N HIS C 45 -5.07 4.36 -12.72
CA HIS C 45 -4.71 3.89 -14.04
C HIS C 45 -3.44 4.54 -14.57
N THR C 46 -3.45 5.88 -14.66
CA THR C 46 -2.30 6.58 -15.21
C THR C 46 -1.19 6.75 -14.19
N GLY C 47 -1.55 6.86 -12.92
CA GLY C 47 -0.56 7.08 -11.88
C GLY C 47 -0.28 8.52 -11.54
N LEU C 48 -1.01 9.45 -12.14
CA LEU C 48 -0.83 10.87 -11.86
C LEU C 48 -1.57 11.26 -10.58
N PRO C 49 -1.02 12.21 -9.82
CA PRO C 49 -1.74 12.76 -8.67
C PRO C 49 -2.82 13.74 -9.14
N TYR C 50 -3.65 14.14 -8.18
CA TYR C 50 -4.70 15.11 -8.40
C TYR C 50 -5.00 15.78 -7.07
N ILE C 51 -6.14 16.46 -6.99
CA ILE C 51 -6.66 16.99 -5.73
C ILE C 51 -8.11 16.54 -5.68
N PRO C 52 -8.54 15.81 -4.65
CA PRO C 52 -9.92 15.34 -4.61
C PRO C 52 -10.89 16.48 -4.38
N GLY C 53 -12.16 16.22 -4.72
CA GLY C 53 -13.19 17.17 -4.38
C GLY C 53 -13.52 17.19 -2.91
N SER C 54 -13.24 16.09 -2.22
CA SER C 54 -13.49 16.01 -0.79
C SER C 54 -12.48 16.83 -0.01
N SER C 55 -11.23 16.87 -0.47
CA SER C 55 -10.20 17.63 0.21
C SER C 55 -10.40 19.13 0.05
N LEU C 56 -10.87 19.55 -1.12
CA LEU C 56 -11.02 20.99 -1.34
C LEU C 56 -12.31 21.51 -0.72
N LYS C 57 -13.40 20.75 -0.82
CA LYS C 57 -14.64 21.15 -0.16
C LYS C 57 -14.51 21.07 1.35
N GLY C 58 -13.86 20.02 1.84
CA GLY C 58 -13.71 19.87 3.27
C GLY C 58 -12.78 20.86 3.89
N ARG C 59 -11.84 21.40 3.11
CA ARG C 59 -11.01 22.47 3.67
C ARG C 59 -11.74 23.80 3.62
N LEU C 60 -12.46 24.09 2.53
CA LEU C 60 -13.23 25.32 2.47
C LEU C 60 -14.35 25.36 3.50
N ARG C 61 -14.92 24.21 3.85
CA ARG C 61 -15.93 24.21 4.89
C ARG C 61 -15.31 24.40 6.26
N SER C 62 -14.17 23.76 6.50
CA SER C 62 -13.46 23.90 7.77
C SER C 62 -12.95 25.30 7.99
N LEU C 63 -12.44 25.95 6.95
CA LEU C 63 -11.97 27.32 7.11
C LEU C 63 -13.11 28.29 7.29
N PHE C 64 -14.27 28.00 6.71
CA PHE C 64 -15.39 28.91 6.82
C PHE C 64 -16.20 28.69 8.09
N GLU C 65 -16.17 27.49 8.67
CA GLU C 65 -16.82 27.28 9.96
C GLU C 65 -16.08 27.96 11.08
N ILE C 66 -14.75 28.09 10.99
CA ILE C 66 -14.00 28.81 12.00
C ILE C 66 -14.22 30.31 11.82
N LEU C 67 -14.50 30.71 10.58
CA LEU C 67 -14.87 32.12 10.26
C LEU C 67 -16.23 32.46 10.89
N VAL C 68 -17.20 31.54 10.83
CA VAL C 68 -18.54 31.76 11.36
C VAL C 68 -18.54 31.59 12.88
N ASN C 69 -17.66 30.73 13.40
CA ASN C 69 -17.54 30.56 14.85
C ASN C 69 -17.10 31.84 15.55
N SER C 70 -16.34 32.67 14.85
CA SER C 70 -15.87 33.93 15.41
C SER C 70 -16.86 35.07 15.26
N ARG C 71 -17.95 34.88 14.51
CA ARG C 71 -18.87 35.96 14.19
C ARG C 71 -20.31 35.55 14.43
N LEU C 72 -20.56 34.76 15.48
CA LEU C 72 -21.93 34.33 15.75
C LEU C 72 -22.78 35.45 16.30
N GLY C 73 -22.18 36.39 17.03
CA GLY C 73 -22.95 37.49 17.57
C GLY C 73 -23.32 38.53 16.53
N GLU C 74 -22.43 38.76 15.57
CA GLU C 74 -22.63 39.82 14.60
C GLU C 74 -23.49 39.38 13.42
N TRP C 75 -23.70 38.08 13.24
CA TRP C 75 -24.46 37.58 12.09
C TRP C 75 -25.78 36.94 12.51
N ARG C 76 -26.32 37.29 13.66
CA ARG C 76 -27.65 36.81 14.01
C ARG C 76 -28.73 37.48 13.16
N GLU C 77 -28.52 38.74 12.78
CA GLU C 77 -29.56 39.46 12.06
C GLU C 77 -29.63 39.04 10.60
N LYS C 78 -28.48 38.81 9.96
CA LYS C 78 -28.53 38.38 8.57
C LYS C 78 -28.88 36.91 8.43
N TYR C 79 -28.34 36.06 9.30
CA TYR C 79 -28.59 34.62 9.27
C TYR C 79 -29.29 34.22 10.56
N PRO C 80 -30.60 34.06 10.57
CA PRO C 80 -31.34 33.89 11.84
C PRO C 80 -31.11 32.56 12.53
N SER C 81 -30.48 31.59 11.89
CA SER C 81 -30.21 30.32 12.53
C SER C 81 -28.96 30.32 13.39
N LEU C 82 -28.22 31.42 13.41
CA LEU C 82 -27.03 31.52 14.24
C LEU C 82 -27.34 32.10 15.61
N ALA C 83 -28.60 32.36 15.92
CA ALA C 83 -28.98 32.76 17.26
C ALA C 83 -29.01 31.58 18.22
N ASN C 84 -29.08 30.37 17.71
CA ASN C 84 -29.18 29.18 18.54
C ASN C 84 -27.82 28.64 18.96
N TYR C 85 -26.72 29.26 18.54
CA TYR C 85 -25.40 28.70 18.75
C TYR C 85 -24.54 29.64 19.58
N SER C 86 -23.80 29.07 20.52
CA SER C 86 -22.74 29.71 21.27
C SER C 86 -21.39 29.18 20.79
N PRO C 87 -20.34 30.01 20.76
CA PRO C 87 -19.07 29.58 20.17
C PRO C 87 -18.38 28.54 21.03
N GLY C 88 -17.99 27.43 20.40
CA GLY C 88 -17.34 26.34 21.07
C GLY C 88 -17.74 25.02 20.46
N SER C 89 -17.26 23.94 21.08
CA SER C 89 -17.54 22.59 20.64
C SER C 89 -18.26 21.83 21.75
N CYS C 90 -19.09 20.86 21.36
CA CYS C 90 -19.74 19.99 22.33
C CYS C 90 -18.85 18.85 22.82
N ARG C 91 -17.55 18.90 22.58
CA ARG C 91 -16.65 17.86 23.08
C ARG C 91 -16.51 17.78 24.60
N PRO C 92 -16.46 18.86 25.40
CA PRO C 92 -16.32 18.67 26.87
C PRO C 92 -17.48 17.96 27.57
N ASP C 93 -18.61 17.74 26.91
CA ASP C 93 -19.65 16.86 27.44
C ASP C 93 -20.20 16.02 26.29
N ASN C 94 -20.04 14.70 26.38
CA ASN C 94 -20.28 13.80 25.25
C ASN C 94 -21.79 13.73 24.98
N GLN C 95 -22.26 14.77 24.29
CA GLN C 95 -23.67 15.09 24.14
C GLN C 95 -23.83 15.73 22.77
N GLU C 96 -24.98 15.49 22.14
CA GLU C 96 -25.25 16.07 20.83
C GLU C 96 -25.66 17.53 20.94
N ASN C 97 -26.30 18.06 19.91
CA ASN C 97 -26.54 19.49 19.73
C ASN C 97 -27.23 20.19 20.89
N CYS C 98 -26.46 21.00 21.62
CA CYS C 98 -26.95 21.81 22.73
C CYS C 98 -26.07 23.06 22.85
N GLY C 99 -26.48 24.12 22.18
CA GLY C 99 -25.88 25.43 22.39
C GLY C 99 -24.56 25.69 21.69
N LYS C 100 -23.70 24.69 21.58
CA LYS C 100 -22.40 24.93 20.97
C LYS C 100 -22.51 24.89 19.44
N PHE C 101 -21.57 25.56 18.78
CA PHE C 101 -21.58 25.61 17.33
C PHE C 101 -21.16 24.28 16.73
N PHE C 102 -20.12 23.64 17.27
CA PHE C 102 -19.65 22.38 16.71
C PHE C 102 -20.44 21.26 17.36
N ASN C 103 -21.64 21.04 16.85
CA ASN C 103 -22.64 20.23 17.53
C ASN C 103 -22.69 18.78 17.07
N ARG C 104 -22.52 18.51 15.78
CA ARG C 104 -22.64 17.14 15.28
C ARG C 104 -21.33 16.39 15.46
N LYS C 105 -21.40 15.20 16.03
CA LYS C 105 -20.27 14.28 16.13
C LYS C 105 -20.45 13.17 15.11
N ILE C 106 -19.47 13.01 14.22
CA ILE C 106 -19.59 11.99 13.20
C ILE C 106 -19.08 10.67 13.75
N ASN C 107 -17.77 10.58 13.98
CA ASN C 107 -17.19 9.39 14.57
C ASN C 107 -16.40 9.71 15.84
N ARG C 108 -15.46 10.63 15.75
CA ARG C 108 -14.63 11.01 16.87
C ARG C 108 -14.39 12.52 16.89
N GLY C 109 -14.91 13.25 15.90
CA GLY C 109 -14.71 14.68 15.82
C GLY C 109 -16.02 15.41 15.67
N TRP C 110 -15.99 16.70 15.99
CA TRP C 110 -17.19 17.51 16.13
C TRP C 110 -17.24 18.55 15.02
N ILE C 111 -18.40 18.66 14.37
CA ILE C 111 -18.61 19.43 13.16
C ILE C 111 -19.92 20.19 13.33
N HIS C 112 -19.98 21.43 12.87
CA HIS C 112 -21.28 22.05 12.66
C HIS C 112 -22.01 21.39 11.52
N VAL C 113 -23.10 20.69 11.81
CA VAL C 113 -24.09 20.30 10.82
C VAL C 113 -25.47 20.61 11.40
N CYS C 114 -26.26 21.39 10.68
CA CYS C 114 -27.59 21.75 11.17
C CYS C 114 -28.52 20.55 11.15
N PRO C 115 -29.43 20.44 12.11
CA PRO C 115 -30.24 19.22 12.25
C PRO C 115 -31.54 19.18 11.46
N ASP C 116 -31.87 20.17 10.64
CA ASP C 116 -33.17 20.19 9.99
C ASP C 116 -33.03 20.94 8.67
N TYR C 117 -34.11 20.91 7.88
CA TYR C 117 -34.16 21.73 6.67
C TYR C 117 -34.36 23.19 7.00
N GLU C 118 -35.28 23.50 7.91
CA GLU C 118 -35.65 24.87 8.19
C GLU C 118 -34.57 25.62 8.95
N THR C 119 -33.69 24.94 9.66
CA THR C 119 -32.57 25.58 10.31
C THR C 119 -31.40 25.77 9.36
N ALA C 120 -31.12 24.77 8.51
CA ALA C 120 -30.04 24.88 7.53
C ALA C 120 -30.36 25.81 6.39
N LEU C 121 -31.62 26.23 6.25
CA LEU C 121 -31.97 27.19 5.21
C LEU C 121 -31.47 28.58 5.56
N ALA C 122 -31.18 28.85 6.83
CA ALA C 122 -30.76 30.18 7.27
C ALA C 122 -29.42 30.18 7.97
N CYS C 123 -28.60 29.18 7.77
CA CYS C 123 -27.22 29.07 8.21
C CYS C 123 -26.28 29.40 7.07
N PRO C 124 -25.25 30.22 7.29
CA PRO C 124 -24.33 30.56 6.19
C PRO C 124 -23.47 29.39 5.76
N VAL C 125 -23.19 28.47 6.67
CA VAL C 125 -22.38 27.30 6.35
C VAL C 125 -23.22 26.25 5.65
N CYS C 126 -24.41 25.98 6.16
CA CYS C 126 -25.18 24.82 5.73
C CYS C 126 -26.15 25.11 4.60
N ARG C 127 -26.47 26.38 4.30
CA ARG C 127 -27.22 26.62 3.07
C ARG C 127 -26.34 26.41 1.86
N LEU C 128 -25.02 26.46 2.02
CA LEU C 128 -24.06 26.32 0.95
C LEU C 128 -23.46 24.94 0.89
N PHE C 129 -22.98 24.43 2.01
CA PHE C 129 -22.31 23.14 2.03
C PHE C 129 -23.24 21.98 2.30
N GLY C 130 -24.38 22.21 2.93
CA GLY C 130 -25.34 21.15 3.12
C GLY C 130 -25.38 20.65 4.56
N ALA C 131 -26.44 19.92 4.88
CA ALA C 131 -26.63 19.38 6.20
C ALA C 131 -27.27 18.00 6.10
N SER C 132 -26.88 17.10 7.00
CA SER C 132 -27.48 15.78 7.03
C SER C 132 -28.81 15.81 7.77
N GLY C 133 -28.80 16.16 9.05
CA GLY C 133 -30.01 16.23 9.83
C GLY C 133 -30.65 14.89 10.13
N LYS C 134 -31.73 14.93 10.91
CA LYS C 134 -32.55 13.76 11.14
C LYS C 134 -34.00 14.18 10.95
N GLU C 135 -34.76 13.33 10.25
CA GLU C 135 -36.14 13.49 9.76
C GLU C 135 -36.21 14.47 8.59
N SER C 136 -35.11 15.17 8.30
CA SER C 136 -35.01 15.99 7.10
C SER C 136 -33.55 16.20 6.77
N ASN C 137 -33.29 16.60 5.53
CA ASN C 137 -31.94 16.79 5.02
C ASN C 137 -31.83 18.14 4.34
N PHE C 138 -30.59 18.54 4.09
CA PHE C 138 -30.34 19.73 3.27
C PHE C 138 -29.17 19.43 2.35
N PRO C 139 -29.38 19.27 1.05
CA PRO C 139 -28.27 18.98 0.14
C PRO C 139 -27.45 20.24 -0.16
N SER C 140 -26.25 20.01 -0.67
CA SER C 140 -25.34 21.10 -0.99
C SER C 140 -25.84 21.91 -2.18
N ARG C 141 -25.27 23.10 -2.32
CA ARG C 141 -25.47 23.87 -3.53
C ARG C 141 -24.23 23.94 -4.40
N ILE C 142 -23.06 23.70 -3.83
CA ILE C 142 -21.83 23.70 -4.61
C ILE C 142 -21.46 22.26 -4.97
N ILE C 143 -20.75 22.13 -6.08
CA ILE C 143 -20.09 20.89 -6.47
C ILE C 143 -18.63 21.22 -6.68
N VAL C 144 -17.76 20.65 -5.87
CA VAL C 144 -16.33 20.88 -5.99
C VAL C 144 -15.78 19.66 -6.72
N ARG C 145 -15.55 19.82 -8.02
CA ARG C 145 -15.00 18.77 -8.86
C ARG C 145 -13.54 18.54 -8.49
N ASP C 146 -13.07 17.31 -8.75
CA ASP C 146 -11.65 16.99 -8.60
C ASP C 146 -10.79 17.84 -9.52
N ALA C 147 -9.54 18.03 -9.16
CA ALA C 147 -8.62 18.87 -9.91
C ALA C 147 -7.47 18.00 -10.39
N PHE C 148 -7.51 17.61 -11.64
CA PHE C 148 -6.42 16.86 -12.26
C PHE C 148 -5.42 17.86 -12.81
N LEU C 149 -4.26 17.36 -13.26
CA LEU C 149 -3.26 18.23 -13.85
C LEU C 149 -3.77 18.87 -15.13
N THR C 150 -3.17 20.00 -15.48
CA THR C 150 -3.48 20.61 -16.77
C THR C 150 -2.91 19.76 -17.90
N LYS C 151 -3.35 20.06 -19.11
CA LYS C 151 -2.78 19.38 -20.26
C LYS C 151 -1.34 19.78 -20.48
N GLU C 152 -0.98 21.02 -20.11
CA GLU C 152 0.40 21.47 -20.19
C GLU C 152 1.31 20.75 -19.20
N TRP C 153 0.81 20.46 -18.00
CA TRP C 153 1.56 19.74 -16.99
C TRP C 153 1.46 18.23 -17.11
N GLU C 154 0.87 17.75 -18.19
CA GLU C 154 0.77 16.32 -18.42
C GLU C 154 1.83 15.81 -19.39
N GLU C 155 2.28 16.63 -20.35
CA GLU C 155 3.34 16.17 -21.24
C GLU C 155 4.71 16.21 -20.57
N LYS C 156 4.88 16.96 -19.49
CA LYS C 156 6.09 16.84 -18.69
C LYS C 156 6.19 15.47 -18.06
N TRP C 157 5.06 14.90 -17.66
CA TRP C 157 4.99 13.51 -17.26
C TRP C 157 5.26 12.58 -18.44
N ARG C 158 4.85 12.96 -19.63
CA ARG C 158 5.10 12.14 -20.81
C ARG C 158 6.54 12.25 -21.28
N ALA C 159 7.13 13.44 -21.17
CA ALA C 159 8.53 13.63 -21.52
C ALA C 159 9.48 12.94 -20.55
N GLY C 160 9.03 12.64 -19.34
CA GLY C 160 9.85 11.92 -18.37
C GLY C 160 10.20 12.70 -17.13
N GLU C 161 9.74 13.94 -16.99
CA GLU C 161 10.05 14.72 -15.80
C GLU C 161 9.28 14.21 -14.59
N ALA C 162 9.80 14.51 -13.42
CA ALA C 162 9.17 14.09 -12.17
C ALA C 162 8.01 15.02 -11.84
N ILE C 163 6.84 14.43 -11.58
CA ILE C 163 5.71 15.19 -11.12
C ILE C 163 5.53 15.07 -9.60
N THR C 164 6.14 14.06 -8.99
CA THR C 164 6.23 13.95 -7.54
C THR C 164 7.70 13.79 -7.16
N GLU C 165 8.03 14.22 -5.95
CA GLU C 165 9.39 14.15 -5.44
C GLU C 165 9.36 13.64 -4.02
N ALA C 166 10.52 13.19 -3.55
CA ALA C 166 10.65 12.57 -2.24
C ALA C 166 11.32 13.57 -1.29
N LYS C 167 10.58 14.01 -0.29
CA LYS C 167 11.05 14.93 0.73
C LYS C 167 11.39 14.13 1.98
N ILE C 168 12.67 14.15 2.36
CA ILE C 168 13.16 13.35 3.48
C ILE C 168 13.32 14.28 4.67
N GLU C 169 12.48 14.10 5.68
CA GLU C 169 12.53 14.89 6.90
C GLU C 169 13.02 14.03 8.04
N VAL C 170 13.71 14.66 8.99
CA VAL C 170 14.38 13.96 10.07
C VAL C 170 13.84 14.53 11.38
N GLY C 171 14.09 13.82 12.48
CA GLY C 171 13.71 14.31 13.78
C GLY C 171 14.86 14.27 14.76
N ILE C 172 15.30 15.43 15.23
CA ILE C 172 16.54 15.57 15.99
C ILE C 172 16.23 15.61 17.47
N ASP C 173 16.95 14.80 18.24
CA ASP C 173 16.91 14.88 19.70
C ASP C 173 17.58 16.16 20.16
N ARG C 174 17.06 16.74 21.24
CA ARG C 174 17.54 18.04 21.69
C ARG C 174 18.77 17.94 22.57
N VAL C 175 18.99 16.79 23.20
CA VAL C 175 20.14 16.60 24.06
C VAL C 175 21.29 15.95 23.29
N THR C 176 20.99 14.90 22.54
CA THR C 176 22.03 14.07 21.95
C THR C 176 22.21 14.29 20.46
N SER C 177 21.30 15.02 19.81
CA SER C 177 21.24 15.19 18.35
C SER C 177 21.15 13.85 17.63
N GLN C 178 20.37 12.93 18.19
CA GLN C 178 20.03 11.70 17.51
C GLN C 178 19.06 11.99 16.38
N ALA C 179 19.36 11.49 15.18
CA ALA C 179 18.57 11.78 14.00
C ALA C 179 17.68 10.59 13.65
N ASN C 180 16.44 10.89 13.26
CA ASN C 180 15.43 9.86 12.98
C ASN C 180 14.69 10.22 11.69
N PRO C 181 15.14 9.71 10.55
CA PRO C 181 14.60 10.15 9.27
C PRO C 181 13.25 9.51 8.93
N ARG C 182 12.56 10.16 7.99
CA ARG C 182 11.32 9.67 7.40
C ARG C 182 11.16 10.32 6.03
N THR C 183 10.33 9.71 5.19
CA THR C 183 10.15 10.20 3.84
C THR C 183 8.69 10.56 3.58
N ASN C 184 8.49 11.54 2.70
CA ASN C 184 7.12 12.03 2.36
C ASN C 184 7.00 12.34 0.87
N GLU C 185 6.38 11.48 0.08
CA GLU C 185 6.16 11.78 -1.32
C GLU C 185 5.35 13.07 -1.43
N ARG C 186 5.77 13.94 -2.34
CA ARG C 186 5.20 15.27 -2.41
C ARG C 186 5.10 15.70 -3.86
N VAL C 187 3.93 16.18 -4.26
CA VAL C 187 3.74 16.76 -5.59
C VAL C 187 4.64 17.98 -5.72
N VAL C 188 5.36 18.06 -6.84
CA VAL C 188 6.43 19.05 -7.03
C VAL C 188 5.84 20.45 -7.05
N ALA C 189 6.52 21.37 -6.36
CA ALA C 189 6.13 22.78 -6.35
C ALA C 189 6.18 23.36 -7.75
N GLY C 190 5.20 24.18 -8.08
CA GLY C 190 5.06 24.75 -9.39
C GLY C 190 3.96 24.13 -10.21
N ALA C 191 3.57 22.89 -9.91
CA ALA C 191 2.62 22.14 -10.73
C ALA C 191 1.23 22.76 -10.68
N GLU C 192 0.56 22.75 -11.83
CA GLU C 192 -0.74 23.41 -11.95
C GLU C 192 -1.84 22.41 -12.22
N PHE C 193 -2.93 22.53 -11.47
CA PHE C 193 -4.13 21.73 -11.61
C PHE C 193 -5.26 22.63 -12.12
N GLU C 194 -6.36 22.02 -12.55
CA GLU C 194 -7.54 22.78 -12.97
C GLU C 194 -8.74 22.43 -12.11
N PHE C 195 -9.27 23.40 -11.39
CA PHE C 195 -10.45 23.15 -10.55
C PHE C 195 -11.71 23.60 -11.28
N GLU C 196 -12.85 23.28 -10.65
CA GLU C 196 -14.14 23.77 -11.07
C GLU C 196 -15.09 23.70 -9.88
N ILE C 197 -15.85 24.77 -9.67
CA ILE C 197 -16.91 24.77 -8.65
C ILE C 197 -18.21 25.16 -9.32
N ILE C 198 -19.23 24.31 -9.19
CA ILE C 198 -20.54 24.53 -9.78
C ILE C 198 -21.49 24.88 -8.65
N TYR C 199 -21.97 26.11 -8.61
CA TYR C 199 -22.93 26.54 -7.59
C TYR C 199 -24.34 26.48 -8.16
N ASN C 200 -25.19 25.67 -7.53
CA ASN C 200 -26.58 25.52 -7.95
C ASN C 200 -27.41 26.67 -7.39
N VAL C 201 -27.94 27.51 -8.27
CA VAL C 201 -28.75 28.65 -7.84
C VAL C 201 -30.15 28.11 -7.55
N GLU C 202 -30.43 27.82 -6.29
CA GLU C 202 -31.74 27.35 -5.87
C GLU C 202 -32.68 28.47 -5.49
N ASN C 203 -32.17 29.55 -4.92
CA ASN C 203 -32.98 30.66 -4.48
C ASN C 203 -32.39 31.95 -5.03
N THR C 204 -33.23 32.76 -5.65
CA THR C 204 -32.77 33.99 -6.30
C THR C 204 -32.43 35.09 -5.30
N THR C 205 -32.71 34.90 -4.02
CA THR C 205 -32.33 35.85 -3.00
C THR C 205 -30.97 35.52 -2.39
N HIS C 206 -30.63 34.24 -2.30
CA HIS C 206 -29.51 33.76 -1.52
C HIS C 206 -28.20 33.71 -2.29
N TRP C 207 -28.16 34.09 -3.58
CA TRP C 207 -27.01 33.71 -4.38
C TRP C 207 -25.84 34.68 -4.25
N ARG C 208 -26.10 35.98 -4.01
CA ARG C 208 -24.99 36.90 -3.82
C ARG C 208 -24.24 36.61 -2.54
N ASP C 209 -24.96 36.22 -1.49
CA ASP C 209 -24.32 35.89 -0.22
C ASP C 209 -23.55 34.58 -0.31
N ASP C 210 -24.00 33.66 -1.17
CA ASP C 210 -23.32 32.38 -1.28
C ASP C 210 -22.05 32.46 -2.10
N ILE C 211 -22.00 33.31 -3.11
CA ILE C 211 -20.77 33.44 -3.88
C ILE C 211 -19.72 34.22 -3.09
N LYS C 212 -20.15 35.21 -2.30
CA LYS C 212 -19.21 35.94 -1.46
C LYS C 212 -18.63 35.05 -0.37
N ASN C 213 -19.46 34.17 0.19
CA ASN C 213 -18.96 33.28 1.24
C ASN C 213 -18.05 32.21 0.68
N LEU C 214 -18.31 31.76 -0.54
CA LEU C 214 -17.42 30.79 -1.18
C LEU C 214 -16.10 31.43 -1.54
N LEU C 215 -16.10 32.68 -1.97
CA LEU C 215 -14.86 33.38 -2.28
C LEU C 215 -14.11 33.82 -1.03
N THR C 216 -14.80 33.97 0.10
CA THR C 216 -14.11 34.26 1.35
C THR C 216 -13.30 33.06 1.81
N ALA C 217 -13.89 31.86 1.75
CA ALA C 217 -13.20 30.65 2.13
C ALA C 217 -12.08 30.30 1.15
N MET C 218 -12.19 30.71 -0.11
CA MET C 218 -11.09 30.58 -1.04
C MET C 218 -9.99 31.61 -0.77
N ALA C 219 -10.31 32.70 -0.09
CA ALA C 219 -9.28 33.66 0.30
C ALA C 219 -8.60 33.27 1.59
N LEU C 220 -9.27 32.52 2.46
CA LEU C 220 -8.61 31.92 3.62
C LEU C 220 -7.74 30.74 3.23
N LEU C 221 -8.00 30.12 2.07
CA LEU C 221 -7.21 28.98 1.63
C LEU C 221 -5.88 29.42 1.05
N GLU C 222 -5.77 30.67 0.62
CA GLU C 222 -4.52 31.14 0.04
C GLU C 222 -3.52 31.56 1.10
N ASP C 223 -3.96 31.83 2.32
CA ASP C 223 -3.05 32.12 3.42
C ASP C 223 -2.88 30.97 4.39
N SER C 224 -3.80 30.01 4.39
CA SER C 224 -3.58 28.73 5.05
C SER C 224 -3.03 27.75 4.02
N TYR C 225 -3.05 26.47 4.32
CA TYR C 225 -2.52 25.44 3.44
C TYR C 225 -3.65 24.50 3.01
N LEU C 226 -3.31 23.57 2.12
CA LEU C 226 -4.25 22.57 1.62
C LEU C 226 -3.62 21.20 1.75
N GLY C 227 -4.06 20.43 2.74
CA GLY C 227 -3.59 19.07 2.91
C GLY C 227 -2.15 18.92 3.39
N GLY C 228 -1.83 17.78 3.95
CA GLY C 228 -0.45 17.48 4.25
C GLY C 228 0.07 18.24 5.44
N SER C 229 1.39 18.45 5.46
CA SER C 229 2.04 18.96 6.65
C SER C 229 1.73 20.42 6.90
N GLY C 230 1.95 21.27 5.91
CA GLY C 230 1.40 22.62 5.97
C GLY C 230 2.01 23.59 6.96
N SER C 231 2.00 23.23 8.24
CA SER C 231 2.73 24.01 9.24
C SER C 231 4.23 23.96 8.99
N ARG C 232 4.71 22.86 8.42
CA ARG C 232 6.05 22.76 7.87
C ARG C 232 6.16 23.33 6.47
N GLY C 233 5.16 24.06 6.00
CA GLY C 233 5.20 24.68 4.68
C GLY C 233 5.04 23.75 3.51
N TYR C 234 3.87 23.16 3.32
CA TYR C 234 3.62 22.38 2.12
C TYR C 234 2.58 23.00 1.21
N GLY C 235 1.38 23.30 1.69
CA GLY C 235 0.24 23.49 0.81
C GLY C 235 0.30 24.65 -0.17
N LYS C 236 0.14 25.89 0.29
CA LYS C 236 0.41 27.14 -0.43
C LYS C 236 -0.18 27.14 -1.86
N VAL C 237 -1.49 27.15 -1.89
CA VAL C 237 -2.26 27.01 -3.12
C VAL C 237 -2.67 28.41 -3.59
N LYS C 238 -2.54 28.65 -4.88
CA LYS C 238 -2.92 29.97 -5.46
C LYS C 238 -4.08 29.76 -6.44
N PHE C 239 -5.06 30.64 -6.47
CA PHE C 239 -6.21 30.47 -7.39
C PHE C 239 -6.14 31.46 -8.56
N ILE C 240 -6.23 30.96 -9.77
CA ILE C 240 -6.27 31.80 -11.01
C ILE C 240 -7.63 31.54 -11.65
N PHE C 241 -8.44 32.57 -11.91
CA PHE C 241 -9.80 32.27 -12.46
C PHE C 241 -9.83 32.44 -13.97
N ASP C 242 -10.00 31.36 -14.71
CA ASP C 242 -10.07 31.44 -16.18
C ASP C 242 -11.36 32.15 -16.63
N SER C 243 -12.52 31.78 -16.08
CA SER C 243 -13.79 32.40 -16.53
C SER C 243 -14.93 32.16 -15.54
N PHE C 244 -16.02 32.91 -15.67
CA PHE C 244 -17.25 32.69 -14.87
C PHE C 244 -18.44 32.63 -15.83
N GLU C 245 -19.16 31.53 -15.91
CA GLU C 245 -20.34 31.51 -16.76
C GLU C 245 -21.57 31.16 -15.93
N PHE C 246 -22.73 31.63 -16.37
CA PHE C 246 -23.93 31.61 -15.55
C PHE C 246 -24.87 30.44 -15.86
N ARG C 247 -25.05 30.06 -17.12
CA ARG C 247 -25.88 28.95 -17.58
C ARG C 247 -27.30 29.04 -17.05
N PRO C 248 -28.13 29.93 -17.57
CA PRO C 248 -29.46 30.17 -16.98
C PRO C 248 -30.44 29.03 -17.10
N LEU C 249 -31.64 29.25 -16.55
CA LEU C 249 -32.71 28.27 -16.62
C LEU C 249 -33.18 28.04 -18.05
N ASP C 250 -33.04 29.05 -18.91
CA ASP C 250 -33.47 28.89 -20.28
C ASP C 250 -32.43 28.15 -21.11
N TYR C 251 -31.17 28.12 -20.67
CA TYR C 251 -30.13 27.38 -21.37
C TYR C 251 -30.40 25.88 -21.39
N TYR C 252 -30.95 25.34 -20.30
CA TYR C 252 -31.08 23.90 -20.19
C TYR C 252 -32.20 23.33 -21.05
N ARG C 253 -33.20 24.13 -21.40
CA ARG C 253 -34.22 23.55 -22.27
C ARG C 253 -33.95 23.77 -23.75
N THR C 254 -33.34 24.89 -24.15
CA THR C 254 -33.15 25.13 -25.57
C THR C 254 -31.73 24.85 -26.06
N GLY C 255 -30.72 24.89 -25.19
CA GLY C 255 -29.36 24.60 -25.60
C GLY C 255 -28.62 25.71 -26.29
N LYS C 256 -29.26 26.82 -26.60
CA LYS C 256 -28.57 27.93 -27.24
C LYS C 256 -27.81 28.75 -26.22
N ASP C 257 -26.75 29.41 -26.67
CA ASP C 257 -25.79 30.05 -25.76
C ASP C 257 -26.37 31.35 -25.21
N GLU C 258 -27.14 31.21 -24.13
CA GLU C 258 -27.58 32.33 -23.31
C GLU C 258 -26.66 32.47 -22.08
N ASP C 259 -25.47 31.88 -22.14
CA ASP C 259 -24.56 31.84 -21.01
C ASP C 259 -23.96 33.23 -20.78
N ILE C 260 -24.34 33.85 -19.68
CA ILE C 260 -23.73 35.11 -19.25
C ILE C 260 -22.34 34.79 -18.73
N VAL C 261 -21.31 35.40 -19.33
CA VAL C 261 -19.92 35.07 -19.04
C VAL C 261 -19.27 36.27 -18.38
N SER C 262 -18.83 36.11 -17.13
CA SER C 262 -18.02 37.11 -16.46
C SER C 262 -16.56 36.81 -16.74
N ILE C 263 -15.82 37.83 -17.16
CA ILE C 263 -14.48 37.65 -17.72
C ILE C 263 -13.46 37.99 -16.65
N ASP C 264 -12.56 37.05 -16.37
CA ASP C 264 -11.48 37.29 -15.40
C ASP C 264 -10.25 36.50 -15.83
N ALA C 265 -9.22 37.21 -16.28
CA ALA C 265 -8.04 36.56 -16.82
C ALA C 265 -6.87 36.55 -15.85
N ARG C 266 -6.67 37.64 -15.11
CA ARG C 266 -5.60 37.75 -14.14
C ARG C 266 -6.14 38.19 -12.79
N GLU C 267 -7.43 37.99 -12.56
CA GLU C 267 -8.08 38.46 -11.35
C GLU C 267 -7.84 37.48 -10.21
N LYS C 268 -7.57 38.03 -9.02
CA LYS C 268 -7.30 37.23 -7.84
C LYS C 268 -8.60 36.84 -7.14
N SER C 269 -8.47 36.05 -6.06
CA SER C 269 -9.62 35.79 -5.20
C SER C 269 -10.03 37.03 -4.43
N VAL C 270 -9.07 37.93 -4.16
CA VAL C 270 -9.42 39.17 -3.49
C VAL C 270 -9.96 40.19 -4.47
N SER C 271 -9.47 40.20 -5.70
CA SER C 271 -9.93 41.18 -6.68
C SER C 271 -11.32 40.86 -7.23
N ASP C 272 -11.78 39.62 -7.08
CA ASP C 272 -13.16 39.30 -7.42
C ASP C 272 -14.13 39.77 -6.36
N ILE C 273 -13.64 40.09 -5.16
CA ILE C 273 -14.46 40.70 -4.13
C ILE C 273 -13.99 42.10 -3.77
N LEU C 274 -12.93 42.58 -4.39
CA LEU C 274 -12.43 43.96 -4.14
C LEU C 274 -13.32 44.89 -4.97
N SER C 275 -14.54 45.07 -4.50
CA SER C 275 -15.62 45.83 -5.15
C SER C 275 -16.00 45.28 -6.53
N GLY C 276 -15.40 44.17 -6.96
CA GLY C 276 -15.66 43.62 -8.28
C GLY C 276 -16.91 42.79 -8.35
N PHE C 277 -17.35 42.25 -7.22
CA PHE C 277 -18.57 41.46 -7.18
C PHE C 277 -19.78 42.30 -7.58
N ASP C 278 -19.84 43.55 -7.10
CA ASP C 278 -20.96 44.42 -7.43
C ASP C 278 -20.88 44.92 -8.86
N SER C 279 -19.68 44.99 -9.43
CA SER C 279 -19.51 45.60 -10.74
C SER C 279 -19.57 44.58 -11.87
N LEU C 280 -18.67 43.61 -11.85
CA LEU C 280 -18.57 42.62 -12.96
C LEU C 280 -19.86 41.80 -13.08
N PHE C 281 -20.54 41.54 -11.98
CA PHE C 281 -21.72 40.67 -12.00
C PHE C 281 -22.98 41.46 -12.31
N SER C 282 -22.88 42.52 -13.11
CA SER C 282 -24.01 43.38 -13.36
C SER C 282 -25.06 42.74 -14.26
N GLU C 283 -24.73 41.65 -14.94
CA GLU C 283 -25.68 41.02 -15.85
C GLU C 283 -26.37 39.83 -15.21
N VAL C 284 -25.67 39.09 -14.35
CA VAL C 284 -26.32 38.01 -13.59
C VAL C 284 -27.31 38.59 -12.61
N GLU C 285 -26.98 39.74 -12.01
CA GLU C 285 -27.92 40.47 -11.18
C GLU C 285 -29.11 41.01 -11.99
N GLY C 286 -28.94 41.19 -13.29
CA GLY C 286 -30.01 41.62 -14.16
C GLY C 286 -30.98 40.51 -14.50
N LYS C 287 -30.48 39.41 -15.05
CA LYS C 287 -31.35 38.31 -15.47
C LYS C 287 -31.70 37.35 -14.34
N LEU C 288 -31.30 37.65 -13.10
CA LEU C 288 -31.64 36.89 -11.89
C LEU C 288 -31.19 35.43 -11.96
N MET D 2 -12.18 22.61 22.33
CA MET D 2 -13.02 23.66 22.87
C MET D 2 -12.69 25.04 22.30
N ASP D 3 -13.62 25.58 21.51
CA ASP D 3 -13.71 27.00 21.15
C ASP D 3 -12.48 27.49 20.40
N ARG D 4 -12.33 26.98 19.19
CA ARG D 4 -11.35 27.52 18.25
C ARG D 4 -11.97 28.68 17.50
N ARG D 5 -11.33 29.85 17.56
CA ARG D 5 -11.82 31.05 16.91
C ARG D 5 -10.72 31.70 16.11
N PHE D 6 -11.11 32.49 15.13
CA PHE D 6 -10.20 33.09 14.17
C PHE D 6 -10.35 34.60 14.22
N TYR D 7 -9.24 35.30 14.40
CA TYR D 7 -9.25 36.76 14.38
C TYR D 7 -8.48 37.36 13.22
N GLY D 8 -7.69 36.57 12.51
CA GLY D 8 -6.87 37.11 11.45
C GLY D 8 -5.48 36.53 11.48
N LYS D 9 -4.62 36.97 10.57
CA LYS D 9 -3.30 36.41 10.42
C LYS D 9 -2.27 37.52 10.41
N ILE D 10 -1.18 37.32 11.13
CA ILE D 10 -0.01 38.17 11.02
C ILE D 10 0.96 37.49 10.06
N VAL D 11 1.33 38.19 8.99
CA VAL D 11 2.20 37.61 7.96
C VAL D 11 3.52 38.37 7.97
N ILE D 12 4.62 37.63 8.09
CA ILE D 12 5.95 38.20 8.15
C ILE D 12 6.67 37.81 6.85
N LYS D 13 6.96 38.79 6.02
CA LYS D 13 7.68 38.56 4.77
C LYS D 13 9.06 39.21 4.83
N GLY D 14 10.05 38.51 4.30
CA GLY D 14 11.38 39.07 4.29
C GLY D 14 12.35 38.25 3.48
N LYS D 15 13.64 38.49 3.72
CA LYS D 15 14.71 37.83 2.98
C LYS D 15 15.71 37.24 3.94
N ILE D 16 15.70 35.92 4.09
CA ILE D 16 16.78 35.21 4.75
C ILE D 16 18.04 35.32 3.90
N LYS D 17 19.11 35.81 4.50
CA LYS D 17 20.38 35.98 3.81
C LYS D 17 21.43 35.07 4.43
N ALA D 18 22.25 34.45 3.57
CA ALA D 18 23.37 33.64 4.03
C ALA D 18 24.60 34.53 4.14
N VAL D 19 24.91 34.99 5.34
CA VAL D 19 26.11 35.79 5.53
C VAL D 19 27.34 34.89 5.41
N THR D 20 27.23 33.64 5.82
CA THR D 20 28.18 32.61 5.45
C THR D 20 27.38 31.49 4.78
N GLY D 21 28.04 30.73 3.92
CA GLY D 21 27.32 29.81 3.05
C GLY D 21 26.71 28.65 3.81
N LEU D 22 25.43 28.40 3.56
CA LEU D 22 24.69 27.40 4.30
C LEU D 22 24.65 26.06 3.56
N HIS D 23 24.12 25.05 4.24
CA HIS D 23 24.10 23.69 3.72
C HIS D 23 23.00 22.93 4.45
N ILE D 24 21.96 22.51 3.72
CA ILE D 24 20.90 21.73 4.35
C ILE D 24 20.98 20.28 3.89
N GLY D 25 20.80 20.04 2.60
CA GLY D 25 21.28 18.73 2.18
C GLY D 25 20.24 17.63 2.24
N SER D 26 20.43 16.62 1.38
CA SER D 26 19.61 15.42 1.39
C SER D 26 20.50 14.22 1.07
N GLN D 27 19.97 13.03 1.36
CA GLN D 27 20.66 11.79 1.03
C GLN D 27 20.34 11.38 -0.39
N GLU D 32 20.39 13.39 -10.10
CA GLU D 32 21.74 13.62 -10.60
C GLU D 32 22.53 12.33 -10.57
N ILE D 33 23.58 12.25 -11.39
CA ILE D 33 24.50 11.13 -11.38
C ILE D 33 25.92 11.57 -11.00
N GLY D 34 26.52 12.44 -11.80
CA GLY D 34 27.69 13.14 -11.33
C GLY D 34 27.29 14.18 -10.30
N GLY D 35 28.17 14.44 -9.34
CA GLY D 35 27.83 15.45 -8.32
C GLY D 35 28.60 15.25 -7.04
N ILE D 36 28.59 16.23 -6.14
CA ILE D 36 29.33 16.13 -4.86
C ILE D 36 28.70 15.02 -4.01
N ASP D 37 29.52 14.29 -3.26
CA ASP D 37 29.03 13.18 -2.41
C ASP D 37 27.89 13.68 -1.51
N ASN D 38 28.09 14.80 -0.83
CA ASN D 38 27.04 15.36 0.06
C ASN D 38 26.52 16.66 -0.59
N PRO D 39 25.44 16.56 -1.38
CA PRO D 39 24.84 17.70 -2.09
C PRO D 39 23.87 18.48 -1.20
N VAL D 40 23.27 19.53 -1.73
CA VAL D 40 22.30 20.36 -0.96
C VAL D 40 20.91 20.17 -1.58
N ILE D 41 19.85 20.25 -0.79
CA ILE D 41 18.49 20.09 -1.30
C ILE D 41 18.23 21.15 -2.37
N LYS D 42 17.47 20.77 -3.38
CA LYS D 42 17.22 21.64 -4.52
C LYS D 42 15.74 21.53 -4.91
N ASP D 43 15.27 22.54 -5.61
CA ASP D 43 13.92 22.49 -6.13
C ASP D 43 13.89 21.51 -7.31
N PRO D 44 12.95 20.57 -7.35
CA PRO D 44 12.98 19.56 -8.42
C PRO D 44 12.58 20.10 -9.77
N HIS D 45 11.93 21.25 -9.83
CA HIS D 45 11.51 21.81 -11.10
C HIS D 45 12.47 22.85 -11.65
N THR D 46 13.17 23.59 -10.78
CA THR D 46 14.09 24.62 -11.24
C THR D 46 15.55 24.32 -10.94
N GLY D 47 15.85 23.35 -10.08
CA GLY D 47 17.22 23.02 -9.79
C GLY D 47 17.94 24.01 -8.89
N LEU D 48 17.23 24.94 -8.28
CA LEU D 48 17.88 25.91 -7.41
C LEU D 48 17.72 25.52 -5.95
N PRO D 49 18.73 25.75 -5.11
CA PRO D 49 18.68 25.26 -3.74
C PRO D 49 17.84 26.17 -2.84
N TYR D 50 16.83 25.61 -2.21
CA TYR D 50 15.92 26.40 -1.39
C TYR D 50 16.23 26.14 0.08
N ILE D 51 15.35 26.63 0.95
CA ILE D 51 15.40 26.31 2.37
C ILE D 51 14.02 25.80 2.74
N PRO D 52 13.88 24.59 3.26
CA PRO D 52 12.57 24.05 3.56
C PRO D 52 11.95 24.71 4.78
N GLY D 53 10.63 24.61 4.87
CA GLY D 53 9.94 25.08 6.05
C GLY D 53 10.01 24.13 7.20
N SER D 54 10.34 22.87 6.94
CA SER D 54 10.59 21.92 8.01
C SER D 54 11.88 22.26 8.74
N SER D 55 12.90 22.66 7.97
CA SER D 55 14.20 22.95 8.54
C SER D 55 14.23 24.28 9.26
N LEU D 56 13.32 25.19 8.93
CA LEU D 56 13.30 26.47 9.62
C LEU D 56 12.37 26.44 10.84
N LYS D 57 11.22 25.77 10.74
CA LYS D 57 10.38 25.59 11.92
C LYS D 57 11.05 24.69 12.94
N GLY D 58 11.64 23.59 12.48
CA GLY D 58 12.25 22.64 13.40
C GLY D 58 13.45 23.17 14.13
N ARG D 59 14.20 24.07 13.51
CA ARG D 59 15.31 24.68 14.23
C ARG D 59 14.81 25.75 15.22
N LEU D 60 13.74 26.47 14.87
CA LEU D 60 13.17 27.45 15.81
C LEU D 60 12.51 26.77 17.01
N ARG D 61 11.83 25.64 16.78
CA ARG D 61 11.24 24.91 17.90
C ARG D 61 12.33 24.32 18.78
N SER D 62 13.43 23.87 18.18
CA SER D 62 14.54 23.33 18.95
C SER D 62 15.18 24.38 19.82
N LEU D 63 15.51 25.54 19.24
CA LEU D 63 16.18 26.60 19.99
C LEU D 63 15.29 27.24 21.02
N PHE D 64 13.97 27.15 20.87
CA PHE D 64 13.07 27.70 21.86
C PHE D 64 12.84 26.74 23.02
N GLU D 65 13.08 25.45 22.82
CA GLU D 65 12.92 24.48 23.90
C GLU D 65 14.11 24.51 24.86
N ILE D 66 15.31 24.73 24.36
CA ILE D 66 16.45 24.89 25.26
C ILE D 66 16.36 26.24 25.97
N LEU D 67 15.76 27.25 25.34
CA LEU D 67 15.51 28.54 25.98
C LEU D 67 14.51 28.43 27.12
N VAL D 68 13.68 27.40 27.16
CA VAL D 68 12.74 27.21 28.26
C VAL D 68 13.41 26.51 29.44
N ASN D 69 14.18 25.45 29.15
CA ASN D 69 14.85 24.71 30.22
C ASN D 69 15.94 25.51 30.93
N SER D 70 16.51 26.53 30.29
CA SER D 70 17.43 27.39 31.00
C SER D 70 16.71 28.30 31.97
N ARG D 71 15.40 28.50 31.81
CA ARG D 71 14.67 29.44 32.65
C ARG D 71 13.32 28.85 33.07
N LEU D 72 13.30 27.59 33.49
CA LEU D 72 12.07 27.02 34.04
C LEU D 72 11.64 27.63 35.38
N GLY D 73 12.56 28.29 36.08
CA GLY D 73 12.14 29.04 37.25
C GLY D 73 11.40 30.31 36.90
N GLU D 74 11.73 30.92 35.77
CA GLU D 74 11.16 32.21 35.40
C GLU D 74 9.91 32.09 34.54
N TRP D 75 9.87 31.15 33.59
CA TRP D 75 8.71 30.98 32.73
C TRP D 75 7.53 30.32 33.44
N ARG D 76 7.75 29.74 34.63
CA ARG D 76 6.72 28.94 35.28
C ARG D 76 5.58 29.80 35.82
N GLU D 77 5.89 31.02 36.24
CA GLU D 77 4.85 31.90 36.77
C GLU D 77 4.00 32.52 35.69
N LYS D 78 4.54 32.66 34.47
CA LYS D 78 3.77 33.24 33.38
C LYS D 78 2.79 32.24 32.78
N TYR D 79 3.23 30.99 32.61
CA TYR D 79 2.46 29.98 31.91
C TYR D 79 2.14 28.82 32.84
N PRO D 80 0.89 28.38 32.93
CA PRO D 80 0.60 27.14 33.64
C PRO D 80 1.15 25.94 32.87
N SER D 81 1.09 24.79 33.54
CA SER D 81 1.53 23.48 33.05
C SER D 81 3.00 23.44 32.66
N LEU D 82 3.80 24.37 33.18
CA LEU D 82 5.24 24.21 33.14
C LEU D 82 5.77 23.68 34.47
N ALA D 83 4.91 23.60 35.48
CA ALA D 83 5.21 22.93 36.73
C ALA D 83 4.82 21.47 36.72
N ASN D 84 4.60 20.91 35.53
CA ASN D 84 4.17 19.53 35.35
C ASN D 84 5.35 18.57 35.30
N TYR D 85 6.59 19.06 35.46
CA TYR D 85 7.77 18.26 35.16
C TYR D 85 8.98 18.82 35.89
N SER D 86 10.15 18.30 35.50
CA SER D 86 11.47 18.68 36.00
C SER D 86 12.38 18.95 34.81
N PRO D 87 13.42 19.77 34.96
CA PRO D 87 14.31 20.05 33.82
C PRO D 87 15.17 18.84 33.45
N GLY D 88 15.34 18.64 32.15
CA GLY D 88 16.12 17.55 31.62
C GLY D 88 15.35 16.79 30.57
N SER D 89 15.75 15.55 30.34
CA SER D 89 15.16 14.70 29.32
C SER D 89 14.72 13.38 29.92
N CYS D 90 13.82 12.71 29.21
CA CYS D 90 13.38 11.36 29.55
C CYS D 90 14.23 10.29 28.91
N ARG D 91 15.47 10.60 28.56
CA ARG D 91 16.37 9.66 27.88
C ARG D 91 16.79 8.46 28.75
N PRO D 92 17.21 8.60 30.06
CA PRO D 92 17.55 7.39 30.82
C PRO D 92 16.36 6.48 31.11
N ASP D 93 15.33 7.03 31.74
CA ASP D 93 14.13 6.26 32.05
C ASP D 93 13.21 6.30 30.83
N ASN D 94 13.12 5.18 30.12
CA ASN D 94 12.39 5.12 28.84
C ASN D 94 10.89 5.16 29.11
N GLN D 95 10.40 6.36 29.38
CA GLN D 95 9.00 6.57 29.75
C GLN D 95 8.47 7.80 29.03
N GLU D 96 7.24 7.69 28.53
CA GLU D 96 6.63 8.77 27.74
C GLU D 96 6.23 9.97 28.58
N ASN D 97 5.94 9.76 29.87
CA ASN D 97 5.65 10.88 30.76
C ASN D 97 6.10 10.50 32.18
N CYS D 98 7.35 10.81 32.49
CA CYS D 98 7.90 10.56 33.80
C CYS D 98 8.35 11.85 34.48
N GLY D 99 7.85 12.99 34.00
CA GLY D 99 8.08 14.25 34.67
C GLY D 99 9.28 15.02 34.21
N LYS D 100 9.65 14.94 32.94
CA LYS D 100 10.70 15.77 32.39
C LYS D 100 10.15 16.59 31.23
N PHE D 101 10.91 17.61 30.83
CA PHE D 101 10.43 18.51 29.79
C PHE D 101 10.49 17.86 28.42
N PHE D 102 11.55 17.12 28.14
CA PHE D 102 11.68 16.40 26.87
C PHE D 102 10.99 15.06 27.03
N ASN D 103 9.68 15.07 26.85
CA ASN D 103 8.85 13.96 27.29
C ASN D 103 8.54 12.95 26.20
N ARG D 104 8.34 13.36 24.96
CA ARG D 104 7.92 12.45 23.90
C ARG D 104 9.12 12.06 23.06
N LYS D 105 9.29 10.75 22.85
CA LYS D 105 10.27 10.27 21.89
C LYS D 105 9.62 10.13 20.54
N ILE D 106 10.39 10.38 19.49
CA ILE D 106 9.86 10.27 18.14
C ILE D 106 10.12 8.87 17.61
N ASN D 107 11.38 8.54 17.41
CA ASN D 107 11.79 7.17 17.13
C ASN D 107 12.85 6.70 18.11
N ARG D 108 13.89 7.50 18.32
CA ARG D 108 14.90 7.25 19.33
C ARG D 108 15.22 8.49 20.14
N GLY D 109 14.79 9.67 19.71
CA GLY D 109 15.18 10.91 20.36
C GLY D 109 13.99 11.62 20.95
N TRP D 110 14.23 12.32 22.05
CA TRP D 110 13.19 12.87 22.90
C TRP D 110 13.02 14.35 22.61
N ILE D 111 11.79 14.76 22.29
CA ILE D 111 11.44 16.13 21.94
C ILE D 111 10.28 16.54 22.84
N HIS D 112 10.30 17.79 23.33
CA HIS D 112 9.22 18.29 24.16
C HIS D 112 7.93 18.41 23.37
N VAL D 113 6.95 17.58 23.71
CA VAL D 113 5.61 17.62 23.13
C VAL D 113 4.61 17.42 24.24
N CYS D 114 3.67 18.36 24.41
CA CYS D 114 2.61 18.18 25.38
C CYS D 114 1.65 17.08 24.93
N PRO D 115 1.13 16.29 25.87
CA PRO D 115 0.34 15.12 25.48
C PRO D 115 -1.15 15.38 25.37
N ASP D 116 -1.63 16.50 25.90
CA ASP D 116 -3.06 16.76 25.97
C ASP D 116 -3.33 18.15 25.41
N TYR D 117 -4.56 18.34 24.91
CA TYR D 117 -4.97 19.63 24.36
C TYR D 117 -4.94 20.72 25.41
N GLU D 118 -5.32 20.41 26.64
CA GLU D 118 -5.46 21.43 27.65
C GLU D 118 -4.11 21.85 28.23
N THR D 119 -3.16 20.93 28.31
CA THR D 119 -1.82 21.31 28.72
C THR D 119 -1.01 21.93 27.59
N ALA D 120 -1.47 21.79 26.35
CA ALA D 120 -0.79 22.43 25.22
C ALA D 120 -1.27 23.85 24.99
N LEU D 121 -2.44 24.21 25.52
CA LEU D 121 -2.94 25.56 25.42
C LEU D 121 -2.32 26.48 26.46
N ALA D 122 -1.60 25.93 27.42
CA ALA D 122 -0.90 26.72 28.41
C ALA D 122 0.61 26.76 28.20
N CYS D 123 1.17 25.79 27.50
CA CYS D 123 2.61 25.76 27.27
C CYS D 123 2.98 26.80 26.21
N PRO D 124 4.05 27.58 26.42
CA PRO D 124 4.46 28.52 25.38
C PRO D 124 5.07 27.86 24.17
N VAL D 125 5.68 26.69 24.33
CA VAL D 125 6.25 25.99 23.19
C VAL D 125 5.13 25.40 22.33
N CYS D 126 4.09 24.87 22.95
CA CYS D 126 3.09 24.12 22.20
C CYS D 126 1.85 24.92 21.83
N ARG D 127 1.67 26.15 22.31
CA ARG D 127 0.67 27.00 21.68
C ARG D 127 1.13 27.43 20.31
N LEU D 128 2.38 27.84 20.19
CA LEU D 128 2.86 28.43 18.96
C LEU D 128 3.17 27.37 17.91
N PHE D 129 3.55 26.16 18.32
CA PHE D 129 4.00 25.14 17.39
C PHE D 129 3.10 23.92 17.30
N GLY D 130 2.24 23.67 18.28
CA GLY D 130 1.31 22.56 18.22
C GLY D 130 1.81 21.32 18.94
N ALA D 131 0.88 20.40 19.23
CA ALA D 131 1.21 19.27 20.09
C ALA D 131 1.10 17.90 19.41
N SER D 132 -0.09 17.47 18.98
CA SER D 132 -0.40 16.07 18.60
C SER D 132 -0.06 15.08 19.72
N GLY D 133 -0.84 15.13 20.78
CA GLY D 133 -0.92 14.02 21.68
C GLY D 133 -1.88 12.96 21.19
N LYS D 134 -2.04 11.90 21.99
CA LYS D 134 -3.09 10.93 21.75
C LYS D 134 -4.41 11.50 22.29
N GLU D 135 -5.44 11.44 21.44
CA GLU D 135 -6.77 12.02 21.66
C GLU D 135 -6.73 13.55 21.82
N SER D 136 -5.62 14.19 21.49
CA SER D 136 -5.39 15.58 21.84
C SER D 136 -5.31 16.50 20.63
N ASN D 137 -4.25 16.37 19.83
CA ASN D 137 -4.02 17.07 18.56
C ASN D 137 -4.32 18.58 18.61
N PHE D 138 -3.47 19.30 19.32
CA PHE D 138 -3.49 20.77 19.25
C PHE D 138 -2.77 21.20 17.97
N PRO D 139 -3.44 21.80 16.99
CA PRO D 139 -2.74 22.21 15.77
C PRO D 139 -1.94 23.48 15.99
N SER D 140 -0.98 23.69 15.10
CA SER D 140 -0.06 24.81 15.23
C SER D 140 -0.75 26.13 14.96
N ARG D 141 -0.11 27.20 15.41
CA ARG D 141 -0.57 28.53 15.07
C ARG D 141 0.33 29.21 14.07
N ILE D 142 1.44 28.60 13.65
CA ILE D 142 2.30 29.20 12.65
C ILE D 142 2.43 28.29 11.43
N ILE D 143 2.67 28.93 10.30
CA ILE D 143 3.00 28.27 9.04
C ILE D 143 4.32 28.85 8.58
N VAL D 144 5.31 28.00 8.37
CA VAL D 144 6.62 28.44 7.91
C VAL D 144 6.79 27.88 6.52
N ARG D 145 6.61 28.73 5.50
CA ARG D 145 6.65 28.30 4.12
C ARG D 145 8.06 27.89 3.72
N ASP D 146 8.17 27.16 2.60
CA ASP D 146 9.48 26.87 2.04
C ASP D 146 10.03 28.14 1.41
N ALA D 147 11.34 28.34 1.56
CA ALA D 147 11.98 29.59 1.23
C ALA D 147 12.80 29.43 -0.04
N PHE D 148 12.30 29.98 -1.14
CA PHE D 148 13.01 29.91 -2.41
C PHE D 148 13.86 31.16 -2.61
N LEU D 149 14.68 31.17 -3.65
CA LEU D 149 15.50 32.32 -3.97
C LEU D 149 14.65 33.50 -4.40
N THR D 150 15.25 34.67 -4.34
CA THR D 150 14.58 35.89 -4.73
C THR D 150 14.50 35.97 -6.26
N LYS D 151 13.79 36.99 -6.76
CA LYS D 151 13.81 37.26 -8.18
C LYS D 151 15.14 37.83 -8.65
N GLU D 152 15.92 38.38 -7.73
CA GLU D 152 17.26 38.86 -8.07
C GLU D 152 18.22 37.69 -8.25
N TRP D 153 18.30 36.80 -7.25
CA TRP D 153 19.25 35.71 -7.29
C TRP D 153 18.84 34.57 -8.22
N GLU D 154 17.64 34.63 -8.79
CA GLU D 154 17.31 33.74 -9.89
C GLU D 154 17.92 34.24 -11.19
N GLU D 155 18.01 35.56 -11.37
CA GLU D 155 18.65 36.13 -12.54
C GLU D 155 20.16 35.90 -12.54
N LYS D 156 20.75 35.75 -11.36
CA LYS D 156 22.18 35.46 -11.28
C LYS D 156 22.50 34.05 -11.77
N TRP D 157 21.55 33.13 -11.64
CA TRP D 157 21.72 31.80 -12.20
C TRP D 157 21.56 31.81 -13.72
N ARG D 158 20.76 32.75 -14.24
CA ARG D 158 20.63 32.90 -15.68
C ARG D 158 21.92 33.44 -16.31
N ALA D 159 22.53 34.43 -15.67
CA ALA D 159 23.71 35.09 -16.20
C ALA D 159 24.99 34.28 -16.03
N GLY D 160 24.96 33.19 -15.27
CA GLY D 160 26.10 32.31 -15.14
C GLY D 160 26.89 32.43 -13.85
N GLU D 161 26.47 33.30 -12.93
CA GLU D 161 27.12 33.40 -11.63
C GLU D 161 26.81 32.14 -10.82
N ALA D 162 27.75 31.77 -9.95
CA ALA D 162 27.65 30.51 -9.23
C ALA D 162 26.74 30.66 -8.01
N ILE D 163 25.72 29.81 -7.94
CA ILE D 163 24.84 29.76 -6.77
C ILE D 163 25.38 28.79 -5.73
N THR D 164 25.87 27.64 -6.14
CA THR D 164 26.44 26.67 -5.22
C THR D 164 27.97 26.69 -5.30
N GLU D 165 28.58 25.79 -4.56
CA GLU D 165 30.02 25.74 -4.37
C GLU D 165 30.37 24.34 -3.89
N ALA D 166 31.61 23.91 -4.13
CA ALA D 166 32.08 22.61 -3.67
C ALA D 166 33.18 22.83 -2.64
N LYS D 167 32.77 22.96 -1.38
CA LYS D 167 33.73 23.10 -0.30
C LYS D 167 34.38 21.76 0.00
N ILE D 168 35.72 21.76 0.16
CA ILE D 168 36.47 20.55 0.41
C ILE D 168 37.07 20.63 1.80
N GLU D 169 36.82 19.60 2.61
CA GLU D 169 37.35 19.51 3.96
C GLU D 169 38.09 18.19 4.13
N VAL D 170 38.91 18.13 5.18
CA VAL D 170 39.80 17.00 5.43
C VAL D 170 39.87 16.74 6.93
N GLY D 171 39.68 15.48 7.34
CA GLY D 171 39.96 15.05 8.68
C GLY D 171 41.32 14.38 8.74
N ILE D 172 42.21 14.93 9.55
CA ILE D 172 43.59 14.48 9.64
C ILE D 172 43.74 13.51 10.81
N ASP D 173 44.19 12.29 10.51
CA ASP D 173 44.65 11.35 11.52
C ASP D 173 45.82 11.98 12.28
N ARG D 174 45.73 11.97 13.62
CA ARG D 174 46.68 12.74 14.41
C ARG D 174 48.05 12.07 14.44
N VAL D 175 48.10 10.74 14.52
CA VAL D 175 49.37 10.07 14.74
C VAL D 175 50.14 9.87 13.44
N THR D 176 49.47 9.37 12.40
CA THR D 176 50.14 9.04 11.15
C THR D 176 50.09 10.16 10.11
N SER D 177 49.32 11.23 10.38
CA SER D 177 49.18 12.41 9.53
C SER D 177 48.65 12.09 8.13
N GLN D 178 47.91 10.98 8.00
CA GLN D 178 47.25 10.64 6.76
C GLN D 178 45.91 11.36 6.69
N ALA D 179 45.54 11.80 5.50
CA ALA D 179 44.40 12.68 5.30
C ALA D 179 43.27 11.95 4.59
N ASN D 180 42.05 12.13 5.09
CA ASN D 180 40.86 11.62 4.44
C ASN D 180 40.04 12.79 3.93
N PRO D 181 39.92 12.97 2.61
CA PRO D 181 39.23 14.16 2.08
C PRO D 181 37.73 13.97 1.93
N ARG D 182 37.03 15.10 1.98
CA ARG D 182 35.58 15.16 1.88
C ARG D 182 35.18 16.39 1.09
N THR D 183 34.08 16.28 0.36
CA THR D 183 33.53 17.39 -0.41
C THR D 183 32.08 17.62 -0.01
N ASN D 184 31.71 18.88 0.21
CA ASN D 184 30.33 19.21 0.63
C ASN D 184 29.79 20.37 -0.21
N GLU D 185 28.62 20.21 -0.80
CA GLU D 185 28.01 21.28 -1.57
C GLU D 185 27.54 22.37 -0.62
N ARG D 186 27.74 23.61 -1.02
CA ARG D 186 27.41 24.75 -0.18
C ARG D 186 26.91 25.88 -1.05
N VAL D 187 25.79 26.49 -0.65
CA VAL D 187 25.30 27.69 -1.31
C VAL D 187 26.32 28.82 -1.10
N VAL D 188 26.56 29.61 -2.14
CA VAL D 188 27.50 30.73 -2.06
C VAL D 188 27.00 31.74 -1.04
N ALA D 189 27.89 32.18 -0.15
CA ALA D 189 27.55 33.15 0.87
C ALA D 189 27.15 34.48 0.24
N GLY D 190 26.05 35.04 0.72
CA GLY D 190 25.46 36.22 0.16
C GLY D 190 24.12 35.99 -0.48
N ALA D 191 23.79 34.74 -0.79
CA ALA D 191 22.53 34.41 -1.45
C ALA D 191 21.35 34.66 -0.51
N GLU D 192 20.21 35.02 -1.10
CA GLU D 192 19.07 35.45 -0.32
C GLU D 192 17.85 34.61 -0.67
N PHE D 193 16.92 34.54 0.29
CA PHE D 193 15.79 33.63 0.23
C PHE D 193 14.54 34.31 0.76
N GLU D 194 13.48 34.34 -0.04
CA GLU D 194 12.20 34.86 0.40
C GLU D 194 11.55 33.87 1.35
N PHE D 195 11.45 34.21 2.63
CA PHE D 195 10.73 33.37 3.57
C PHE D 195 9.37 33.97 3.88
N GLU D 196 8.56 33.22 4.61
CA GLU D 196 7.25 33.69 5.02
C GLU D 196 6.81 32.94 6.26
N ILE D 197 6.37 33.68 7.28
CA ILE D 197 5.89 33.09 8.53
C ILE D 197 4.54 33.71 8.83
N ILE D 198 3.54 32.87 9.05
CA ILE D 198 2.14 33.29 9.17
C ILE D 198 1.62 32.81 10.51
N TYR D 199 1.42 33.74 11.44
CA TYR D 199 0.84 33.42 12.74
C TYR D 199 -0.67 33.60 12.70
N ASN D 200 -1.40 32.56 13.13
CA ASN D 200 -2.85 32.61 13.21
C ASN D 200 -3.28 33.20 14.55
N VAL D 201 -3.99 34.33 14.51
CA VAL D 201 -4.42 34.95 15.75
C VAL D 201 -5.66 34.20 16.22
N GLU D 202 -5.46 33.20 17.08
CA GLU D 202 -6.55 32.36 17.55
C GLU D 202 -7.21 32.94 18.80
N ASN D 203 -6.43 33.61 19.63
CA ASN D 203 -6.93 34.19 20.86
C ASN D 203 -6.35 35.59 20.99
N THR D 204 -7.21 36.59 21.14
CA THR D 204 -6.75 37.96 21.28
C THR D 204 -6.21 38.26 22.67
N THR D 205 -6.37 37.33 23.62
CA THR D 205 -5.76 37.47 24.93
C THR D 205 -4.24 37.43 24.83
N HIS D 206 -3.70 36.36 24.26
CA HIS D 206 -2.28 36.10 24.25
C HIS D 206 -1.77 35.86 22.84
N TRP D 207 -2.13 36.76 21.92
CA TRP D 207 -1.39 36.84 20.67
C TRP D 207 -0.07 37.55 20.88
N ARG D 208 -0.01 38.45 21.87
CA ARG D 208 1.14 39.31 22.06
C ARG D 208 2.32 38.54 22.63
N ASP D 209 2.04 37.51 23.43
CA ASP D 209 3.12 36.69 23.96
C ASP D 209 3.71 35.78 22.89
N ASP D 210 2.89 35.32 21.93
CA ASP D 210 3.41 34.43 20.90
C ASP D 210 4.28 35.17 19.90
N ILE D 211 3.98 36.44 19.62
CA ILE D 211 4.81 37.20 18.70
C ILE D 211 6.17 37.51 19.33
N LYS D 212 6.18 37.77 20.64
CA LYS D 212 7.45 37.94 21.33
C LYS D 212 8.20 36.63 21.46
N ASN D 213 7.50 35.50 21.55
CA ASN D 213 8.19 34.22 21.66
C ASN D 213 8.70 33.72 20.32
N LEU D 214 8.05 34.10 19.22
CA LEU D 214 8.53 33.71 17.91
C LEU D 214 9.75 34.54 17.51
N LEU D 215 9.72 35.84 17.81
CA LEU D 215 10.84 36.72 17.52
C LEU D 215 12.00 36.51 18.48
N THR D 216 11.76 35.91 19.65
CA THR D 216 12.86 35.52 20.52
C THR D 216 13.64 34.36 19.92
N ALA D 217 12.93 33.41 19.33
CA ALA D 217 13.58 32.24 18.76
C ALA D 217 14.34 32.57 17.49
N MET D 218 13.92 33.63 16.77
CA MET D 218 14.65 34.04 15.57
C MET D 218 16.01 34.62 15.92
N ALA D 219 16.08 35.44 16.96
CA ALA D 219 17.34 36.03 17.38
C ALA D 219 18.26 35.01 18.01
N LEU D 220 17.72 33.90 18.52
CA LEU D 220 18.56 32.77 18.89
C LEU D 220 19.15 32.10 17.65
N LEU D 221 18.37 32.02 16.58
CA LEU D 221 18.83 31.40 15.35
C LEU D 221 19.77 32.31 14.56
N GLU D 222 19.77 33.61 14.83
CA GLU D 222 20.80 34.46 14.27
C GLU D 222 22.10 34.38 15.05
N ASP D 223 22.07 33.82 16.25
CA ASP D 223 23.29 33.56 17.01
C ASP D 223 23.86 32.18 16.68
N SER D 224 23.00 31.19 16.53
CA SER D 224 23.42 29.86 16.13
C SER D 224 23.33 29.74 14.61
N TYR D 225 23.38 28.52 14.10
CA TYR D 225 23.43 28.26 12.67
C TYR D 225 22.08 27.79 12.15
N LEU D 226 22.03 27.53 10.84
CA LEU D 226 20.85 26.99 10.18
C LEU D 226 21.28 25.80 9.33
N GLY D 227 21.32 24.63 9.96
CA GLY D 227 21.48 23.37 9.27
C GLY D 227 22.88 23.04 8.80
N GLY D 228 23.29 21.80 8.98
CA GLY D 228 24.45 21.29 8.27
C GLY D 228 25.80 21.84 8.67
N SER D 229 26.31 21.41 9.83
CA SER D 229 27.71 21.63 10.25
C SER D 229 28.01 23.11 10.46
N GLY D 230 27.21 23.74 11.29
CA GLY D 230 27.41 25.14 11.59
C GLY D 230 28.39 25.44 12.69
N SER D 231 28.98 24.41 13.30
CA SER D 231 30.11 24.61 14.19
C SER D 231 31.40 24.91 13.44
N ARG D 232 31.37 24.83 12.11
CA ARG D 232 32.52 25.04 11.25
C ARG D 232 32.39 26.31 10.44
N GLY D 233 31.25 26.98 10.53
CA GLY D 233 31.01 28.20 9.80
C GLY D 233 29.80 28.18 8.90
N TYR D 234 29.16 27.04 8.69
CA TYR D 234 28.13 26.94 7.65
C TYR D 234 26.79 27.54 8.04
N GLY D 235 26.71 28.34 9.09
CA GLY D 235 25.49 29.05 9.38
C GLY D 235 25.68 30.52 9.13
N LYS D 236 25.62 31.31 10.20
CA LYS D 236 25.65 32.78 10.16
C LYS D 236 24.61 33.30 9.15
N VAL D 237 23.37 33.09 9.56
CA VAL D 237 22.23 33.42 8.75
C VAL D 237 21.64 34.71 9.32
N LYS D 238 20.87 35.43 8.49
CA LYS D 238 20.39 36.75 8.89
C LYS D 238 19.01 37.01 8.31
N PHE D 239 18.07 37.37 9.17
CA PHE D 239 16.73 37.77 8.75
C PHE D 239 16.74 39.24 8.38
N ILE D 240 16.30 39.56 7.16
CA ILE D 240 16.07 40.92 6.72
C ILE D 240 14.58 41.06 6.45
N PHE D 241 13.92 41.97 7.16
CA PHE D 241 12.47 42.07 7.13
C PHE D 241 12.02 43.00 6.01
N ASP D 242 11.26 42.46 5.06
CA ASP D 242 10.68 43.27 4.01
C ASP D 242 9.40 43.94 4.48
N SER D 243 8.41 43.15 4.85
CA SER D 243 7.10 43.68 5.21
C SER D 243 6.56 42.92 6.42
N PHE D 244 5.68 43.60 7.15
CA PHE D 244 5.05 43.04 8.33
C PHE D 244 3.59 43.49 8.27
N GLU D 245 2.66 42.54 8.40
CA GLU D 245 1.30 42.87 8.00
C GLU D 245 0.31 42.01 8.77
N PHE D 246 -0.70 42.65 9.34
CA PHE D 246 -1.81 41.98 10.01
C PHE D 246 -3.03 42.04 9.10
N ARG D 247 -3.47 40.87 8.64
CA ARG D 247 -4.70 40.78 7.85
C ARG D 247 -5.86 40.51 8.78
N PRO D 248 -6.76 41.48 8.94
CA PRO D 248 -7.94 41.36 9.80
C PRO D 248 -8.96 40.41 9.17
N LEU D 249 -9.93 39.93 9.93
CA LEU D 249 -10.95 38.99 9.40
C LEU D 249 -11.71 39.68 8.25
N ASP D 250 -12.04 40.95 8.40
CA ASP D 250 -12.79 41.69 7.35
C ASP D 250 -11.98 41.64 6.05
N TYR D 251 -10.66 41.66 6.11
CA TYR D 251 -9.86 41.62 4.88
C TYR D 251 -10.35 40.54 3.93
N TYR D 252 -10.63 39.36 4.46
CA TYR D 252 -11.05 38.25 3.62
C TYR D 252 -12.51 38.36 3.20
N ARG D 253 -13.29 39.15 3.93
CA ARG D 253 -14.67 39.40 3.54
C ARG D 253 -14.72 40.30 2.31
N THR D 254 -14.21 41.52 2.44
CA THR D 254 -14.43 42.56 1.44
C THR D 254 -13.31 42.68 0.43
N GLY D 255 -12.18 42.01 0.62
CA GLY D 255 -11.12 42.00 -0.37
C GLY D 255 -10.33 43.28 -0.53
N LYS D 256 -10.73 44.37 0.12
CA LYS D 256 -10.00 45.63 0.05
C LYS D 256 -8.63 45.50 0.65
N ASP D 257 -7.66 46.23 0.11
CA ASP D 257 -6.30 46.24 0.65
C ASP D 257 -6.18 47.29 1.76
N GLU D 258 -7.01 47.13 2.77
CA GLU D 258 -6.95 47.93 3.99
C GLU D 258 -6.73 46.95 5.13
N ASP D 259 -5.47 46.58 5.29
CA ASP D 259 -5.01 45.67 6.33
C ASP D 259 -3.73 46.26 6.90
N ILE D 260 -3.62 46.25 8.22
CA ILE D 260 -2.73 47.18 8.90
C ILE D 260 -1.30 46.64 8.91
N VAL D 261 -0.33 47.55 8.78
CA VAL D 261 1.03 47.22 8.35
C VAL D 261 2.01 47.81 9.35
N SER D 262 3.06 47.06 9.65
CA SER D 262 4.20 47.54 10.50
C SER D 262 5.36 47.79 9.53
N ILE D 263 5.99 48.96 9.52
CA ILE D 263 7.01 49.21 8.45
C ILE D 263 8.16 48.19 8.52
N ASP D 264 8.77 47.97 9.67
CA ASP D 264 9.87 46.96 9.81
C ASP D 264 10.92 47.15 8.72
N ALA D 265 11.39 48.37 8.45
CA ALA D 265 12.35 48.56 7.34
C ALA D 265 13.76 48.69 7.90
N ARG D 266 14.69 47.87 7.42
CA ARG D 266 16.11 47.86 7.86
C ARG D 266 16.16 47.69 9.38
N GLU D 267 15.27 46.88 9.93
CA GLU D 267 15.25 46.63 11.35
C GLU D 267 15.53 45.15 11.59
N LYS D 268 16.21 44.85 12.69
CA LYS D 268 16.67 43.49 12.95
C LYS D 268 15.60 42.72 13.70
N SER D 269 15.89 41.44 13.99
CA SER D 269 15.01 40.67 14.85
C SER D 269 15.12 41.12 16.30
N VAL D 270 16.26 41.72 16.67
CA VAL D 270 16.41 42.25 18.02
C VAL D 270 15.79 43.64 18.14
N SER D 271 15.61 44.36 17.04
CA SER D 271 14.97 45.66 17.11
C SER D 271 13.46 45.54 17.25
N ASP D 272 12.87 44.46 16.73
CA ASP D 272 11.42 44.32 16.79
C ASP D 272 10.94 43.98 18.20
N ILE D 273 11.76 43.30 18.99
CA ILE D 273 11.39 43.00 20.37
C ILE D 273 11.87 44.08 21.33
N LEU D 274 13.15 44.45 21.26
CA LEU D 274 13.72 45.27 22.32
C LEU D 274 13.48 46.76 22.09
N SER D 275 13.67 47.25 20.87
CA SER D 275 13.62 48.68 20.66
C SER D 275 12.19 49.20 20.60
N GLY D 276 11.34 48.59 19.78
CA GLY D 276 10.06 49.21 19.51
C GLY D 276 8.83 48.32 19.46
N PHE D 277 8.76 47.27 20.31
CA PHE D 277 7.64 46.34 20.22
C PHE D 277 6.31 47.00 20.56
N ASP D 278 6.29 47.90 21.55
CA ASP D 278 5.06 48.59 21.89
C ASP D 278 4.73 49.73 20.94
N SER D 279 5.74 50.29 20.27
CA SER D 279 5.48 51.37 19.33
C SER D 279 4.98 50.84 17.99
N LEU D 280 5.53 49.71 17.53
CA LEU D 280 5.15 49.18 16.22
C LEU D 280 3.78 48.52 16.27
N PHE D 281 3.53 47.71 17.29
CA PHE D 281 2.31 46.93 17.42
C PHE D 281 1.20 47.69 18.11
N SER D 282 1.35 49.01 18.27
CA SER D 282 0.32 49.80 18.93
C SER D 282 -0.94 49.91 18.07
N GLU D 283 -0.79 49.80 16.75
CA GLU D 283 -1.92 49.91 15.85
C GLU D 283 -2.58 48.57 15.56
N VAL D 284 -1.88 47.45 15.76
CA VAL D 284 -2.52 46.14 15.68
C VAL D 284 -3.50 45.97 16.83
N GLU D 285 -3.13 46.46 18.02
CA GLU D 285 -3.97 46.38 19.21
C GLU D 285 -5.25 47.20 19.08
N GLY D 286 -5.24 48.24 18.25
CA GLY D 286 -6.43 49.06 18.11
C GLY D 286 -7.55 48.39 17.33
N LYS D 287 -7.20 47.49 16.41
CA LYS D 287 -8.23 46.79 15.65
C LYS D 287 -8.74 45.57 16.40
N LEU D 288 -7.87 44.88 17.11
CA LEU D 288 -8.25 43.70 17.88
C LEU D 288 -9.07 44.07 19.10
N PRO E 2 -32.14 -3.39 -33.98
CA PRO E 2 -32.51 -2.24 -34.82
C PRO E 2 -31.61 -1.03 -34.58
N LYS E 3 -32.06 0.14 -35.03
CA LYS E 3 -31.32 1.37 -34.81
C LYS E 3 -31.72 1.96 -33.46
N PHE E 4 -30.72 2.22 -32.62
CA PHE E 4 -30.95 2.84 -31.33
C PHE E 4 -30.21 4.16 -31.29
N ILE E 5 -30.60 5.00 -30.34
CA ILE E 5 -29.83 6.20 -30.00
C ILE E 5 -28.95 5.85 -28.81
N ALA E 6 -27.66 6.08 -28.94
CA ALA E 6 -26.71 5.78 -27.88
C ALA E 6 -26.31 7.10 -27.23
N VAL E 7 -26.78 7.32 -26.01
CA VAL E 7 -26.44 8.50 -25.24
C VAL E 7 -25.11 8.21 -24.55
N LYS E 8 -24.03 8.82 -25.05
CA LYS E 8 -22.68 8.59 -24.55
C LYS E 8 -22.37 9.58 -23.43
N LEU E 9 -22.04 9.06 -22.26
CA LEU E 9 -21.75 9.88 -21.08
C LEU E 9 -20.26 9.83 -20.85
N ILE E 10 -19.57 10.94 -21.06
CA ILE E 10 -18.12 11.01 -21.03
C ILE E 10 -17.70 11.54 -19.67
N PRO E 11 -17.00 10.76 -18.85
CA PRO E 11 -16.85 11.09 -17.44
C PRO E 11 -15.91 12.25 -17.18
N LYS E 12 -16.31 13.10 -16.23
CA LYS E 12 -15.47 14.16 -15.71
C LYS E 12 -14.73 13.74 -14.45
N GLY E 13 -14.94 12.53 -13.97
CA GLY E 13 -14.29 12.07 -12.77
C GLY E 13 -14.69 10.65 -12.44
N PRO E 14 -14.90 10.36 -11.15
CA PRO E 14 -15.38 9.05 -10.76
C PRO E 14 -16.91 8.98 -10.80
N PHE E 15 -17.41 7.76 -10.90
CA PHE E 15 -18.82 7.49 -10.64
C PHE E 15 -18.95 6.67 -9.37
N ARG E 16 -20.05 6.89 -8.67
CA ARG E 16 -20.38 6.04 -7.53
C ARG E 16 -20.73 4.63 -7.97
N ASP E 17 -21.50 4.51 -9.05
CA ASP E 17 -21.87 3.22 -9.59
C ASP E 17 -22.17 3.39 -11.07
N ILE E 18 -22.31 2.26 -11.77
CA ILE E 18 -22.80 2.25 -13.14
C ILE E 18 -24.32 2.21 -13.08
N PRO E 19 -25.02 3.27 -13.50
CA PRO E 19 -26.43 3.44 -13.11
C PRO E 19 -27.37 2.48 -13.83
N ARG E 20 -28.23 1.84 -13.05
CA ARG E 20 -29.26 0.97 -13.59
C ARG E 20 -30.32 1.80 -14.33
N ALA E 21 -31.29 1.12 -14.93
CA ALA E 21 -32.30 1.82 -15.70
C ALA E 21 -33.30 2.56 -14.82
N ASP E 22 -33.45 2.17 -13.56
CA ASP E 22 -34.38 2.85 -12.68
C ASP E 22 -33.79 4.07 -12.01
N THR E 23 -32.47 4.14 -11.86
CA THR E 23 -31.81 5.34 -11.38
C THR E 23 -31.35 6.25 -12.50
N LEU E 24 -31.56 5.87 -13.75
CA LEU E 24 -31.54 6.85 -14.82
C LEU E 24 -32.89 7.52 -15.01
N PHE E 25 -33.97 6.75 -14.92
CA PHE E 25 -35.30 7.32 -15.03
C PHE E 25 -35.65 8.16 -13.81
N GLY E 26 -35.07 7.85 -12.65
CA GLY E 26 -35.19 8.75 -11.53
C GLY E 26 -34.46 10.04 -11.78
N ALA E 27 -33.26 9.96 -12.35
CA ALA E 27 -32.46 11.15 -12.59
C ALA E 27 -33.03 11.99 -13.72
N ILE E 28 -33.59 11.35 -14.74
CA ILE E 28 -34.28 12.08 -15.80
C ILE E 28 -35.54 12.73 -15.25
N GLY E 29 -36.26 12.02 -14.39
CA GLY E 29 -37.50 12.57 -13.83
C GLY E 29 -37.27 13.72 -12.87
N ASN E 30 -36.15 13.74 -12.16
CA ASN E 30 -35.80 14.91 -11.37
C ASN E 30 -35.33 16.06 -12.25
N ALA E 31 -34.77 15.77 -13.42
CA ALA E 31 -34.30 16.83 -14.28
C ALA E 31 -35.44 17.54 -14.99
N ILE E 32 -36.55 16.84 -15.21
CA ILE E 32 -37.66 17.44 -15.95
C ILE E 32 -38.49 18.35 -15.06
N SER E 33 -38.71 17.93 -13.81
CA SER E 33 -39.45 18.78 -12.88
C SER E 33 -38.66 19.99 -12.45
N ALA E 34 -37.34 19.95 -12.53
CA ALA E 34 -36.54 21.14 -12.25
C ALA E 34 -36.60 22.12 -13.42
N ILE E 35 -36.45 21.61 -14.64
CA ILE E 35 -36.45 22.47 -15.82
C ILE E 35 -37.86 22.92 -16.17
N HIS E 36 -38.76 21.97 -16.38
CA HIS E 36 -40.11 22.31 -16.84
C HIS E 36 -41.09 22.42 -15.68
N GLY E 37 -41.29 21.34 -14.95
CA GLY E 37 -42.25 21.33 -13.86
C GLY E 37 -42.92 19.98 -13.76
N GLN E 38 -43.87 19.91 -12.84
CA GLN E 38 -44.51 18.64 -12.50
C GLN E 38 -45.47 18.16 -13.57
N SER E 39 -46.00 19.06 -14.40
CA SER E 39 -46.91 18.66 -15.46
C SER E 39 -46.17 17.96 -16.59
N ALA E 40 -44.88 18.22 -16.76
CA ALA E 40 -44.10 17.55 -17.78
C ALA E 40 -43.59 16.19 -17.34
N VAL E 41 -43.51 15.94 -16.04
CA VAL E 41 -43.20 14.59 -15.58
C VAL E 41 -44.38 13.66 -15.84
N GLU E 42 -45.60 14.19 -15.73
CA GLU E 42 -46.80 13.40 -15.99
C GLU E 42 -46.90 13.00 -17.47
N GLU E 43 -46.30 13.78 -18.37
CA GLU E 43 -46.22 13.41 -19.78
C GLU E 43 -44.97 12.60 -20.10
N LEU E 44 -43.91 12.72 -19.29
CA LEU E 44 -42.74 11.88 -19.48
C LEU E 44 -43.04 10.43 -19.14
N VAL E 45 -43.82 10.20 -18.09
CA VAL E 45 -44.18 8.85 -17.70
C VAL E 45 -45.11 8.21 -18.73
N ASP E 46 -46.07 8.98 -19.23
CA ASP E 46 -47.00 8.46 -20.23
C ASP E 46 -46.35 8.19 -21.57
N ALA E 47 -45.20 8.80 -21.86
CA ALA E 47 -44.48 8.49 -23.08
C ALA E 47 -43.64 7.23 -22.96
N PHE E 48 -43.31 6.79 -21.76
CA PHE E 48 -42.61 5.52 -21.60
C PHE E 48 -43.55 4.36 -21.32
N VAL E 49 -44.73 4.62 -20.77
CA VAL E 49 -45.71 3.55 -20.58
C VAL E 49 -46.26 3.09 -21.93
N GLY E 50 -46.62 4.05 -22.78
CA GLY E 50 -47.19 3.75 -24.07
C GLY E 50 -46.22 4.04 -25.20
N GLY E 51 -44.96 3.63 -25.04
CA GLY E 51 -43.96 4.04 -26.01
C GLY E 51 -42.52 3.70 -25.66
N ALA E 52 -41.69 4.75 -25.65
CA ALA E 52 -40.24 4.64 -25.62
C ALA E 52 -39.73 3.92 -24.37
N ARG E 53 -38.55 3.33 -24.50
CA ARG E 53 -37.91 2.59 -23.41
C ARG E 53 -36.41 2.85 -23.44
N ILE E 54 -35.82 2.97 -22.26
CA ILE E 54 -34.39 3.14 -22.14
C ILE E 54 -33.79 1.88 -21.54
N SER E 55 -32.48 1.84 -21.43
CA SER E 55 -31.81 0.65 -20.93
C SER E 55 -30.98 1.01 -19.71
N SER E 56 -30.23 0.04 -19.20
CA SER E 56 -29.24 0.33 -18.20
C SER E 56 -28.04 1.00 -18.84
N ALA E 57 -27.12 1.45 -18.00
CA ALA E 57 -25.90 2.06 -18.51
C ALA E 57 -24.85 1.00 -18.73
N PHE E 58 -24.17 1.09 -19.86
CA PHE E 58 -23.14 0.11 -20.14
C PHE E 58 -21.82 0.81 -20.44
N PRO E 59 -20.70 0.16 -20.19
CA PRO E 59 -19.41 0.79 -20.48
C PRO E 59 -19.05 0.71 -21.95
N TYR E 60 -18.18 1.62 -22.36
CA TYR E 60 -17.51 1.56 -23.65
C TYR E 60 -16.03 1.83 -23.41
N SER E 61 -15.22 1.57 -24.42
CA SER E 61 -13.79 1.87 -24.32
C SER E 61 -13.27 2.19 -25.73
N GLY E 62 -13.33 3.48 -26.09
CA GLY E 62 -12.84 3.94 -27.37
C GLY E 62 -13.56 3.36 -28.57
N ASP E 63 -14.85 3.68 -28.69
CA ASP E 63 -15.74 3.19 -29.76
C ASP E 63 -15.80 1.66 -29.80
N THR E 64 -15.75 1.03 -28.64
CA THR E 64 -15.98 -0.41 -28.47
C THR E 64 -17.09 -0.54 -27.44
N TYR E 65 -18.34 -0.47 -27.89
CA TYR E 65 -19.47 -0.49 -27.00
C TYR E 65 -19.69 -1.89 -26.44
N TYR E 66 -19.89 -1.97 -25.13
CA TYR E 66 -20.13 -3.24 -24.46
C TYR E 66 -21.60 -3.41 -24.12
N LEU E 67 -22.03 -4.65 -24.11
CA LEU E 67 -23.41 -5.07 -23.86
C LEU E 67 -23.40 -6.27 -22.92
N PRO E 68 -24.47 -6.49 -22.15
CA PRO E 68 -24.43 -7.57 -21.17
C PRO E 68 -24.49 -8.92 -21.84
N LYS E 69 -23.90 -9.90 -21.20
CA LYS E 69 -23.93 -11.25 -21.75
C LYS E 69 -25.35 -11.79 -21.58
N PRO E 70 -25.93 -12.38 -22.61
CA PRO E 70 -27.26 -12.98 -22.46
C PRO E 70 -27.19 -14.20 -21.57
N LEU E 71 -28.29 -14.48 -20.88
CA LEU E 71 -28.36 -15.65 -20.04
C LEU E 71 -28.76 -16.90 -20.80
N SER E 72 -28.84 -16.83 -22.13
CA SER E 72 -29.17 -17.97 -22.95
C SER E 72 -27.98 -18.86 -23.24
N VAL E 73 -26.75 -18.36 -23.00
CA VAL E 73 -25.55 -19.08 -23.40
C VAL E 73 -24.98 -19.93 -22.27
N GLU E 74 -25.60 -19.94 -21.10
CA GLU E 74 -25.20 -20.90 -20.06
C GLU E 74 -25.78 -22.31 -20.21
N PRO E 75 -27.10 -22.53 -20.56
CA PRO E 75 -27.56 -23.92 -20.70
C PRO E 75 -26.88 -24.71 -21.81
N ALA E 76 -26.73 -24.02 -22.93
CA ALA E 76 -26.19 -24.53 -24.21
C ALA E 76 -24.73 -24.15 -24.39
N LEU E 77 -24.01 -23.78 -23.34
CA LEU E 77 -22.57 -23.43 -23.52
C LEU E 77 -21.82 -24.63 -24.11
N GLU E 78 -22.08 -25.84 -23.65
CA GLU E 78 -21.44 -27.04 -24.25
C GLU E 78 -21.88 -27.13 -25.73
N GLY E 79 -23.15 -26.84 -26.04
CA GLY E 79 -23.58 -26.93 -27.42
C GLY E 79 -23.01 -25.86 -28.34
N ILE E 80 -22.58 -24.73 -27.78
CA ILE E 80 -21.91 -23.73 -28.60
C ILE E 80 -20.49 -24.18 -28.93
N LEU E 81 -19.80 -24.77 -27.94
CA LEU E 81 -18.39 -25.12 -28.07
C LEU E 81 -18.19 -26.60 -28.42
N THR E 82 -19.06 -27.15 -29.27
CA THR E 82 -18.86 -28.52 -29.74
C THR E 82 -17.64 -28.64 -30.65
N GLY E 83 -17.39 -27.62 -31.45
CA GLY E 83 -16.22 -27.62 -32.30
C GLY E 83 -15.01 -27.00 -31.63
N LEU E 84 -14.50 -27.66 -30.60
CA LEU E 84 -13.36 -27.17 -29.86
C LEU E 84 -12.66 -28.35 -29.20
N ASP E 85 -11.37 -28.18 -28.94
CA ASP E 85 -10.54 -29.26 -28.42
C ASP E 85 -10.92 -29.57 -26.97
N GLU E 86 -11.21 -30.84 -26.68
CA GLU E 86 -11.81 -31.24 -25.41
C GLU E 86 -10.86 -31.16 -24.22
N GLU E 87 -9.57 -30.95 -24.45
CA GLU E 87 -8.66 -30.74 -23.34
C GLU E 87 -8.77 -29.32 -22.80
N GLU E 88 -9.28 -28.39 -23.61
CA GLU E 88 -9.43 -27.00 -23.19
C GLU E 88 -10.87 -26.51 -23.33
N ARG E 89 -11.85 -27.40 -23.50
CA ARG E 89 -13.24 -26.97 -23.46
C ARG E 89 -13.66 -26.55 -22.06
N TYR E 90 -13.03 -27.14 -21.03
CA TYR E 90 -13.43 -26.89 -19.65
C TYR E 90 -13.03 -25.50 -19.19
N THR E 91 -11.78 -25.10 -19.44
CA THR E 91 -11.34 -23.78 -19.01
C THR E 91 -11.92 -22.69 -19.88
N THR E 92 -12.22 -23.00 -21.15
CA THR E 92 -12.91 -22.04 -21.99
C THR E 92 -14.33 -21.84 -21.51
N ALA E 93 -14.95 -22.88 -20.96
CA ALA E 93 -16.36 -22.80 -20.57
C ALA E 93 -16.57 -21.88 -19.38
N LYS E 94 -15.83 -22.11 -18.29
CA LYS E 94 -16.04 -21.32 -17.08
C LYS E 94 -15.52 -19.90 -17.22
N ARG E 95 -14.53 -19.66 -18.09
CA ARG E 95 -14.09 -18.30 -18.32
C ARG E 95 -15.11 -17.52 -19.12
N LEU E 96 -15.75 -18.19 -20.06
CA LEU E 96 -16.85 -17.59 -20.87
C LEU E 96 -18.10 -17.42 -19.99
N ARG E 97 -18.32 -18.30 -19.02
CA ARG E 97 -19.55 -18.29 -18.23
C ARG E 97 -19.55 -17.15 -17.22
N LYS E 98 -18.45 -16.95 -16.50
CA LYS E 98 -18.40 -15.90 -15.49
C LYS E 98 -18.05 -14.54 -16.06
N ALA E 99 -17.99 -14.38 -17.37
CA ALA E 99 -17.84 -13.05 -17.96
C ALA E 99 -19.14 -12.28 -17.83
N LYS E 100 -19.02 -10.96 -17.81
CA LYS E 100 -20.19 -10.12 -17.59
C LYS E 100 -20.61 -9.35 -18.84
N TYR E 101 -19.67 -8.89 -19.66
CA TYR E 101 -19.99 -8.07 -20.80
C TYR E 101 -19.44 -8.67 -22.08
N LEU E 102 -19.99 -8.22 -23.20
CA LEU E 102 -19.56 -8.60 -24.54
C LEU E 102 -19.64 -7.36 -25.42
N ASP E 103 -18.78 -7.26 -26.42
CA ASP E 103 -18.87 -6.17 -27.37
C ASP E 103 -19.84 -6.54 -28.49
N LEU E 104 -20.06 -5.60 -29.42
CA LEU E 104 -21.11 -5.74 -30.43
C LEU E 104 -20.86 -6.90 -31.39
N LYS E 105 -19.60 -7.19 -31.70
CA LYS E 105 -19.32 -8.35 -32.55
C LYS E 105 -19.66 -9.64 -31.84
N ASN E 106 -19.35 -9.73 -30.55
CA ASN E 106 -19.59 -10.95 -29.80
C ASN E 106 -20.97 -11.01 -29.16
N PHE E 107 -21.66 -9.88 -29.02
CA PHE E 107 -23.03 -9.92 -28.52
C PHE E 107 -24.00 -10.44 -29.56
N GLU E 108 -23.75 -10.13 -30.84
CA GLU E 108 -24.59 -10.64 -31.91
C GLU E 108 -24.41 -12.14 -32.06
N LEU E 109 -23.19 -12.64 -31.88
CA LEU E 109 -22.94 -14.07 -32.03
C LEU E 109 -23.52 -14.89 -30.89
N ALA E 110 -23.73 -14.27 -29.72
CA ALA E 110 -24.30 -14.99 -28.60
C ALA E 110 -25.82 -15.09 -28.69
N LEU E 111 -26.47 -14.15 -29.40
CA LEU E 111 -27.91 -14.23 -29.56
C LEU E 111 -28.31 -15.34 -30.51
N ARG E 112 -27.42 -15.72 -31.42
CA ARG E 112 -27.66 -16.81 -32.36
C ARG E 112 -26.96 -18.08 -31.95
N LEU E 113 -26.40 -18.12 -30.74
CA LEU E 113 -25.76 -19.28 -30.12
C LEU E 113 -24.56 -19.78 -30.94
N ARG E 114 -23.87 -18.86 -31.56
CA ARG E 114 -22.65 -19.07 -32.33
C ARG E 114 -21.44 -18.70 -31.48
N PRO E 115 -20.26 -19.29 -31.73
CA PRO E 115 -19.12 -19.07 -30.82
C PRO E 115 -18.60 -17.64 -30.80
N PHE E 116 -17.98 -17.29 -29.68
CA PHE E 116 -17.63 -15.90 -29.40
C PHE E 116 -16.52 -15.86 -28.36
N THR E 117 -15.98 -14.65 -28.15
CA THR E 117 -14.93 -14.43 -27.18
C THR E 117 -15.33 -13.30 -26.23
N ILE E 118 -14.70 -13.28 -25.08
CA ILE E 118 -14.96 -12.29 -24.03
C ILE E 118 -13.95 -11.16 -24.20
N PRO E 119 -14.17 -9.97 -23.64
CA PRO E 119 -13.11 -8.96 -23.63
C PRO E 119 -12.01 -9.32 -22.65
N GLU E 120 -10.81 -8.82 -22.94
CA GLU E 120 -9.68 -9.10 -22.07
C GLU E 120 -9.53 -8.08 -20.96
N GLU E 121 -9.79 -6.81 -21.26
CA GLU E 121 -9.69 -5.74 -20.28
C GLU E 121 -11.06 -5.17 -19.99
N ILE E 122 -11.31 -4.85 -18.72
CA ILE E 122 -12.52 -4.15 -18.31
C ILE E 122 -12.16 -2.67 -18.29
N PRO E 123 -13.04 -1.77 -18.78
CA PRO E 123 -12.66 -0.36 -18.91
C PRO E 123 -12.69 0.42 -17.61
N TYR E 124 -12.94 -0.19 -16.46
CA TYR E 124 -13.02 0.54 -15.21
C TYR E 124 -12.49 -0.33 -14.08
N ALA E 125 -12.36 0.29 -12.92
CA ALA E 125 -11.97 -0.39 -11.70
C ALA E 125 -12.77 0.20 -10.55
N ARG E 126 -13.22 -0.65 -9.63
CA ARG E 126 -13.87 -0.14 -8.43
C ARG E 126 -12.81 0.05 -7.37
N VAL E 127 -12.65 1.29 -6.92
CA VAL E 127 -11.48 1.73 -6.17
C VAL E 127 -11.94 2.09 -4.77
N ASP E 128 -11.14 1.73 -3.78
CA ASP E 128 -11.44 2.02 -2.38
C ASP E 128 -10.61 3.22 -1.97
N VAL E 129 -11.25 4.38 -1.88
CA VAL E 129 -10.59 5.61 -1.48
C VAL E 129 -10.96 5.92 -0.03
N PRO E 130 -9.99 6.01 0.88
CA PRO E 130 -10.32 6.41 2.25
C PRO E 130 -10.43 7.93 2.34
N ARG E 131 -11.45 8.35 3.07
CA ARG E 131 -11.69 9.75 3.37
C ARG E 131 -11.43 9.95 4.85
N VAL E 132 -11.59 11.17 5.33
CA VAL E 132 -11.39 11.41 6.75
C VAL E 132 -12.43 12.42 7.22
N VAL E 133 -12.68 12.42 8.52
CA VAL E 133 -13.52 13.41 9.19
C VAL E 133 -12.67 14.05 10.28
N LEU E 134 -12.53 15.36 10.23
CA LEU E 134 -11.68 16.07 11.17
C LEU E 134 -12.52 16.86 12.16
N ASP E 135 -12.15 16.76 13.43
CA ASP E 135 -12.64 17.70 14.42
C ASP E 135 -12.15 19.09 14.07
N ARG E 136 -13.01 20.08 14.24
CA ARG E 136 -12.67 21.44 13.84
C ARG E 136 -11.63 22.04 14.77
N VAL E 137 -11.74 21.76 16.06
CA VAL E 137 -10.83 22.37 17.03
C VAL E 137 -9.56 21.53 17.18
N THR E 138 -9.72 20.27 17.55
CA THR E 138 -8.62 19.39 17.88
C THR E 138 -8.59 18.30 16.82
N GLN E 139 -7.78 18.47 15.77
CA GLN E 139 -8.05 17.83 14.47
C GLN E 139 -7.84 16.33 14.54
N ASP E 140 -8.82 15.66 15.13
CA ASP E 140 -8.81 14.21 15.28
C ASP E 140 -9.31 13.56 14.01
N SER E 141 -8.50 12.69 13.44
CA SER E 141 -8.83 12.01 12.20
C SER E 141 -9.64 10.76 12.53
N SER E 142 -10.71 10.54 11.77
CA SER E 142 -11.55 9.36 11.95
C SER E 142 -12.01 8.92 10.56
N ILE E 143 -11.36 7.90 10.02
CA ILE E 143 -11.51 7.60 8.61
C ILE E 143 -12.69 6.68 8.37
N TYR E 144 -13.16 6.69 7.13
CA TYR E 144 -14.17 5.80 6.63
C TYR E 144 -13.78 5.45 5.21
N PHE E 145 -14.37 4.39 4.68
CA PHE E 145 -13.97 3.90 3.37
C PHE E 145 -15.09 4.09 2.36
N TRP E 146 -14.70 4.45 1.15
CA TRP E 146 -15.63 4.87 0.13
C TRP E 146 -15.28 4.22 -1.20
N GLU E 147 -16.29 3.80 -1.94
CA GLU E 147 -16.12 3.09 -3.20
C GLU E 147 -16.42 4.01 -4.37
N GLU E 148 -15.61 3.94 -5.42
CA GLU E 148 -15.80 4.72 -6.63
C GLU E 148 -15.43 3.89 -7.85
N ILE E 149 -16.07 4.21 -8.96
CA ILE E 149 -15.72 3.66 -10.27
C ILE E 149 -14.84 4.68 -10.99
N ARG E 150 -13.61 4.28 -11.32
CA ARG E 150 -12.70 5.11 -12.09
C ARG E 150 -12.57 4.56 -13.50
N PHE E 151 -12.59 5.44 -14.48
CA PHE E 151 -12.55 5.04 -15.88
C PHE E 151 -11.17 5.29 -16.47
N ARG E 152 -10.95 4.72 -17.66
CA ARG E 152 -9.70 4.89 -18.38
C ARG E 152 -9.70 6.24 -19.10
N GLU E 153 -8.73 6.46 -19.98
CA GLU E 153 -8.57 7.78 -20.58
C GLU E 153 -9.61 8.06 -21.65
N LYS E 154 -10.09 7.03 -22.34
CA LYS E 154 -11.11 7.21 -23.35
C LYS E 154 -12.38 6.43 -23.07
N SER E 155 -12.43 5.67 -21.98
CA SER E 155 -13.59 4.87 -21.64
C SER E 155 -14.67 5.73 -21.01
N GLY E 156 -15.80 5.10 -20.69
CA GLY E 156 -16.94 5.82 -20.14
C GLY E 156 -18.16 4.96 -19.96
N VAL E 157 -19.34 5.55 -20.17
CA VAL E 157 -20.63 4.91 -19.92
C VAL E 157 -21.61 5.39 -20.98
N TYR E 158 -22.39 4.47 -21.55
CA TYR E 158 -23.44 4.82 -22.49
C TYR E 158 -24.72 4.10 -22.10
N PHE E 159 -25.86 4.60 -22.58
CA PHE E 159 -27.10 3.84 -22.49
C PHE E 159 -27.92 4.07 -23.75
N LEU E 160 -28.84 3.15 -23.99
CA LEU E 160 -29.59 3.07 -25.24
C LEU E 160 -30.99 3.64 -25.08
N TYR E 161 -31.57 4.03 -26.21
CA TYR E 161 -32.89 4.61 -26.25
C TYR E 161 -33.61 4.13 -27.49
N SER E 162 -34.77 3.50 -27.33
CA SER E 162 -35.60 3.08 -28.45
C SER E 162 -36.96 3.74 -28.32
N GLY E 163 -37.18 4.81 -29.08
CA GLY E 163 -38.45 5.48 -29.09
C GLY E 163 -38.54 6.58 -30.11
N PRO E 164 -39.66 7.28 -30.13
CA PRO E 164 -39.85 8.33 -31.14
C PRO E 164 -38.96 9.54 -30.89
N ARG E 165 -38.60 10.21 -31.98
CA ARG E 165 -37.63 11.29 -31.90
C ARG E 165 -38.21 12.53 -31.21
N GLU E 166 -39.53 12.72 -31.29
CA GLU E 166 -40.15 13.90 -30.69
C GLU E 166 -40.10 13.85 -29.16
N VAL E 167 -40.12 12.66 -28.58
CA VAL E 167 -40.04 12.53 -27.13
C VAL E 167 -38.60 12.68 -26.66
N PHE E 168 -37.65 12.15 -27.46
CA PHE E 168 -36.24 12.29 -27.13
C PHE E 168 -35.79 13.74 -27.21
N ASP E 169 -36.30 14.50 -28.16
CA ASP E 169 -35.85 15.86 -28.38
C ASP E 169 -36.37 16.81 -27.31
N GLY E 170 -37.45 16.45 -26.63
CA GLY E 170 -38.05 17.35 -25.66
C GLY E 170 -37.83 16.95 -24.22
N TYR E 171 -37.58 15.67 -23.96
CA TYR E 171 -37.47 15.19 -22.59
C TYR E 171 -36.10 14.62 -22.26
N ILE E 172 -35.61 13.66 -23.04
CA ILE E 172 -34.37 12.99 -22.67
C ILE E 172 -33.15 13.85 -23.00
N ALA E 173 -33.17 14.52 -24.14
CA ALA E 173 -32.06 15.40 -24.49
C ALA E 173 -31.91 16.66 -23.61
N PRO E 174 -32.98 17.34 -23.15
CA PRO E 174 -32.73 18.40 -22.15
C PRO E 174 -32.37 17.89 -20.79
N ALA E 175 -32.74 16.66 -20.45
CA ALA E 175 -32.40 16.13 -19.14
C ALA E 175 -30.92 15.83 -19.03
N MET E 176 -30.28 15.40 -20.10
CA MET E 176 -28.89 14.99 -20.00
C MET E 176 -27.93 16.17 -19.96
N ARG E 177 -28.39 17.37 -20.30
CA ARG E 177 -27.57 18.56 -20.13
C ARG E 177 -27.71 19.12 -18.72
N PHE E 178 -28.87 18.94 -18.09
CA PHE E 178 -29.01 19.25 -16.68
C PHE E 178 -28.25 18.24 -15.83
N LEU E 179 -28.36 16.95 -16.15
CA LEU E 179 -27.69 15.90 -15.41
C LEU E 179 -26.20 15.86 -15.66
N GLY E 180 -25.69 16.59 -16.64
CA GLY E 180 -24.25 16.68 -16.81
C GLY E 180 -23.62 17.57 -15.77
N ASP E 181 -24.37 18.56 -15.28
CA ASP E 181 -23.87 19.54 -14.32
C ASP E 181 -24.20 19.19 -12.88
N THR E 182 -25.32 18.52 -12.62
CA THR E 182 -25.52 17.83 -11.36
C THR E 182 -25.01 16.40 -11.53
N GLY E 183 -25.22 15.54 -10.54
CA GLY E 183 -24.68 14.20 -10.62
C GLY E 183 -25.64 13.20 -11.22
N ILE E 184 -25.13 11.99 -11.44
CA ILE E 184 -25.98 10.90 -11.98
C ILE E 184 -26.01 9.78 -10.94
N GLY E 185 -26.25 10.15 -9.68
CA GLY E 185 -26.31 9.17 -8.59
C GLY E 185 -24.97 9.08 -7.88
N GLY E 186 -24.95 9.16 -6.56
CA GLY E 186 -23.70 9.07 -5.79
C GLY E 186 -23.34 10.40 -5.15
N LYS E 187 -22.18 10.49 -4.53
CA LYS E 187 -21.70 11.73 -3.86
C LYS E 187 -21.42 12.78 -4.93
N SER E 188 -22.43 13.51 -5.40
CA SER E 188 -22.27 14.51 -6.47
C SER E 188 -21.69 15.83 -5.95
N THR E 189 -21.53 15.99 -4.65
CA THR E 189 -20.95 17.22 -4.05
C THR E 189 -19.43 17.16 -4.13
N TRP E 190 -18.86 15.98 -4.42
CA TRP E 190 -17.39 15.80 -4.57
C TRP E 190 -17.06 15.72 -6.06
N GLY E 191 -18.00 16.02 -6.94
CA GLY E 191 -17.75 15.98 -8.38
C GLY E 191 -17.92 14.59 -8.96
N ALA E 192 -18.60 13.69 -8.27
CA ALA E 192 -18.82 12.32 -8.78
C ALA E 192 -20.12 12.26 -9.56
N GLY E 193 -20.13 11.71 -10.76
CA GLY E 193 -21.37 11.60 -11.55
C GLY E 193 -21.49 12.70 -12.58
N LEU E 194 -20.57 13.66 -12.61
CA LEU E 194 -20.63 14.76 -13.60
C LEU E 194 -20.05 14.24 -14.91
N PHE E 195 -20.55 14.69 -16.06
CA PHE E 195 -20.04 14.15 -17.35
C PHE E 195 -20.48 15.02 -18.52
N GLU E 196 -19.86 14.82 -19.67
CA GLU E 196 -20.22 15.48 -20.91
C GLU E 196 -20.99 14.49 -21.78
N VAL E 197 -22.03 14.98 -22.43
CA VAL E 197 -22.96 14.13 -23.16
C VAL E 197 -22.75 14.29 -24.66
N GLU E 198 -22.73 13.16 -25.37
CA GLU E 198 -22.70 13.12 -26.82
C GLU E 198 -23.75 12.12 -27.29
N PHE E 199 -24.18 12.26 -28.53
CA PHE E 199 -25.27 11.48 -29.07
C PHE E 199 -24.80 10.77 -30.33
N HIS E 200 -25.12 9.49 -30.44
CA HIS E 200 -24.71 8.68 -31.56
C HIS E 200 -25.87 7.82 -32.00
N GLU E 201 -25.59 6.85 -32.86
CA GLU E 201 -26.58 5.88 -33.29
C GLU E 201 -25.88 4.53 -33.43
N MET E 202 -26.45 3.51 -32.81
CA MET E 202 -25.86 2.19 -32.78
C MET E 202 -26.87 1.19 -33.34
N LYS E 203 -26.36 0.15 -33.99
CA LYS E 203 -27.20 -0.85 -34.64
C LYS E 203 -26.87 -2.22 -34.08
N ILE E 204 -27.90 -2.98 -33.73
CA ILE E 204 -27.76 -4.35 -33.24
C ILE E 204 -28.55 -5.27 -34.16
N ASP E 205 -27.89 -6.31 -34.67
CA ASP E 205 -28.52 -7.27 -35.56
C ASP E 205 -29.07 -8.42 -34.74
N ALA E 206 -30.39 -8.42 -34.51
CA ALA E 206 -30.94 -9.39 -33.60
C ALA E 206 -31.86 -10.36 -34.33
N PRO E 207 -31.83 -11.64 -33.99
CA PRO E 207 -32.70 -12.61 -34.67
C PRO E 207 -34.15 -12.46 -34.25
N GLY E 208 -35.04 -12.89 -35.14
CA GLY E 208 -36.45 -12.80 -34.88
C GLY E 208 -37.01 -14.07 -34.26
N SER E 209 -37.51 -13.96 -33.03
CA SER E 209 -38.08 -15.09 -32.32
C SER E 209 -39.11 -14.57 -31.34
N GLU E 210 -39.66 -15.50 -30.55
CA GLU E 210 -40.55 -15.12 -29.47
C GLU E 210 -39.77 -14.64 -28.25
N TYR E 211 -38.66 -15.31 -27.96
CA TYR E 211 -37.89 -15.01 -26.77
C TYR E 211 -36.96 -13.84 -27.02
N SER E 212 -36.79 -13.01 -25.99
CA SER E 212 -35.99 -11.80 -26.12
C SER E 212 -35.30 -11.50 -24.80
N VAL E 213 -34.10 -10.92 -24.90
CA VAL E 213 -33.34 -10.53 -23.71
C VAL E 213 -33.66 -9.09 -23.35
N THR E 214 -33.64 -8.80 -22.07
CA THR E 214 -33.84 -7.44 -21.59
C THR E 214 -32.49 -6.78 -21.41
N LEU E 215 -32.36 -5.56 -21.92
CA LEU E 215 -31.18 -4.74 -21.66
C LEU E 215 -31.41 -3.78 -20.51
N SER E 216 -32.38 -4.04 -19.65
CA SER E 216 -32.64 -3.21 -18.48
C SER E 216 -33.30 -4.05 -17.41
N ASN E 217 -33.37 -3.49 -16.21
CA ASN E 217 -34.23 -4.03 -15.16
C ASN E 217 -35.68 -3.92 -15.58
N ALA E 218 -36.51 -4.88 -15.20
CA ALA E 218 -37.81 -4.96 -15.84
C ALA E 218 -39.01 -4.98 -14.92
N LEU E 219 -38.90 -5.52 -13.68
CA LEU E 219 -40.03 -5.82 -12.79
C LEU E 219 -41.11 -6.59 -13.52
N PRO E 220 -40.90 -7.88 -13.80
CA PRO E 220 -41.75 -8.57 -14.77
C PRO E 220 -43.18 -8.78 -14.30
N THR E 221 -44.09 -8.82 -15.27
CA THR E 221 -45.50 -9.02 -15.00
C THR E 221 -45.92 -10.48 -14.93
N LYS E 222 -45.08 -11.38 -15.42
CA LYS E 222 -45.32 -12.81 -15.31
C LYS E 222 -43.98 -13.51 -15.09
N THR E 223 -44.01 -14.83 -15.05
CA THR E 223 -42.79 -15.59 -14.76
C THR E 223 -41.88 -15.56 -15.98
N PRO E 224 -40.61 -15.21 -15.82
CA PRO E 224 -39.69 -15.18 -16.96
C PRO E 224 -39.20 -16.56 -17.35
N VAL E 225 -38.30 -16.64 -18.32
CA VAL E 225 -37.79 -17.96 -18.78
C VAL E 225 -36.45 -18.28 -18.12
N LEU E 226 -35.46 -17.41 -18.29
CA LEU E 226 -34.13 -17.54 -17.62
C LEU E 226 -33.85 -16.19 -16.97
N TRP E 227 -33.39 -16.11 -15.74
CA TRP E 227 -33.23 -14.76 -15.16
C TRP E 227 -32.20 -14.73 -14.04
N ARG E 228 -31.86 -13.53 -13.63
CA ARG E 228 -30.98 -13.29 -12.50
C ARG E 228 -31.63 -12.21 -11.64
N LEU E 229 -31.84 -12.50 -10.36
CA LEU E 229 -32.57 -11.59 -9.48
C LEU E 229 -31.64 -10.48 -9.03
N LEU E 230 -31.98 -9.26 -9.39
CA LEU E 230 -31.32 -8.08 -8.85
C LEU E 230 -32.29 -7.47 -7.86
N ARG E 231 -31.91 -7.47 -6.59
CA ARG E 231 -32.75 -6.99 -5.50
C ARG E 231 -32.23 -5.64 -5.05
N LYS E 232 -32.91 -4.57 -5.43
CA LYS E 232 -32.48 -3.23 -5.02
C LYS E 232 -33.67 -2.41 -4.60
N GLY E 233 -33.42 -1.46 -3.71
CA GLY E 233 -34.38 -0.44 -3.38
C GLY E 233 -33.92 0.90 -3.91
N GLY E 234 -33.89 1.90 -3.06
CA GLY E 234 -33.45 3.20 -3.51
C GLY E 234 -33.68 4.23 -2.43
N TRP E 235 -33.67 5.48 -2.83
CA TRP E 235 -33.89 6.61 -1.93
C TRP E 235 -34.49 7.74 -2.74
N SER E 236 -35.60 8.28 -2.28
CA SER E 236 -36.36 9.28 -3.04
C SER E 236 -36.66 10.47 -2.16
N PHE E 237 -35.93 11.58 -2.38
CA PHE E 237 -36.02 12.81 -1.59
C PHE E 237 -35.81 12.56 -0.10
N GLY E 238 -34.87 11.68 0.22
CA GLY E 238 -34.62 11.38 1.61
C GLY E 238 -35.57 10.37 2.22
N ARG E 239 -36.45 9.77 1.42
CA ARG E 239 -37.33 8.70 1.87
C ARG E 239 -36.83 7.39 1.29
N ARG E 240 -36.75 6.37 2.13
CA ARG E 240 -36.20 5.10 1.71
C ARG E 240 -37.24 4.35 0.87
N LYS E 241 -36.86 3.96 -0.35
CA LYS E 241 -37.72 3.12 -1.15
C LYS E 241 -37.55 1.66 -0.74
N PRO E 242 -38.63 0.87 -0.76
CA PRO E 242 -38.52 -0.55 -0.40
C PRO E 242 -37.77 -1.33 -1.47
N ARG E 243 -37.10 -2.40 -1.02
CA ARG E 243 -36.35 -3.25 -1.94
C ARG E 243 -37.31 -4.02 -2.82
N MET E 244 -37.21 -3.84 -4.13
CA MET E 244 -38.06 -4.54 -5.05
C MET E 244 -37.25 -5.57 -5.82
N THR E 245 -37.89 -6.67 -6.20
CA THR E 245 -37.22 -7.69 -6.98
C THR E 245 -37.30 -7.30 -8.45
N PHE E 246 -36.19 -6.82 -8.98
CA PHE E 246 -36.06 -6.54 -10.39
C PHE E 246 -35.58 -7.78 -11.11
N ILE E 247 -35.33 -7.65 -12.40
CA ILE E 247 -34.67 -8.68 -13.17
C ILE E 247 -33.37 -8.05 -13.64
N ALA E 248 -32.37 -8.89 -13.90
CA ALA E 248 -31.09 -8.30 -14.27
C ALA E 248 -31.02 -8.03 -15.77
N GLU E 249 -29.96 -7.36 -16.18
CA GLU E 249 -29.71 -7.11 -17.59
C GLU E 249 -29.20 -8.38 -18.25
N GLY E 250 -29.90 -8.84 -19.28
CA GLY E 250 -29.55 -10.08 -19.94
C GLY E 250 -30.50 -11.22 -19.65
N SER E 251 -31.56 -10.96 -18.92
CA SER E 251 -32.53 -11.99 -18.59
C SER E 251 -33.57 -12.08 -19.70
N ILE E 252 -34.20 -13.25 -19.78
CA ILE E 252 -34.91 -13.66 -20.98
C ILE E 252 -36.39 -13.76 -20.66
N VAL E 253 -37.20 -13.02 -21.41
CA VAL E 253 -38.64 -13.01 -21.25
C VAL E 253 -39.28 -13.44 -22.57
N LYS E 254 -40.56 -13.80 -22.50
CA LYS E 254 -41.33 -14.13 -23.69
C LYS E 254 -42.58 -13.24 -23.71
N ASN E 255 -42.49 -12.14 -24.46
CA ASN E 255 -43.56 -11.14 -24.61
C ASN E 255 -43.98 -10.58 -23.26
N ASP E 256 -43.03 -9.91 -22.61
CA ASP E 256 -43.26 -9.33 -21.29
C ASP E 256 -42.85 -7.86 -21.36
N PRO E 257 -43.79 -6.92 -21.22
CA PRO E 257 -43.43 -5.50 -21.32
C PRO E 257 -42.73 -4.95 -20.10
N GLY E 258 -42.73 -5.67 -18.98
CA GLY E 258 -42.39 -5.05 -17.73
C GLY E 258 -43.58 -4.24 -17.23
N GLY E 259 -43.31 -3.38 -16.26
CA GLY E 259 -44.39 -2.56 -15.75
C GLY E 259 -43.91 -1.50 -14.79
N MET E 260 -44.42 -0.29 -14.94
CA MET E 260 -43.92 0.84 -14.17
C MET E 260 -44.70 0.94 -12.86
N GLU E 261 -43.99 0.77 -11.74
CA GLU E 261 -44.61 0.71 -10.43
C GLU E 261 -44.71 2.10 -9.83
N ARG E 262 -45.90 2.43 -9.31
CA ARG E 262 -46.11 3.67 -8.58
C ARG E 262 -46.14 3.40 -7.09
N LEU E 263 -45.26 4.04 -6.33
CA LEU E 263 -45.22 3.84 -4.85
C LEU E 263 -45.77 5.09 -4.18
N GLU E 264 -46.72 4.98 -3.26
CA GLU E 264 -47.21 6.24 -2.64
C GLU E 264 -46.02 6.88 -1.93
N LEU E 265 -45.44 6.25 -0.93
CA LEU E 265 -44.21 6.76 -0.27
C LEU E 265 -44.51 8.00 0.59
N GLY E 266 -45.77 8.39 0.76
CA GLY E 266 -46.08 9.58 1.58
C GLY E 266 -45.28 10.81 1.16
N LEU E 267 -45.23 11.13 -0.13
CA LEU E 267 -44.44 12.31 -0.60
C LEU E 267 -45.36 13.28 -1.35
N SER E 268 -45.00 14.55 -1.44
CA SER E 268 -45.85 15.56 -2.12
C SER E 268 -46.43 14.96 -3.40
N HIS E 269 -45.65 14.17 -4.13
CA HIS E 269 -46.08 13.62 -5.45
C HIS E 269 -45.86 12.11 -5.51
N GLU E 270 -46.51 11.41 -6.44
CA GLU E 270 -46.27 9.98 -6.56
C GLU E 270 -44.84 9.71 -7.03
N VAL E 271 -44.29 8.61 -6.58
CA VAL E 271 -42.98 8.16 -7.02
C VAL E 271 -43.18 6.95 -7.91
N TYR E 272 -42.76 7.06 -9.16
CA TYR E 272 -42.79 5.97 -10.11
C TYR E 272 -41.39 5.35 -10.19
N VAL E 273 -41.32 4.05 -10.06
CA VAL E 273 -40.09 3.32 -10.27
C VAL E 273 -40.18 2.70 -11.66
N TYR E 274 -39.09 2.80 -12.43
CA TYR E 274 -39.13 2.61 -13.88
C TYR E 274 -39.58 1.23 -14.33
N GLY E 275 -38.77 0.20 -14.12
CA GLY E 275 -39.11 -1.18 -14.42
C GLY E 275 -39.77 -1.51 -15.75
N LEU E 276 -39.06 -1.41 -16.87
CA LEU E 276 -39.64 -1.77 -18.15
C LEU E 276 -38.61 -2.53 -18.97
N THR E 277 -39.10 -3.36 -19.89
CA THR E 277 -38.22 -4.21 -20.66
C THR E 277 -37.53 -3.40 -21.75
N PHE E 278 -36.62 -4.03 -22.47
CA PHE E 278 -35.96 -3.41 -23.61
C PHE E 278 -35.53 -4.56 -24.52
N PRO E 279 -36.43 -5.13 -25.31
CA PRO E 279 -36.18 -6.46 -25.87
C PRO E 279 -35.36 -6.44 -27.15
N LEU E 280 -34.45 -7.42 -27.23
CA LEU E 280 -33.77 -7.81 -28.46
C LEU E 280 -33.94 -9.31 -28.59
N GLY E 281 -34.32 -9.78 -29.78
CA GLY E 281 -34.64 -11.18 -29.95
C GLY E 281 -33.44 -12.10 -29.76
N VAL E 282 -33.71 -13.30 -29.26
CA VAL E 282 -32.68 -14.27 -28.90
C VAL E 282 -33.20 -15.64 -29.29
N GLU E 283 -32.28 -16.56 -29.55
CA GLU E 283 -32.60 -17.96 -29.79
C GLU E 283 -32.23 -18.77 -28.56
N LEU E 284 -33.24 -19.41 -27.95
CA LEU E 284 -32.98 -20.26 -26.81
C LEU E 284 -32.45 -21.61 -27.24
N PRO E 285 -31.78 -22.33 -26.34
CA PRO E 285 -31.43 -23.73 -26.63
C PRO E 285 -32.61 -24.67 -26.55
N GLU E 286 -32.34 -25.97 -26.66
CA GLU E 286 -33.41 -26.95 -26.70
C GLU E 286 -33.43 -27.77 -25.40
N MET F 1 30.87 36.66 24.04
CA MET F 1 31.92 37.56 23.59
C MET F 1 32.56 37.04 22.31
N THR F 2 32.68 37.89 21.31
CA THR F 2 33.02 37.50 19.94
C THR F 2 34.04 38.49 19.39
N GLU F 3 34.23 38.44 18.07
CA GLU F 3 35.10 39.32 17.27
C GLU F 3 36.56 39.21 17.74
N ARG F 4 37.10 38.02 17.53
CA ARG F 4 38.46 37.70 17.93
C ARG F 4 39.34 37.86 16.69
N THR F 5 39.75 39.09 16.42
CA THR F 5 40.46 39.41 15.19
C THR F 5 41.86 38.79 15.17
N LEU F 6 42.30 38.39 13.99
CA LEU F 6 43.61 37.77 13.83
C LEU F 6 44.56 38.68 13.06
N LYS F 7 45.83 38.61 13.43
CA LYS F 7 46.89 39.19 12.64
C LYS F 7 47.82 38.08 12.19
N VAL F 8 48.39 38.24 11.01
CA VAL F 8 49.31 37.27 10.44
C VAL F 8 50.73 37.75 10.65
N LEU F 9 51.60 36.85 11.11
CA LEU F 9 52.99 37.17 11.39
C LEU F 9 53.94 36.52 10.40
N SER F 10 53.41 35.93 9.34
CA SER F 10 54.17 35.02 8.48
C SER F 10 53.38 34.85 7.19
N PRO F 11 53.97 34.24 6.16
CA PRO F 11 53.14 33.80 5.03
C PRO F 11 52.23 32.65 5.44
N LEU F 12 50.94 32.77 5.15
CA LEU F 12 49.94 31.72 5.51
C LEU F 12 49.18 31.28 4.25
N HIS F 13 48.99 29.98 4.03
CA HIS F 13 48.27 29.53 2.81
C HIS F 13 47.33 28.36 3.09
N ILE F 14 46.14 28.37 2.50
CA ILE F 14 45.14 27.25 2.56
C ILE F 14 45.19 26.60 1.17
N GLY F 15 45.42 25.30 1.10
CA GLY F 15 45.70 24.62 -0.18
C GLY F 15 44.63 24.70 -1.26
N THR F 16 43.35 24.44 -0.97
CA THR F 16 42.22 24.47 -1.95
C THR F 16 42.20 23.21 -2.84
N GLY F 17 41.25 23.10 -3.77
CA GLY F 17 41.18 21.93 -4.67
C GLY F 17 41.70 22.27 -6.07
N ASN F 18 42.34 23.42 -6.26
CA ASN F 18 42.80 23.81 -7.62
C ASN F 18 44.26 24.26 -7.63
N GLU F 19 44.86 24.21 -8.82
CA GLU F 19 46.25 24.66 -9.12
C GLU F 19 46.22 25.49 -10.40
N LEU F 20 47.21 26.31 -10.70
CA LEU F 20 47.06 27.11 -11.91
C LEU F 20 48.18 26.76 -12.88
N THR F 21 47.82 26.10 -13.98
CA THR F 21 48.73 25.85 -15.07
C THR F 21 49.03 27.16 -15.79
N PRO F 22 50.18 27.26 -16.51
CA PRO F 22 50.53 28.54 -17.14
C PRO F 22 49.69 28.96 -18.35
N VAL F 23 48.62 28.22 -18.67
CA VAL F 23 47.72 28.70 -19.71
C VAL F 23 46.87 29.85 -19.18
N ASP F 24 46.63 29.91 -17.87
CA ASP F 24 45.82 30.96 -17.28
C ASP F 24 46.63 32.21 -16.96
N ILE F 25 47.96 32.09 -16.91
CA ILE F 25 48.83 33.08 -16.29
C ILE F 25 49.82 33.59 -17.32
N TYR F 26 49.92 34.90 -17.46
CA TYR F 26 51.10 35.47 -18.09
C TYR F 26 51.50 36.78 -17.44
N PRO F 27 52.64 36.81 -16.74
CA PRO F 27 53.15 38.07 -16.19
C PRO F 27 53.73 38.95 -17.29
N ARG F 28 53.01 40.01 -17.65
CA ARG F 28 53.52 40.97 -18.61
C ARG F 28 54.66 41.78 -18.01
N GLU F 29 54.53 42.15 -16.75
CA GLU F 29 55.56 42.75 -15.92
C GLU F 29 55.80 41.81 -14.74
N ASN F 30 56.53 42.30 -13.73
CA ASN F 30 56.77 41.50 -12.53
C ASN F 30 55.48 41.18 -11.77
N ILE F 31 54.45 42.02 -11.92
CA ILE F 31 53.13 41.74 -11.37
C ILE F 31 52.54 40.56 -12.15
N ILE F 32 52.38 39.43 -11.49
CA ILE F 32 51.76 38.26 -12.11
C ILE F 32 50.26 38.51 -12.24
N HIS F 33 49.76 38.45 -13.48
CA HIS F 33 48.36 38.68 -13.77
C HIS F 33 47.64 37.35 -13.99
N VAL F 34 46.47 37.20 -13.37
CA VAL F 34 45.63 36.02 -13.53
C VAL F 34 44.43 36.42 -14.37
N LEU F 35 44.36 35.92 -15.59
CA LEU F 35 43.26 36.19 -16.50
C LEU F 35 42.22 35.07 -16.43
N ASP F 36 41.07 35.32 -17.02
CA ASP F 36 40.03 34.32 -17.18
C ASP F 36 39.94 33.88 -18.63
N THR F 37 39.64 32.60 -18.82
CA THR F 37 39.65 32.03 -20.17
C THR F 37 38.39 32.38 -20.95
N GLU F 38 37.27 32.60 -20.27
CA GLU F 38 36.00 32.79 -20.97
C GLU F 38 35.94 34.15 -21.66
N ARG F 39 36.56 35.17 -21.06
CA ARG F 39 36.62 36.46 -21.74
C ARG F 39 37.73 36.52 -22.77
N LEU F 40 38.75 35.68 -22.63
CA LEU F 40 39.83 35.66 -23.62
C LEU F 40 39.46 34.84 -24.84
N VAL F 41 38.73 33.74 -24.66
CA VAL F 41 38.37 32.89 -25.79
C VAL F 41 37.23 33.50 -26.62
N ASN F 42 36.17 33.96 -25.95
CA ASN F 42 34.98 34.39 -26.66
C ASN F 42 35.17 35.72 -27.37
N ASP F 43 35.99 36.62 -26.80
CA ASP F 43 36.30 37.86 -27.50
C ASP F 43 37.22 37.60 -28.68
N LEU F 44 38.09 36.60 -28.60
CA LEU F 44 38.88 36.18 -29.74
C LEU F 44 38.07 35.37 -30.75
N MET F 45 36.90 34.87 -30.35
CA MET F 45 36.05 34.15 -31.28
C MET F 45 35.42 35.06 -32.32
N ASN F 46 35.22 36.34 -31.99
CA ASN F 46 34.76 37.31 -32.97
C ASN F 46 35.86 37.73 -33.93
N LEU F 47 37.13 37.43 -33.61
CA LEU F 47 38.25 37.65 -34.50
C LEU F 47 38.88 36.36 -35.00
N GLY F 48 38.34 35.20 -34.58
CA GLY F 48 38.85 33.85 -34.89
C GLY F 48 40.34 33.68 -34.55
N GLU F 50 37.55 28.85 -32.85
CA GLU F 50 38.36 28.00 -33.72
C GLU F 50 38.94 26.81 -32.95
N LEU F 51 39.22 25.72 -33.67
CA LEU F 51 39.85 24.56 -33.05
C LEU F 51 41.34 24.76 -32.81
N ASN F 52 41.94 25.79 -33.42
CA ASN F 52 43.35 26.07 -33.19
C ASN F 52 43.61 26.66 -31.81
N GLU F 53 42.59 27.29 -31.21
CA GLU F 53 42.74 27.77 -29.84
C GLU F 53 42.78 26.59 -28.86
N ILE F 54 41.95 25.58 -29.09
CA ILE F 54 41.91 24.43 -28.20
C ILE F 54 43.08 23.47 -28.46
N LEU F 55 43.60 23.45 -29.68
CA LEU F 55 44.70 22.55 -30.01
C LEU F 55 45.99 22.96 -29.30
N ALA F 56 46.22 24.26 -29.16
CA ALA F 56 47.33 24.72 -28.33
C ALA F 56 47.02 24.53 -26.85
N LEU F 57 45.74 24.57 -26.47
CA LEU F 57 45.36 24.36 -25.09
C LEU F 57 45.50 22.90 -24.70
N LEU F 58 45.00 21.99 -25.55
CA LEU F 58 45.10 20.56 -25.28
C LEU F 58 46.52 20.01 -25.43
N LYS F 59 47.42 20.76 -26.07
CA LYS F 59 48.79 20.29 -26.22
C LYS F 59 49.54 20.38 -24.89
N ASN F 60 49.49 21.55 -24.25
CA ASN F 60 50.27 21.90 -23.05
C ASN F 60 51.76 21.64 -23.27
N PRO F 61 52.25 22.09 -24.42
CA PRO F 61 53.64 21.89 -24.83
C PRO F 61 54.38 23.22 -24.81
N PRO F 62 55.67 23.14 -25.14
CA PRO F 62 56.63 24.25 -25.16
C PRO F 62 56.67 25.03 -23.84
N ALA F 65 52.18 28.45 -21.59
CA ALA F 65 53.61 28.67 -21.71
C ALA F 65 53.91 29.99 -22.39
N TYR F 66 55.08 30.07 -23.05
CA TYR F 66 55.46 31.31 -23.73
C TYR F 66 54.62 31.55 -24.98
N ILE F 67 54.19 30.50 -25.67
CA ILE F 67 53.38 30.63 -26.87
C ILE F 67 51.92 30.95 -26.57
N TRP F 68 51.48 30.77 -25.33
CA TRP F 68 50.11 31.09 -24.93
C TRP F 68 49.95 32.54 -24.49
N LYS F 69 50.88 33.41 -24.86
CA LYS F 69 50.93 34.79 -24.39
C LYS F 69 50.95 35.83 -25.50
N GLY F 70 51.69 35.57 -26.59
CA GLY F 70 51.87 36.59 -27.62
C GLY F 70 50.62 36.76 -28.48
N TYR F 71 49.78 35.74 -28.55
CA TYR F 71 48.55 35.81 -29.35
C TYR F 71 47.57 36.82 -28.75
N ILE F 72 47.52 36.88 -27.41
CA ILE F 72 46.65 37.85 -26.75
C ILE F 72 47.32 39.21 -26.59
N GLU F 73 48.66 39.24 -26.58
CA GLU F 73 49.39 40.49 -26.46
C GLU F 73 49.19 41.37 -27.70
N GLU F 74 49.55 40.85 -28.87
CA GLU F 74 49.28 41.54 -30.12
C GLU F 74 47.88 41.19 -30.60
N PHE F 75 47.49 41.81 -31.72
CA PHE F 75 46.16 41.68 -32.34
C PHE F 75 45.04 41.98 -31.34
N HIS F 76 45.23 43.04 -30.57
CA HIS F 76 44.28 43.45 -29.55
C HIS F 76 44.41 44.94 -29.27
N PRO F 79 43.01 41.46 -20.22
CA PRO F 79 41.87 40.99 -19.40
C PRO F 79 42.16 41.23 -17.91
N SER F 80 41.21 40.91 -17.05
CA SER F 80 41.40 41.10 -15.59
C SER F 80 40.93 39.84 -14.84
N ASP F 81 41.45 39.62 -13.63
CA ASP F 81 41.07 38.44 -12.82
C ASP F 81 41.41 38.69 -11.35
N TYR F 82 42.23 37.84 -10.75
CA TYR F 82 42.62 37.99 -9.33
C TYR F 82 43.84 38.92 -9.24
N SER F 83 44.65 38.95 -10.30
CA SER F 83 45.86 39.80 -10.36
C SER F 83 46.71 39.63 -9.09
N ILE F 84 47.14 38.41 -8.80
CA ILE F 84 47.94 38.15 -7.60
C ILE F 84 49.42 38.27 -7.96
N TYR F 85 50.07 39.32 -7.47
CA TYR F 85 51.45 39.60 -7.81
C TYR F 85 52.41 38.82 -6.93
N THR F 86 53.60 38.57 -7.45
CA THR F 86 54.62 37.85 -6.70
C THR F 86 55.23 38.74 -5.62
N LEU F 87 55.80 39.87 -6.03
CA LEU F 87 56.38 40.92 -5.17
C LEU F 87 57.44 40.40 -4.19
N LYS F 96 58.87 29.75 -17.75
CA LYS F 96 58.26 29.82 -16.42
C LYS F 96 58.20 28.44 -15.80
N SER F 97 57.25 27.64 -16.30
CA SER F 97 56.97 26.26 -15.83
C SER F 97 56.70 26.23 -14.33
N MET F 98 55.92 27.19 -13.84
CA MET F 98 55.56 27.28 -12.43
C MET F 98 54.10 26.87 -12.25
N GLN F 99 53.82 26.24 -11.11
CA GLN F 99 52.46 25.81 -10.75
C GLN F 99 52.11 26.46 -9.43
N ILE F 100 51.31 27.52 -9.49
CA ILE F 100 50.89 28.24 -8.29
C ILE F 100 49.77 27.44 -7.61
N LYS F 101 50.03 26.96 -6.40
CA LYS F 101 48.95 26.44 -5.57
C LYS F 101 48.08 27.60 -5.11
N GLU F 102 46.81 27.58 -5.48
CA GLU F 102 45.97 28.73 -5.19
C GLU F 102 45.37 28.64 -3.79
N PHE F 103 45.00 29.80 -3.27
CA PHE F 103 44.31 29.95 -2.01
C PHE F 103 42.82 29.75 -2.23
N ILE F 104 42.05 29.65 -1.15
CA ILE F 104 40.61 29.47 -1.25
C ILE F 104 39.92 30.82 -1.43
N LYS F 105 39.02 30.91 -2.41
CA LYS F 105 38.33 32.14 -2.75
C LYS F 105 36.86 31.83 -3.00
N LEU F 106 35.97 32.61 -2.37
CA LEU F 106 34.55 32.36 -2.54
C LEU F 106 34.00 33.06 -3.79
N ASN F 107 34.46 34.28 -4.07
CA ASN F 107 34.09 35.00 -5.27
C ASN F 107 35.31 35.70 -5.84
N GLY F 108 36.46 35.04 -5.80
CA GLY F 108 37.70 35.71 -6.03
C GLY F 108 38.21 36.49 -4.85
N ARG F 109 37.60 36.33 -3.68
CA ARG F 109 37.99 37.02 -2.47
C ARG F 109 38.55 36.01 -1.48
N PRO F 110 39.78 36.17 -1.00
CA PRO F 110 40.37 35.14 -0.14
C PRO F 110 39.89 35.27 1.30
N TYR F 111 39.45 34.14 1.88
CA TYR F 111 39.05 34.11 3.27
C TYR F 111 39.68 32.91 3.95
N ILE F 112 39.65 32.92 5.28
CA ILE F 112 40.14 31.81 6.08
C ILE F 112 38.95 30.93 6.43
N PRO F 113 38.96 29.64 6.10
CA PRO F 113 37.83 28.78 6.43
C PRO F 113 37.81 28.45 7.90
N GLY F 114 36.59 28.36 8.44
CA GLY F 114 36.42 28.10 9.86
C GLY F 114 36.74 26.69 10.26
N SER F 115 36.55 25.73 9.35
CA SER F 115 36.88 24.35 9.66
C SER F 115 38.38 24.11 9.72
N SER F 116 39.18 25.01 9.14
CA SER F 116 40.63 24.94 9.29
C SER F 116 41.08 25.51 10.64
N LEU F 117 40.44 26.57 11.09
CA LEU F 117 40.80 27.18 12.37
C LEU F 117 40.33 26.34 13.54
N LYS F 118 39.24 25.57 13.37
CA LYS F 118 38.78 24.70 14.44
C LYS F 118 39.72 23.51 14.62
N GLY F 119 40.39 23.10 13.55
CA GLY F 119 41.28 21.95 13.64
C GLY F 119 42.60 22.25 14.32
N ALA F 120 43.09 23.48 14.17
CA ALA F 120 44.33 23.86 14.83
C ALA F 120 44.16 23.95 16.34
N ILE F 121 42.95 24.26 16.80
CA ILE F 121 42.68 24.31 18.23
C ILE F 121 42.65 22.91 18.81
N ARG F 122 42.09 21.94 18.07
CA ARG F 122 41.89 20.60 18.62
C ARG F 122 43.21 19.86 18.85
N THR F 123 44.23 20.09 18.02
CA THR F 123 45.52 19.45 18.24
C THR F 123 46.22 20.00 19.47
N ALA F 124 45.90 21.24 19.86
CA ALA F 124 46.43 21.79 21.11
C ALA F 124 45.65 21.28 22.30
N VAL F 125 44.32 21.15 22.16
CA VAL F 125 43.48 20.71 23.26
C VAL F 125 43.68 19.22 23.52
N LEU F 126 43.86 18.42 22.47
CA LEU F 126 44.16 17.01 22.64
C LEU F 126 45.52 16.76 23.28
N TYR F 127 46.46 17.72 23.12
CA TYR F 127 47.76 17.60 23.78
C TYR F 127 47.65 17.82 25.29
N LYS F 128 46.87 18.82 25.70
CA LYS F 128 46.77 19.15 27.13
C LYS F 128 45.99 18.09 27.89
N ALA F 129 45.05 17.41 27.22
CA ALA F 129 44.27 16.37 27.89
C ALA F 129 45.11 15.14 28.17
N LEU F 130 46.02 14.79 27.26
CA LEU F 130 46.91 13.66 27.48
C LEU F 130 48.13 14.02 28.31
N LYS F 131 48.32 15.29 28.65
CA LYS F 131 49.43 15.71 29.49
C LYS F 131 49.05 15.78 30.96
N GLU F 132 47.80 16.15 31.25
CA GLU F 132 47.34 16.26 32.64
C GLU F 132 47.25 14.89 33.30
N CYS F 133 46.95 13.86 32.53
CA CYS F 133 46.90 12.49 33.05
C CYS F 133 48.29 11.98 33.39
N ARG F 137 44.06 7.84 36.32
CA ARG F 137 43.51 8.86 35.44
C ARG F 137 42.70 8.23 34.31
N ALA F 138 43.39 7.61 33.37
CA ALA F 138 42.72 7.01 32.21
C ALA F 138 41.96 5.74 32.59
N VAL F 139 42.36 5.09 33.68
CA VAL F 139 41.64 3.90 34.12
C VAL F 139 40.30 4.27 34.73
N MET F 140 40.18 5.48 35.28
CA MET F 140 38.88 5.94 35.76
C MET F 140 37.97 6.33 34.59
N ARG F 141 38.56 6.79 33.48
CA ARG F 141 37.75 7.11 32.30
C ARG F 141 37.25 5.85 31.61
N VAL F 142 37.97 4.74 31.74
CA VAL F 142 37.51 3.45 31.25
C VAL F 142 36.97 2.57 32.37
N VAL F 143 36.71 3.15 33.54
CA VAL F 143 36.10 2.39 34.63
C VAL F 143 34.63 2.10 34.38
N SER F 144 33.97 2.88 33.53
CA SER F 144 32.56 2.72 33.25
C SER F 144 32.35 2.50 31.75
N LYS F 145 31.67 1.39 31.42
CA LYS F 145 31.16 1.10 30.07
C LYS F 145 32.26 1.07 29.01
N VAL F 146 33.39 0.44 29.34
CA VAL F 146 34.49 0.27 28.41
C VAL F 146 34.55 -1.13 27.84
N ASN F 147 33.55 -1.97 28.13
CA ASN F 147 33.39 -3.34 27.63
C ASN F 147 34.60 -4.24 27.88
N ASP F 159 48.31 10.11 29.71
CA ASP F 159 49.21 9.09 30.21
C ASP F 159 48.97 7.75 29.54
N VAL F 160 48.22 7.76 28.44
CA VAL F 160 47.93 6.55 27.69
C VAL F 160 48.87 6.35 26.51
N LEU F 161 49.94 7.14 26.42
CA LEU F 161 50.85 7.04 25.29
C LEU F 161 51.73 5.80 25.38
N ASP F 162 52.09 5.38 26.60
CA ASP F 162 53.00 4.26 26.77
C ASP F 162 52.36 2.94 26.39
N TYR F 163 51.04 2.84 26.51
CA TYR F 163 50.34 1.65 26.07
C TYR F 163 49.99 1.70 24.59
N TYR F 164 50.02 2.88 23.99
CA TYR F 164 49.66 3.03 22.58
C TYR F 164 50.74 2.52 21.65
N MET F 165 52.00 2.44 22.11
CA MET F 165 53.06 1.91 21.28
C MET F 165 52.92 0.40 21.09
N SER F 166 52.49 -0.30 22.14
CA SER F 166 52.13 -1.71 22.00
C SER F 166 50.77 -1.89 21.33
N PHE F 167 49.90 -0.88 21.39
CA PHE F 167 48.63 -0.96 20.69
C PHE F 167 48.79 -0.75 19.20
N LEU F 168 49.71 0.15 18.80
CA LEU F 168 49.97 0.37 17.38
C LEU F 168 50.74 -0.80 16.78
N SER F 169 51.51 -1.52 17.59
CA SER F 169 52.21 -2.70 17.13
C SER F 169 51.27 -3.89 17.05
N ARG F 175 44.15 8.12 5.23
CA ARG F 175 43.95 6.71 4.91
C ARG F 175 44.36 5.82 6.08
N LYS F 176 44.33 6.37 7.28
CA LYS F 176 44.65 5.62 8.48
C LYS F 176 43.79 6.13 9.63
N ARG F 177 43.51 5.23 10.57
CA ARG F 177 42.64 5.52 11.70
C ARG F 177 43.40 5.39 13.02
N ALA F 178 44.61 5.96 13.09
CA ALA F 178 45.40 5.84 14.30
C ALA F 178 44.90 6.74 15.42
N ASP F 179 44.25 7.86 15.09
CA ASP F 179 43.61 8.69 16.09
C ASP F 179 42.18 8.26 16.38
N ASP F 180 41.70 7.17 15.77
CA ASP F 180 40.36 6.70 16.06
C ASP F 180 40.27 6.06 17.44
N LEU F 181 41.39 5.56 17.96
CA LEU F 181 41.42 4.99 19.30
C LEU F 181 41.89 5.97 20.36
N LEU F 182 42.83 6.85 20.02
CA LEU F 182 43.39 7.77 21.01
C LEU F 182 42.42 8.90 21.33
N GLU F 183 41.74 9.45 20.32
CA GLU F 183 40.76 10.49 20.57
C GLU F 183 39.46 9.95 21.16
N ALA F 184 39.15 8.66 20.93
CA ALA F 184 37.96 8.07 21.52
C ALA F 184 38.09 7.90 23.02
N ILE F 185 39.30 7.60 23.50
CA ILE F 185 39.56 7.56 24.93
C ILE F 185 39.85 8.93 25.51
N VAL F 186 39.74 10.00 24.70
CA VAL F 186 40.01 11.36 25.15
C VAL F 186 38.89 12.34 24.89
N PHE F 187 38.04 12.10 23.89
CA PHE F 187 36.97 13.03 23.57
C PHE F 187 35.59 12.43 23.70
N GLY F 188 35.35 11.27 23.10
CA GLY F 188 33.99 10.73 23.00
C GLY F 188 34.05 9.22 22.98
N MET F 189 33.55 8.58 24.02
CA MET F 189 33.65 7.14 24.18
C MET F 189 32.26 6.52 24.21
N GLU F 190 31.96 5.66 23.25
CA GLU F 190 30.77 4.84 23.25
C GLU F 190 31.14 3.36 23.21
N PRO F 191 30.23 2.52 23.65
CA PRO F 191 30.47 1.08 23.71
C PRO F 191 30.36 0.45 22.34
N ARG F 194 31.36 -3.80 18.15
CA ARG F 194 32.41 -4.84 18.09
C ARG F 194 33.62 -4.40 18.92
N SER F 195 34.22 -3.26 18.58
CA SER F 195 35.41 -2.73 19.30
C SER F 195 35.02 -2.19 20.69
N LYS F 196 35.97 -2.15 21.61
CA LYS F 196 35.69 -1.66 22.98
C LYS F 196 35.25 -0.20 22.94
N ILE F 197 35.91 0.63 22.13
CA ILE F 197 35.54 2.07 22.01
C ILE F 197 35.43 2.41 20.51
N ARG F 198 34.36 3.06 20.07
CA ARG F 198 34.22 3.35 18.65
C ARG F 198 33.89 4.80 18.31
N TYR F 199 33.88 5.72 19.29
CA TYR F 199 33.82 7.17 19.07
C TYR F 199 32.55 7.58 18.31
N GLU F 200 31.42 7.47 18.98
CA GLU F 200 30.23 8.13 18.47
C GLU F 200 30.40 9.65 18.59
N PRO F 201 29.97 10.41 17.57
CA PRO F 201 30.16 11.87 17.60
C PRO F 201 29.28 12.58 18.62
N LYS F 202 28.25 11.93 19.15
CA LYS F 202 27.29 12.60 20.03
C LYS F 202 27.85 12.86 21.41
N ARG F 203 28.92 12.18 21.79
CA ARG F 203 29.53 12.32 23.11
C ARG F 203 30.59 13.42 23.17
N ASP F 204 30.79 14.18 22.09
CA ASP F 204 31.97 15.03 21.94
C ASP F 204 31.72 16.41 22.54
N PRO F 205 32.56 16.88 23.47
CA PRO F 205 32.42 18.25 24.00
C PRO F 205 32.90 19.34 23.05
N MET F 206 33.28 19.01 21.82
CA MET F 206 33.76 20.01 20.86
C MET F 206 32.64 20.64 20.05
N LYS F 207 31.43 20.09 20.13
CA LYS F 207 30.30 20.60 19.35
C LYS F 207 29.70 21.87 19.95
N ALA F 208 30.11 22.26 21.16
CA ALA F 208 29.67 23.52 21.71
C ALA F 208 30.52 24.68 21.21
N LEU F 209 31.77 24.42 20.87
CA LEU F 209 32.68 25.43 20.34
C LEU F 209 32.35 25.63 18.87
N ILE F 210 31.78 26.78 18.53
CA ILE F 210 31.46 27.09 17.14
C ILE F 210 32.41 28.18 16.67
N VAL F 211 32.93 28.01 15.46
CA VAL F 211 33.73 29.03 14.80
C VAL F 211 33.08 29.31 13.45
N ARG F 212 33.28 30.52 12.96
CA ARG F 212 32.68 30.93 11.70
C ARG F 212 33.76 31.44 10.76
N ASP F 213 33.45 31.41 9.48
CA ASP F 213 34.41 31.82 8.45
C ASP F 213 34.70 33.31 8.56
N SER F 214 35.97 33.66 8.43
CA SER F 214 36.40 35.04 8.59
C SER F 214 35.92 35.90 7.42
N LYS F 215 36.06 37.21 7.59
CA LYS F 215 35.77 38.13 6.51
C LYS F 215 36.81 37.96 5.40
N PRO F 216 36.44 38.28 4.15
CA PRO F 216 37.41 38.18 3.05
C PRO F 216 38.57 39.16 3.22
N VAL F 217 39.77 38.67 2.95
CA VAL F 217 40.99 39.41 3.31
C VAL F 217 41.19 40.60 2.40
N GLY F 218 41.02 40.41 1.09
CA GLY F 218 41.20 41.49 0.15
C GLY F 218 42.14 41.10 -0.98
N ARG F 219 42.12 41.87 -2.07
CA ARG F 219 42.97 41.56 -3.20
C ARG F 219 44.42 41.93 -2.95
N LYS F 220 44.67 42.90 -2.07
CA LYS F 220 46.02 43.45 -1.92
C LYS F 220 46.88 42.61 -0.99
N HIS F 221 46.28 41.88 -0.06
CA HIS F 221 47.05 41.07 0.87
C HIS F 221 47.11 39.61 0.47
N LEU F 222 46.98 39.31 -0.82
CA LEU F 222 47.21 37.99 -1.37
C LEU F 222 48.34 38.08 -2.38
N ALA F 223 49.39 37.28 -2.18
CA ALA F 223 50.60 37.40 -2.99
C ALA F 223 51.30 36.06 -3.14
N VAL F 224 52.06 35.92 -4.22
CA VAL F 224 52.67 34.66 -4.63
C VAL F 224 54.09 34.60 -4.10
N TYR F 225 54.46 33.49 -3.47
CA TYR F 225 55.77 33.33 -2.87
C TYR F 225 56.39 31.99 -3.27
N HIS F 226 57.70 31.91 -3.08
CA HIS F 226 58.49 30.74 -3.44
C HIS F 226 58.99 30.07 -2.17
N VAL F 227 58.70 28.78 -2.04
CA VAL F 227 59.09 27.99 -0.87
C VAL F 227 60.41 27.29 -1.18
N GLU F 228 61.41 27.51 -0.33
CA GLU F 228 62.70 26.84 -0.45
C GLU F 228 62.83 25.82 0.66
N VAL F 229 62.83 24.55 0.30
CA VAL F 229 62.83 23.45 1.26
C VAL F 229 64.27 23.20 1.71
N ILE F 230 64.51 23.31 3.01
CA ILE F 230 65.85 23.10 3.55
C ILE F 230 66.08 21.62 3.83
N ILE F 238 58.39 24.79 -5.06
CA ILE F 238 56.98 24.94 -5.35
C ILE F 238 56.54 26.38 -5.13
N TRP F 239 55.92 26.97 -6.14
CA TRP F 239 55.40 28.33 -6.04
C TRP F 239 53.97 28.29 -5.49
N VAL F 240 53.68 29.19 -4.57
CA VAL F 240 52.39 29.20 -3.88
C VAL F 240 51.98 30.64 -3.63
N GLU F 241 50.68 30.90 -3.70
CA GLU F 241 50.15 32.19 -3.28
C GLU F 241 49.64 32.07 -1.84
N ALA F 242 49.85 33.13 -1.06
CA ALA F 242 49.64 33.07 0.38
C ALA F 242 49.29 34.47 0.86
N ILE F 243 49.20 34.63 2.18
CA ILE F 243 48.88 35.91 2.80
C ILE F 243 50.12 36.39 3.53
N GLU F 244 50.66 37.52 3.09
CA GLU F 244 51.84 38.09 3.72
C GLU F 244 51.48 38.65 5.09
N PRO F 245 52.46 38.75 6.01
CA PRO F 245 52.17 39.38 7.29
C PRO F 245 51.84 40.86 7.15
N GLY F 246 50.94 41.31 8.01
CA GLY F 246 50.38 42.64 7.92
C GLY F 246 48.94 42.71 7.49
N ALA F 247 48.13 41.69 7.78
CA ALA F 247 46.72 41.68 7.47
C ALA F 247 45.92 41.50 8.76
N ALA F 248 44.67 41.94 8.72
CA ALA F 248 43.79 41.87 9.89
C ALA F 248 42.39 41.53 9.43
N THR F 249 41.92 40.34 9.80
CA THR F 249 40.54 39.93 9.57
C THR F 249 39.96 39.39 10.87
N ASP F 250 38.63 39.46 10.97
CA ASP F 250 37.90 39.14 12.19
C ASP F 250 37.22 37.78 12.06
N VAL F 251 37.76 36.78 12.74
CA VAL F 251 37.11 35.50 12.89
C VAL F 251 36.32 35.53 14.19
N GLU F 252 35.11 34.98 14.17
CA GLU F 252 34.11 35.19 15.21
C GLU F 252 33.91 33.87 15.96
N ILE F 253 34.69 33.67 17.00
CA ILE F 253 34.64 32.45 17.81
C ILE F 253 33.65 32.68 18.94
N HIS F 254 32.77 31.71 19.16
CA HIS F 254 31.71 31.81 20.15
C HIS F 254 31.52 30.44 20.78
N VAL F 255 31.17 30.43 22.06
CA VAL F 255 30.99 29.20 22.82
C VAL F 255 29.53 29.08 23.20
N ASP F 256 28.95 27.89 22.99
CA ASP F 256 27.57 27.61 23.37
C ASP F 256 27.57 26.96 24.74
N THR F 257 27.13 27.70 25.75
CA THR F 257 27.09 27.16 27.10
C THR F 257 25.88 26.27 27.35
N GLU F 258 24.80 26.48 26.58
CA GLU F 258 23.53 25.78 26.83
C GLU F 258 23.60 24.29 26.51
N ALA F 259 24.60 23.85 25.75
CA ALA F 259 24.73 22.42 25.45
C ALA F 259 25.39 21.66 26.58
N LEU F 260 26.30 22.29 27.33
CA LEU F 260 26.98 21.59 28.42
C LEU F 260 26.08 21.43 29.63
N ARG F 261 25.08 22.29 29.78
CA ARG F 261 24.12 22.13 30.87
C ARG F 261 23.25 20.91 30.64
N LEU F 262 22.93 20.63 29.38
CA LEU F 262 22.12 19.44 29.06
C LEU F 262 22.96 18.17 29.08
N ASN F 263 24.24 18.27 28.71
CA ASN F 263 25.11 17.11 28.54
C ASN F 263 26.10 16.93 29.68
N ALA F 264 25.72 17.31 30.90
CA ALA F 264 26.60 17.12 32.04
C ALA F 264 26.75 15.64 32.38
N ASP F 265 25.69 14.87 32.21
CA ASP F 265 25.72 13.44 32.49
C ASP F 265 26.13 12.62 31.27
N TYR F 266 25.97 13.17 30.08
CA TYR F 266 26.07 12.38 28.84
C TYR F 266 27.50 12.25 28.33
N PHE F 267 28.36 13.24 28.59
CA PHE F 267 29.72 13.24 28.06
C PHE F 267 30.60 12.24 28.79
N ASN F 268 31.40 11.50 28.02
CA ASN F 268 32.28 10.46 28.54
C ASN F 268 33.74 10.73 28.20
N GLY F 269 34.11 11.99 28.05
CA GLY F 269 35.45 12.31 27.63
C GLY F 269 36.45 12.31 28.76
N LEU F 270 37.68 11.90 28.45
CA LEU F 270 38.78 12.16 29.35
C LEU F 270 39.11 13.65 29.39
N LEU F 271 38.79 14.35 28.30
CA LEU F 271 38.75 15.81 28.31
C LEU F 271 37.73 16.29 29.34
N TRP F 272 36.57 15.64 29.38
CA TRP F 272 35.46 16.06 30.24
C TRP F 272 35.80 15.89 31.72
N GLU F 273 36.37 14.73 32.08
CA GLU F 273 36.82 14.49 33.45
C GLU F 273 37.88 15.48 33.89
N CYS F 274 38.85 15.76 33.00
CA CYS F 274 39.87 16.75 33.31
C CYS F 274 39.30 18.16 33.34
N LEU F 275 38.15 18.39 32.70
CA LEU F 275 37.59 19.73 32.67
C LEU F 275 36.44 19.91 33.66
N LYS F 276 35.89 18.84 34.21
CA LYS F 276 34.86 18.95 35.25
C LYS F 276 35.43 18.87 36.66
N GLU F 277 36.58 18.23 36.77
CA GLU F 277 37.29 18.03 38.06
C GLU F 277 37.71 19.40 38.61
N ARG F 278 38.13 20.31 37.74
CA ARG F 278 38.46 21.69 38.17
C ARG F 278 37.18 22.30 38.73
N GLY F 279 36.05 21.99 38.10
CA GLY F 279 34.73 22.51 38.51
C GLY F 279 34.23 23.58 37.55
N GLU F 280 32.93 23.88 37.57
CA GLU F 280 32.36 24.89 36.65
C GLU F 280 32.75 24.55 35.21
N PRO F 281 32.50 23.31 34.76
CA PRO F 281 32.88 22.86 33.42
C PRO F 281 32.22 23.73 32.35
N GLY F 282 30.97 24.14 32.52
CA GLY F 282 30.36 25.02 31.52
C GLY F 282 31.13 26.32 31.40
N GLU F 283 31.51 26.92 32.53
CA GLU F 283 32.27 28.20 32.51
C GLU F 283 33.78 27.92 32.52
N VAL F 284 34.20 26.68 32.71
CA VAL F 284 35.65 26.35 32.74
C VAL F 284 36.12 25.89 31.35
N PHE F 285 35.20 25.58 30.44
CA PHE F 285 35.60 25.12 29.08
C PHE F 285 36.36 26.22 28.35
N GLU F 286 35.89 27.47 28.39
CA GLU F 286 36.61 28.55 27.67
C GLU F 286 37.99 28.73 28.30
N ASP F 287 38.06 28.75 29.62
CA ASP F 287 39.35 28.93 30.30
C ASP F 287 40.35 27.85 29.85
N PHE F 288 39.88 26.61 29.76
CA PHE F 288 40.70 25.52 29.25
C PHE F 288 41.05 25.69 27.79
N LEU F 289 40.22 26.41 27.03
CA LEU F 289 40.40 26.54 25.58
C LEU F 289 41.64 27.38 25.26
N TRP F 290 41.67 28.62 25.74
CA TRP F 290 42.74 29.54 25.38
C TRP F 290 44.03 29.29 26.14
N GLU F 291 44.01 28.43 27.17
CA GLU F 291 45.28 28.05 27.78
C GLU F 291 45.91 26.85 27.10
N ALA F 292 45.12 26.03 26.41
CA ALA F 292 45.70 24.99 25.57
C ALA F 292 46.25 25.59 24.28
N VAL F 293 45.65 26.69 23.82
CA VAL F 293 46.17 27.41 22.66
C VAL F 293 47.54 27.99 22.97
N ASP F 294 47.73 28.52 24.18
CA ASP F 294 48.98 29.19 24.50
C ASP F 294 50.08 28.19 24.86
N GLU F 295 49.77 27.20 25.69
CA GLU F 295 50.80 26.34 26.23
C GLU F 295 51.31 25.30 25.23
N PHE F 296 50.53 24.98 24.20
CA PHE F 296 51.00 24.03 23.19
C PHE F 296 51.96 24.70 22.22
N TYR F 297 51.53 25.77 21.56
CA TYR F 297 52.31 26.35 20.48
C TYR F 297 53.52 27.14 20.97
N THR F 298 53.55 27.56 22.23
CA THR F 298 54.78 28.08 22.78
C THR F 298 55.75 26.98 23.18
N ALA F 299 55.23 25.78 23.46
CA ALA F 299 56.10 24.64 23.69
C ALA F 299 56.67 24.10 22.38
N VAL F 300 55.89 24.19 21.29
CA VAL F 300 56.40 23.85 19.97
C VAL F 300 57.44 24.87 19.52
N MET F 301 57.22 26.15 19.85
CA MET F 301 58.15 27.21 19.48
C MET F 301 59.49 27.09 20.20
N LYS F 302 59.49 26.61 21.44
CA LYS F 302 60.75 26.42 22.16
C LYS F 302 61.51 25.21 21.63
N TYR F 303 60.80 24.16 21.24
CA TYR F 303 61.45 23.00 20.65
C TYR F 303 61.98 23.30 19.26
N GLU F 304 61.32 24.22 18.54
CA GLU F 304 61.77 24.59 17.21
C GLU F 304 63.09 25.36 17.25
N THR F 305 63.34 26.10 18.34
CA THR F 305 64.62 26.78 18.51
C THR F 305 65.75 25.80 18.82
N ILE F 306 65.43 24.59 19.26
CA ILE F 306 66.44 23.56 19.52
C ILE F 306 66.89 22.93 18.21
N SER F 316 69.41 32.02 12.16
CA SER F 316 69.99 33.35 12.30
C SER F 316 68.93 34.43 12.14
N GLN F 317 68.61 34.74 10.87
CA GLN F 317 67.50 35.66 10.60
C GLN F 317 66.17 35.02 10.95
N VAL F 318 66.08 33.70 10.84
CA VAL F 318 64.87 32.99 11.26
C VAL F 318 64.88 32.79 12.77
N ARG F 319 66.06 32.70 13.38
CA ARG F 319 66.17 32.56 14.82
C ARG F 319 65.75 33.84 15.55
N SER F 320 65.92 34.99 14.91
CA SER F 320 65.42 36.24 15.49
C SER F 320 63.90 36.30 15.43
N PHE F 321 63.29 35.62 14.46
CA PHE F 321 61.83 35.58 14.35
C PHE F 321 61.19 34.75 15.47
N TYR F 322 61.93 33.80 16.05
CA TYR F 322 61.34 32.95 17.08
C TYR F 322 61.29 33.65 18.43
N ALA F 323 62.36 34.36 18.80
CA ALA F 323 62.35 35.07 20.09
C ALA F 323 61.46 36.30 20.03
N SER F 324 61.50 37.03 18.93
CA SER F 324 60.68 38.23 18.77
C SER F 324 59.29 37.87 18.26
N GLY F 330 49.21 38.25 22.71
CA GLY F 330 48.04 37.52 22.27
C GLY F 330 48.19 36.02 22.39
N HIS F 331 47.34 35.27 21.69
CA HIS F 331 47.31 33.82 21.78
C HIS F 331 47.98 33.21 20.55
N VAL F 332 49.00 32.39 20.77
CA VAL F 332 49.83 31.86 19.69
C VAL F 332 49.15 30.64 19.09
N LEU F 333 48.98 30.66 17.77
CA LEU F 333 48.26 29.61 17.05
C LEU F 333 48.93 29.40 15.70
N ARG F 334 48.87 28.18 15.20
CA ARG F 334 49.58 27.79 13.98
C ARG F 334 48.67 26.97 13.09
N LEU F 335 48.46 27.45 11.87
CA LEU F 335 47.44 26.95 10.95
C LEU F 335 48.01 25.91 9.99
N GLY F 336 47.19 25.54 8.98
CA GLY F 336 47.51 24.42 8.12
C GLY F 336 48.37 24.76 6.93
N TRP F 337 49.01 23.70 6.40
CA TRP F 337 49.92 23.62 5.25
C TRP F 337 51.28 24.23 5.55
N GLY F 338 51.41 24.94 6.66
CA GLY F 338 52.65 25.57 6.99
C GLY F 338 53.32 24.89 8.16
N SER F 339 52.48 24.46 9.09
CA SER F 339 52.94 23.71 10.28
C SER F 339 53.46 22.34 9.81
N GLY F 340 54.49 21.82 10.46
CA GLY F 340 55.06 20.51 10.11
C GLY F 340 54.31 19.37 10.76
N TRP F 341 54.75 18.14 10.57
CA TRP F 341 54.05 16.97 11.18
C TRP F 341 54.05 17.12 12.70
N LEU F 342 55.15 17.57 13.30
CA LEU F 342 55.20 17.74 14.78
C LEU F 342 54.13 18.74 15.21
N ALA F 343 53.92 19.84 14.49
CA ALA F 343 52.89 20.78 14.92
C ALA F 343 51.49 20.34 14.53
N MET F 344 51.37 19.21 13.84
CA MET F 344 50.10 18.52 13.61
C MET F 344 49.85 17.40 14.61
N THR F 345 50.83 17.06 15.45
CA THR F 345 50.92 15.73 16.03
C THR F 345 51.32 15.86 17.50
N ILE F 346 51.00 14.83 18.28
CA ILE F 346 51.38 14.71 19.68
C ILE F 346 52.72 13.99 19.74
N GLY F 347 53.43 13.93 18.61
CA GLY F 347 54.79 13.41 18.56
C GLY F 347 55.79 14.22 19.36
N LEU F 348 55.47 15.48 19.65
CA LEU F 348 56.24 16.24 20.62
C LEU F 348 56.19 15.59 22.00
N LEU F 349 55.02 15.08 22.38
CA LEU F 349 54.92 14.27 23.60
C LEU F 349 55.57 12.91 23.41
N LEU F 350 55.46 12.34 22.20
CA LEU F 350 56.07 11.05 21.90
C LEU F 350 57.58 11.19 21.72
N LYS F 356 60.57 4.08 21.82
CA LYS F 356 59.11 4.02 21.73
C LYS F 356 58.62 4.75 20.49
N TRP F 357 58.90 6.05 20.42
CA TRP F 357 58.41 6.86 19.31
C TRP F 357 59.19 6.57 18.03
N GLU F 358 60.50 6.38 18.14
CA GLU F 358 61.29 6.05 16.95
C GLU F 358 61.03 4.62 16.49
N ASN F 359 60.65 3.73 17.40
CA ASN F 359 60.26 2.39 16.99
C ASN F 359 58.88 2.38 16.34
N VAL F 360 58.02 3.32 16.71
CA VAL F 360 56.69 3.38 16.11
C VAL F 360 56.70 4.08 14.77
N ARG F 361 57.46 5.18 14.66
CA ARG F 361 57.51 5.94 13.41
C ARG F 361 58.35 5.24 12.35
N LYS F 362 59.19 4.28 12.72
CA LYS F 362 59.91 3.50 11.72
C LYS F 362 58.98 2.58 10.95
N LYS F 363 57.95 2.05 11.63
CA LYS F 363 56.99 1.19 10.96
C LYS F 363 55.86 1.99 10.33
N LEU F 364 55.41 3.06 10.99
CA LEU F 364 54.29 3.85 10.50
C LEU F 364 54.75 4.88 9.48
N PHE F 379 58.67 12.32 11.22
CA PHE F 379 60.12 12.39 11.33
C PHE F 379 60.61 13.83 11.21
N PRO F 380 61.71 14.16 11.93
CA PRO F 380 62.25 15.51 11.83
C PRO F 380 63.26 15.69 10.70
N LYS F 381 62.92 15.24 9.50
CA LYS F 381 63.86 15.32 8.37
C LYS F 381 63.69 16.63 7.61
N THR F 382 62.49 16.89 7.11
CA THR F 382 62.20 18.03 6.25
C THR F 382 61.66 19.19 7.09
N ARG F 383 62.02 20.42 6.69
CA ARG F 383 61.50 21.61 7.34
C ARG F 383 61.40 22.76 6.34
N ARG F 384 60.17 23.05 5.89
CA ARG F 384 59.95 24.05 4.84
C ARG F 384 60.08 25.47 5.39
N LEU F 385 60.28 26.40 4.45
CA LEU F 385 60.43 27.83 4.73
C LEU F 385 60.31 28.61 3.42
N ALA F 386 59.68 29.79 3.46
CA ALA F 386 59.62 30.67 2.30
C ALA F 386 60.03 32.08 2.72
N ASP F 387 61.06 32.62 2.04
CA ASP F 387 61.52 34.00 2.15
C ASP F 387 61.92 34.34 3.59
N GLY F 388 62.75 33.48 4.19
CA GLY F 388 63.29 33.73 5.50
C GLY F 388 62.32 33.59 6.65
N MET F 389 61.10 33.15 6.41
CA MET F 389 60.09 33.07 7.45
C MET F 389 59.45 31.69 7.47
N PRO F 390 59.13 31.18 8.65
CA PRO F 390 58.31 29.96 8.72
C PRO F 390 56.91 30.21 8.21
N MET F 391 56.20 29.11 7.95
CA MET F 391 55.04 29.16 7.07
C MET F 391 53.69 29.19 7.77
N GLY F 392 53.66 29.40 9.08
CA GLY F 392 52.40 29.85 9.67
C GLY F 392 52.52 30.25 11.13
N TRP F 393 52.11 31.49 11.45
CA TRP F 393 52.00 31.97 12.83
C TRP F 393 50.95 33.07 12.83
N VAL F 394 49.78 32.78 13.40
CA VAL F 394 48.65 33.69 13.44
C VAL F 394 48.22 33.84 14.89
N VAL F 395 48.07 35.08 15.34
CA VAL F 395 47.85 35.38 16.75
C VAL F 395 46.52 36.12 16.90
N LEU F 396 45.67 35.63 17.81
CA LEU F 396 44.34 36.14 18.10
C LEU F 396 44.39 37.06 19.33
N GLU F 397 43.23 37.47 19.81
CA GLU F 397 43.14 38.08 21.13
C GLU F 397 42.43 37.14 22.10
#